data_6I1M
# 
_entry.id   6I1M 
# 
_audit_conform.dict_name       mmcif_pdbx.dic 
_audit_conform.dict_version    5.399 
_audit_conform.dict_location   http://mmcif.pdb.org/dictionaries/ascii/mmcif_pdbx.dic 
# 
loop_
_database_2.database_id 
_database_2.database_code 
_database_2.pdbx_database_accession 
_database_2.pdbx_DOI 
PDB   6I1M         pdb_00006i1m 10.2210/pdb6i1m/pdb 
WWPDB D_1200011469 ?            ?                   
# 
loop_
_pdbx_audit_revision_history.ordinal 
_pdbx_audit_revision_history.data_content_type 
_pdbx_audit_revision_history.major_revision 
_pdbx_audit_revision_history.minor_revision 
_pdbx_audit_revision_history.revision_date 
1 'Structure model' 1 0 2020-08-26 
2 'Structure model' 1 1 2023-03-29 
3 'Structure model' 1 2 2024-11-20 
# 
_pdbx_audit_revision_details.ordinal             1 
_pdbx_audit_revision_details.revision_ordinal    1 
_pdbx_audit_revision_details.data_content_type   'Structure model' 
_pdbx_audit_revision_details.provider            repository 
_pdbx_audit_revision_details.type                'Initial release' 
_pdbx_audit_revision_details.description         ? 
_pdbx_audit_revision_details.details             ? 
# 
loop_
_pdbx_audit_revision_group.ordinal 
_pdbx_audit_revision_group.revision_ordinal 
_pdbx_audit_revision_group.data_content_type 
_pdbx_audit_revision_group.group 
1 2 'Structure model' 'Database references' 
2 3 'Structure model' 'Data collection'     
3 3 'Structure model' 'Structure summary'   
# 
loop_
_pdbx_audit_revision_category.ordinal 
_pdbx_audit_revision_category.revision_ordinal 
_pdbx_audit_revision_category.data_content_type 
_pdbx_audit_revision_category.category 
1 2 'Structure model' citation                  
2 2 'Structure model' citation_author           
3 2 'Structure model' database_2                
4 3 'Structure model' chem_comp_atom            
5 3 'Structure model' chem_comp_bond            
6 3 'Structure model' pdbx_entry_details        
7 3 'Structure model' pdbx_modification_feature 
# 
loop_
_pdbx_audit_revision_item.ordinal 
_pdbx_audit_revision_item.revision_ordinal 
_pdbx_audit_revision_item.data_content_type 
_pdbx_audit_revision_item.item 
1  2 'Structure model' '_citation.country'                   
2  2 'Structure model' '_citation.journal_abbrev'            
3  2 'Structure model' '_citation.journal_id_ASTM'           
4  2 'Structure model' '_citation.journal_id_CSD'            
5  2 'Structure model' '_citation.journal_id_ISSN'           
6  2 'Structure model' '_citation.journal_volume'            
7  2 'Structure model' '_citation.page_first'                
8  2 'Structure model' '_citation.page_last'                 
9  2 'Structure model' '_citation.pdbx_database_id_DOI'      
10 2 'Structure model' '_citation.pdbx_database_id_PubMed'   
11 2 'Structure model' '_citation.title'                     
12 2 'Structure model' '_citation.year'                      
13 2 'Structure model' '_database_2.pdbx_DOI'                
14 2 'Structure model' '_database_2.pdbx_database_accession' 
# 
_pdbx_database_status.status_code                     REL 
_pdbx_database_status.status_code_sf                  REL 
_pdbx_database_status.status_code_mr                  ? 
_pdbx_database_status.entry_id                        6I1M 
_pdbx_database_status.recvd_initial_deposition_date   2018-10-29 
_pdbx_database_status.SG_entry                        N 
_pdbx_database_status.deposit_site                    PDBE 
_pdbx_database_status.process_site                    PDBE 
_pdbx_database_status.status_code_cs                  ? 
_pdbx_database_status.methods_development_category    ? 
_pdbx_database_status.pdb_format_compatible           Y 
_pdbx_database_status.status_code_nmr_data            ? 
# 
loop_
_audit_author.name 
_audit_author.pdbx_ordinal 
_audit_author.identifier_ORCID 
'Busa, M.'     1 0000-0002-4750-5992 
'Rezacova, P.' 2 0000-0001-9626-346X 
'Pachl, P.'    3 0000-0001-9215-9817 
'Stefanic, S.' 4 0000-0001-7367-1831 
'Mares, M.'    5 0000-0002-0847-5022 
# 
_citation.abstract                  ? 
_citation.abstract_id_CAS           ? 
_citation.book_id_ISBN              ? 
_citation.book_publisher            ? 
_citation.book_publisher_city       ? 
_citation.book_title                ? 
_citation.coordinate_linkage        ? 
_citation.country                   US 
_citation.database_id_Medline       ? 
_citation.details                   ? 
_citation.id                        primary 
_citation.journal_abbrev            J.Biol.Chem. 
_citation.journal_id_ASTM           JBCHA3 
_citation.journal_id_CSD            0071 
_citation.journal_id_ISSN           1083-351X 
_citation.journal_full              ? 
_citation.journal_issue             ? 
_citation.journal_volume            299 
_citation.language                  ? 
_citation.page_first                102970 
_citation.page_last                 102970 
_citation.title                     
;An evolutionary molecular adaptation of an unusual stefin from the liver fluke Fasciola hepatica redefines the cystatin superfamily.
;
_citation.year                      2023 
_citation.database_id_CSD           ? 
_citation.pdbx_database_id_DOI      10.1016/j.jbc.2023.102970 
_citation.pdbx_database_id_PubMed   36736427 
_citation.unpublished_flag          ? 
# 
loop_
_citation_author.citation_id 
_citation_author.name 
_citation_author.ordinal 
_citation_author.identifier_ORCID 
primary 'Busa, M.'              1  ? 
primary 'Matouskova, Z.'        2  ? 
primary 'Bartosova-Sojkova, P.' 3  ? 
primary 'Pachl, P.'             4  ? 
primary 'Rezacova, P.'          5  ? 
primary 'Eichenberger, R.M.'    6  ? 
primary 'Deplazes, P.'          7  ? 
primary 'Horn, M.'              8  ? 
primary 'Stefanic, S.'          9  ? 
primary 'Mares, M.'             10 ? 
# 
loop_
_entity.id 
_entity.type 
_entity.src_method 
_entity.pdbx_description 
_entity.formula_weight 
_entity.pdbx_number_of_molecules 
_entity.pdbx_ec 
_entity.pdbx_mutation 
_entity.pdbx_fragment 
_entity.details 
1 polymer     man Cystatin     9799.197 1  ? ? ? 
;IRG: N-terminal cloning artifact
AAAHHHHHH: C-terminal His-tag
E36V, I54T: natural mutations found in the sequence (compared to GenBank AAV68752.1)
;
2 non-polymer syn 'IODIDE ION' 126.904  2  ? ? ? ? 
3 water       nat water        18.015   97 ? ? ? ? 
# 
_entity_poly.entity_id                      1 
_entity_poly.type                           'polypeptide(L)' 
_entity_poly.nstd_linkage                   no 
_entity_poly.nstd_monomer                   no 
_entity_poly.pdbx_seq_one_letter_code       
;VGGYTEPRSVTPEERSVFQPMILSKLLTAGSVVSSCELELLQVSTQVVAGTNYKFKVSGGATCPGCWEVVVFVPLYSSKS
ATSVGTPTRVSCT
;
_entity_poly.pdbx_seq_one_letter_code_can   
;VGGYTEPRSVTPEERSVFQPMILSKLLTAGSVVSSCELELLQVSTQVVAGTNYKFKVSGGATCPGCWEVVVFVPLYSSKS
ATSVGTPTRVSCT
;
_entity_poly.pdbx_strand_id                 A 
_entity_poly.pdbx_target_identifier         ? 
# 
loop_
_pdbx_entity_nonpoly.entity_id 
_pdbx_entity_nonpoly.name 
_pdbx_entity_nonpoly.comp_id 
2 'IODIDE ION' IOD 
3 water        HOH 
# 
loop_
_entity_poly_seq.entity_id 
_entity_poly_seq.num 
_entity_poly_seq.mon_id 
_entity_poly_seq.hetero 
1 1  VAL n 
1 2  GLY n 
1 3  GLY n 
1 4  TYR n 
1 5  THR n 
1 6  GLU n 
1 7  PRO n 
1 8  ARG n 
1 9  SER n 
1 10 VAL n 
1 11 THR n 
1 12 PRO n 
1 13 GLU n 
1 14 GLU n 
1 15 ARG n 
1 16 SER n 
1 17 VAL n 
1 18 PHE n 
1 19 GLN n 
1 20 PRO n 
1 21 MET n 
1 22 ILE n 
1 23 LEU n 
1 24 SER n 
1 25 LYS n 
1 26 LEU n 
1 27 LEU n 
1 28 THR n 
1 29 ALA n 
1 30 GLY n 
1 31 SER n 
1 32 VAL n 
1 33 VAL n 
1 34 SER n 
1 35 SER n 
1 36 CYS n 
1 37 GLU n 
1 38 LEU n 
1 39 GLU n 
1 40 LEU n 
1 41 LEU n 
1 42 GLN n 
1 43 VAL n 
1 44 SER n 
1 45 THR n 
1 46 GLN n 
1 47 VAL n 
1 48 VAL n 
1 49 ALA n 
1 50 GLY n 
1 51 THR n 
1 52 ASN n 
1 53 TYR n 
1 54 LYS n 
1 55 PHE n 
1 56 LYS n 
1 57 VAL n 
1 58 SER n 
1 59 GLY n 
1 60 GLY n 
1 61 ALA n 
1 62 THR n 
1 63 CYS n 
1 64 PRO n 
1 65 GLY n 
1 66 CYS n 
1 67 TRP n 
1 68 GLU n 
1 69 VAL n 
1 70 VAL n 
1 71 VAL n 
1 72 PHE n 
1 73 VAL n 
1 74 PRO n 
1 75 LEU n 
1 76 TYR n 
1 77 SER n 
1 78 SER n 
1 79 LYS n 
1 80 SER n 
1 81 ALA n 
1 82 THR n 
1 83 SER n 
1 84 VAL n 
1 85 GLY n 
1 86 THR n 
1 87 PRO n 
1 88 THR n 
1 89 ARG n 
1 90 VAL n 
1 91 SER n 
1 92 CYS n 
1 93 THR n 
# 
_entity_src_gen.entity_id                          1 
_entity_src_gen.pdbx_src_id                        1 
_entity_src_gen.pdbx_alt_source_flag               sample 
_entity_src_gen.pdbx_seq_type                      'Biological sequence' 
_entity_src_gen.pdbx_beg_seq_num                   1 
_entity_src_gen.pdbx_end_seq_num                   108 
_entity_src_gen.gene_src_common_name               'Liver fluke' 
_entity_src_gen.gene_src_genus                     ? 
_entity_src_gen.pdbx_gene_src_gene                 Cyt 
_entity_src_gen.gene_src_species                   ? 
_entity_src_gen.gene_src_strain                    ? 
_entity_src_gen.gene_src_tissue                    ? 
_entity_src_gen.gene_src_tissue_fraction           ? 
_entity_src_gen.gene_src_details                   ? 
_entity_src_gen.pdbx_gene_src_fragment             ? 
_entity_src_gen.pdbx_gene_src_scientific_name      'Fasciola hepatica' 
_entity_src_gen.pdbx_gene_src_ncbi_taxonomy_id     6192 
_entity_src_gen.pdbx_gene_src_variant              ? 
_entity_src_gen.pdbx_gene_src_cell_line            ? 
_entity_src_gen.pdbx_gene_src_atcc                 ? 
_entity_src_gen.pdbx_gene_src_organ                ? 
_entity_src_gen.pdbx_gene_src_organelle            ? 
_entity_src_gen.pdbx_gene_src_cell                 ? 
_entity_src_gen.pdbx_gene_src_cellular_location    ? 
_entity_src_gen.host_org_common_name               ? 
_entity_src_gen.pdbx_host_org_scientific_name      'Komagataella phaffii GS115' 
_entity_src_gen.pdbx_host_org_ncbi_taxonomy_id     644223 
_entity_src_gen.host_org_genus                     ? 
_entity_src_gen.pdbx_host_org_gene                 ? 
_entity_src_gen.pdbx_host_org_organ                ? 
_entity_src_gen.host_org_species                   ? 
_entity_src_gen.pdbx_host_org_tissue               ? 
_entity_src_gen.pdbx_host_org_tissue_fraction      ? 
_entity_src_gen.pdbx_host_org_strain               ? 
_entity_src_gen.pdbx_host_org_variant              ? 
_entity_src_gen.pdbx_host_org_cell_line            ? 
_entity_src_gen.pdbx_host_org_atcc                 ? 
_entity_src_gen.pdbx_host_org_culture_collection   ? 
_entity_src_gen.pdbx_host_org_cell                 ? 
_entity_src_gen.pdbx_host_org_organelle            ? 
_entity_src_gen.pdbx_host_org_cellular_location    ? 
_entity_src_gen.pdbx_host_org_vector_type          ? 
_entity_src_gen.pdbx_host_org_vector               ? 
_entity_src_gen.host_org_details                   ? 
_entity_src_gen.expression_system_id               ? 
_entity_src_gen.plasmid_name                       ? 
_entity_src_gen.plasmid_details                    ? 
_entity_src_gen.pdbx_description                   ? 
# 
loop_
_chem_comp.id 
_chem_comp.type 
_chem_comp.mon_nstd_flag 
_chem_comp.name 
_chem_comp.pdbx_synonyms 
_chem_comp.formula 
_chem_comp.formula_weight 
ALA 'L-peptide linking' y ALANINE         ? 'C3 H7 N O2'     89.093  
ARG 'L-peptide linking' y ARGININE        ? 'C6 H15 N4 O2 1' 175.209 
ASN 'L-peptide linking' y ASPARAGINE      ? 'C4 H8 N2 O3'    132.118 
CYS 'L-peptide linking' y CYSTEINE        ? 'C3 H7 N O2 S'   121.158 
GLN 'L-peptide linking' y GLUTAMINE       ? 'C5 H10 N2 O3'   146.144 
GLU 'L-peptide linking' y 'GLUTAMIC ACID' ? 'C5 H9 N O4'     147.129 
GLY 'peptide linking'   y GLYCINE         ? 'C2 H5 N O2'     75.067  
HOH non-polymer         . WATER           ? 'H2 O'           18.015  
ILE 'L-peptide linking' y ISOLEUCINE      ? 'C6 H13 N O2'    131.173 
IOD non-polymer         . 'IODIDE ION'    ? 'I -1'           126.904 
LEU 'L-peptide linking' y LEUCINE         ? 'C6 H13 N O2'    131.173 
LYS 'L-peptide linking' y LYSINE          ? 'C6 H15 N2 O2 1' 147.195 
MET 'L-peptide linking' y METHIONINE      ? 'C5 H11 N O2 S'  149.211 
PHE 'L-peptide linking' y PHENYLALANINE   ? 'C9 H11 N O2'    165.189 
PRO 'L-peptide linking' y PROLINE         ? 'C5 H9 N O2'     115.130 
SER 'L-peptide linking' y SERINE          ? 'C3 H7 N O3'     105.093 
THR 'L-peptide linking' y THREONINE       ? 'C4 H9 N O3'     119.119 
TRP 'L-peptide linking' y TRYPTOPHAN      ? 'C11 H12 N2 O2'  204.225 
TYR 'L-peptide linking' y TYROSINE        ? 'C9 H11 N O3'    181.189 
VAL 'L-peptide linking' y VALINE          ? 'C5 H11 N O2'    117.146 
# 
loop_
_pdbx_poly_seq_scheme.asym_id 
_pdbx_poly_seq_scheme.entity_id 
_pdbx_poly_seq_scheme.seq_id 
_pdbx_poly_seq_scheme.mon_id 
_pdbx_poly_seq_scheme.ndb_seq_num 
_pdbx_poly_seq_scheme.pdb_seq_num 
_pdbx_poly_seq_scheme.auth_seq_num 
_pdbx_poly_seq_scheme.pdb_mon_id 
_pdbx_poly_seq_scheme.auth_mon_id 
_pdbx_poly_seq_scheme.pdb_strand_id 
_pdbx_poly_seq_scheme.pdb_ins_code 
_pdbx_poly_seq_scheme.hetero 
A 1 1  VAL 1  4  4  VAL VAL A . n 
A 1 2  GLY 2  5  5  GLY GLY A . n 
A 1 3  GLY 3  6  6  GLY GLY A . n 
A 1 4  TYR 4  7  7  TYR TYR A . n 
A 1 5  THR 5  8  8  THR THR A . n 
A 1 6  GLU 6  9  9  GLU GLU A . n 
A 1 7  PRO 7  10 10 PRO PRO A . n 
A 1 8  ARG 8  11 11 ARG ARG A . n 
A 1 9  SER 9  12 12 SER SER A . n 
A 1 10 VAL 10 13 13 VAL VAL A . n 
A 1 11 THR 11 14 14 THR THR A . n 
A 1 12 PRO 12 15 15 PRO PRO A . n 
A 1 13 GLU 13 16 16 GLU GLU A . n 
A 1 14 GLU 14 17 17 GLU GLU A . n 
A 1 15 ARG 15 18 18 ARG ARG A . n 
A 1 16 SER 16 19 19 SER SER A . n 
A 1 17 VAL 17 20 20 VAL VAL A . n 
A 1 18 PHE 18 21 21 PHE PHE A . n 
A 1 19 GLN 19 22 22 GLN GLN A . n 
A 1 20 PRO 20 23 23 PRO PRO A . n 
A 1 21 MET 21 24 24 MET MET A . n 
A 1 22 ILE 22 25 25 ILE ILE A . n 
A 1 23 LEU 23 26 26 LEU LEU A . n 
A 1 24 SER 24 27 27 SER SER A . n 
A 1 25 LYS 25 28 28 LYS LYS A . n 
A 1 26 LEU 26 29 29 LEU LEU A . n 
A 1 27 LEU 27 30 30 LEU LEU A . n 
A 1 28 THR 28 31 31 THR THR A . n 
A 1 29 ALA 29 32 32 ALA ALA A . n 
A 1 30 GLY 30 33 33 GLY GLY A . n 
A 1 31 SER 31 34 34 SER SER A . n 
A 1 32 VAL 32 35 35 VAL VAL A . n 
A 1 33 VAL 33 36 36 VAL VAL A . n 
A 1 34 SER 34 37 37 SER SER A . n 
A 1 35 SER 35 38 38 SER SER A . n 
A 1 36 CYS 36 39 39 CYS CYS A . n 
A 1 37 GLU 37 40 40 GLU GLU A . n 
A 1 38 LEU 38 41 41 LEU LEU A . n 
A 1 39 GLU 39 42 42 GLU GLU A . n 
A 1 40 LEU 40 43 43 LEU LEU A . n 
A 1 41 LEU 41 44 44 LEU LEU A . n 
A 1 42 GLN 42 45 45 GLN GLN A . n 
A 1 43 VAL 43 46 46 VAL VAL A . n 
A 1 44 SER 44 47 47 SER SER A . n 
A 1 45 THR 45 48 48 THR THR A . n 
A 1 46 GLN 46 49 49 GLN GLN A . n 
A 1 47 VAL 47 50 50 VAL VAL A . n 
A 1 48 VAL 48 51 51 VAL VAL A . n 
A 1 49 ALA 49 52 52 ALA ALA A . n 
A 1 50 GLY 50 53 53 GLY GLY A . n 
A 1 51 THR 51 54 54 THR THR A . n 
A 1 52 ASN 52 55 55 ASN ASN A . n 
A 1 53 TYR 53 56 56 TYR TYR A . n 
A 1 54 LYS 54 57 57 LYS LYS A . n 
A 1 55 PHE 55 58 58 PHE PHE A . n 
A 1 56 LYS 56 59 59 LYS LYS A . n 
A 1 57 VAL 57 60 60 VAL VAL A . n 
A 1 58 SER 58 61 61 SER SER A . n 
A 1 59 GLY 59 62 62 GLY GLY A . n 
A 1 60 GLY 60 63 63 GLY GLY A . n 
A 1 61 ALA 61 64 64 ALA ALA A . n 
A 1 62 THR 62 65 65 THR THR A . n 
A 1 63 CYS 63 66 66 CYS CYS A . n 
A 1 64 PRO 64 67 67 PRO PRO A . n 
A 1 65 GLY 65 68 68 GLY GLY A . n 
A 1 66 CYS 66 69 69 CYS CYS A . n 
A 1 67 TRP 67 70 70 TRP TRP A . n 
A 1 68 GLU 68 71 71 GLU GLU A . n 
A 1 69 VAL 69 72 72 VAL VAL A . n 
A 1 70 VAL 70 73 73 VAL VAL A . n 
A 1 71 VAL 71 74 74 VAL VAL A . n 
A 1 72 PHE 72 75 75 PHE PHE A . n 
A 1 73 VAL 73 76 76 VAL VAL A . n 
A 1 74 PRO 74 77 77 PRO PRO A . n 
A 1 75 LEU 75 78 78 LEU LEU A . n 
A 1 76 TYR 76 79 79 TYR TYR A . n 
A 1 77 SER 77 80 80 SER SER A . n 
A 1 78 SER 78 81 81 SER SER A . n 
A 1 79 LYS 79 82 82 LYS LYS A . n 
A 1 80 SER 80 83 83 SER SER A . n 
A 1 81 ALA 81 84 84 ALA ALA A . n 
A 1 82 THR 82 85 85 THR THR A . n 
A 1 83 SER 83 86 86 SER SER A . n 
A 1 84 VAL 84 87 87 VAL VAL A . n 
A 1 85 GLY 85 88 88 GLY GLY A . n 
A 1 86 THR 86 89 89 THR THR A . n 
A 1 87 PRO 87 90 90 PRO PRO A . n 
A 1 88 THR 88 91 91 THR THR A . n 
A 1 89 ARG 89 92 92 ARG ARG A . n 
A 1 90 VAL 90 93 93 VAL VAL A . n 
A 1 91 SER 91 94 94 SER SER A . n 
A 1 92 CYS 92 95 95 CYS CYS A . n 
A 1 93 THR 93 96 96 THR THR A . n 
# 
loop_
_pdbx_nonpoly_scheme.asym_id 
_pdbx_nonpoly_scheme.entity_id 
_pdbx_nonpoly_scheme.mon_id 
_pdbx_nonpoly_scheme.ndb_seq_num 
_pdbx_nonpoly_scheme.pdb_seq_num 
_pdbx_nonpoly_scheme.auth_seq_num 
_pdbx_nonpoly_scheme.pdb_mon_id 
_pdbx_nonpoly_scheme.auth_mon_id 
_pdbx_nonpoly_scheme.pdb_strand_id 
_pdbx_nonpoly_scheme.pdb_ins_code 
B 2 IOD 1  101 1  IOD IOD A . 
C 2 IOD 1  102 2  IOD IOD A . 
D 3 HOH 1  201 89 HOH HOH A . 
D 3 HOH 2  202 91 HOH HOH A . 
D 3 HOH 3  203 74 HOH HOH A . 
D 3 HOH 4  204 76 HOH HOH A . 
D 3 HOH 5  205 25 HOH HOH A . 
D 3 HOH 6  206 47 HOH HOH A . 
D 3 HOH 7  207 58 HOH HOH A . 
D 3 HOH 8  208 1  HOH HOH A . 
D 3 HOH 9  209 17 HOH HOH A . 
D 3 HOH 10 210 32 HOH HOH A . 
D 3 HOH 11 211 44 HOH HOH A . 
D 3 HOH 12 212 20 HOH HOH A . 
D 3 HOH 13 213 80 HOH HOH A . 
D 3 HOH 14 214 62 HOH HOH A . 
D 3 HOH 15 215 57 HOH HOH A . 
D 3 HOH 16 216 96 HOH HOH A . 
D 3 HOH 17 217 90 HOH HOH A . 
D 3 HOH 18 218 8  HOH HOH A . 
D 3 HOH 19 219 86 HOH HOH A . 
D 3 HOH 20 220 19 HOH HOH A . 
D 3 HOH 21 221 10 HOH HOH A . 
D 3 HOH 22 222 2  HOH HOH A . 
D 3 HOH 23 223 39 HOH HOH A . 
D 3 HOH 24 224 87 HOH HOH A . 
D 3 HOH 25 225 68 HOH HOH A . 
D 3 HOH 26 226 72 HOH HOH A . 
D 3 HOH 27 227 95 HOH HOH A . 
D 3 HOH 28 228 5  HOH HOH A . 
D 3 HOH 29 229 6  HOH HOH A . 
D 3 HOH 30 230 42 HOH HOH A . 
D 3 HOH 31 231 12 HOH HOH A . 
D 3 HOH 32 232 3  HOH HOH A . 
D 3 HOH 33 233 28 HOH HOH A . 
D 3 HOH 34 234 16 HOH HOH A . 
D 3 HOH 35 235 13 HOH HOH A . 
D 3 HOH 36 236 71 HOH HOH A . 
D 3 HOH 37 237 15 HOH HOH A . 
D 3 HOH 38 238 18 HOH HOH A . 
D 3 HOH 39 239 64 HOH HOH A . 
D 3 HOH 40 240 75 HOH HOH A . 
D 3 HOH 41 241 22 HOH HOH A . 
D 3 HOH 42 242 83 HOH HOH A . 
D 3 HOH 43 243 24 HOH HOH A . 
D 3 HOH 44 244 79 HOH HOH A . 
D 3 HOH 45 245 77 HOH HOH A . 
D 3 HOH 46 246 4  HOH HOH A . 
D 3 HOH 47 247 45 HOH HOH A . 
D 3 HOH 48 248 46 HOH HOH A . 
D 3 HOH 49 249 85 HOH HOH A . 
D 3 HOH 50 250 55 HOH HOH A . 
D 3 HOH 51 251 11 HOH HOH A . 
D 3 HOH 52 252 66 HOH HOH A . 
D 3 HOH 53 253 40 HOH HOH A . 
D 3 HOH 54 254 88 HOH HOH A . 
D 3 HOH 55 255 26 HOH HOH A . 
D 3 HOH 56 256 52 HOH HOH A . 
D 3 HOH 57 257 9  HOH HOH A . 
D 3 HOH 58 258 34 HOH HOH A . 
D 3 HOH 59 259 37 HOH HOH A . 
D 3 HOH 60 260 23 HOH HOH A . 
D 3 HOH 61 261 97 HOH HOH A . 
D 3 HOH 62 262 48 HOH HOH A . 
D 3 HOH 63 263 43 HOH HOH A . 
D 3 HOH 64 264 41 HOH HOH A . 
D 3 HOH 65 265 65 HOH HOH A . 
D 3 HOH 66 266 21 HOH HOH A . 
D 3 HOH 67 267 93 HOH HOH A . 
D 3 HOH 68 268 63 HOH HOH A . 
D 3 HOH 69 269 30 HOH HOH A . 
D 3 HOH 70 270 82 HOH HOH A . 
D 3 HOH 71 271 50 HOH HOH A . 
D 3 HOH 72 272 73 HOH HOH A . 
D 3 HOH 73 273 98 HOH HOH A . 
D 3 HOH 74 274 7  HOH HOH A . 
D 3 HOH 75 275 67 HOH HOH A . 
D 3 HOH 76 276 54 HOH HOH A . 
D 3 HOH 77 277 84 HOH HOH A . 
D 3 HOH 78 278 35 HOH HOH A . 
D 3 HOH 79 279 49 HOH HOH A . 
D 3 HOH 80 280 27 HOH HOH A . 
D 3 HOH 81 281 33 HOH HOH A . 
D 3 HOH 82 282 14 HOH HOH A . 
D 3 HOH 83 283 29 HOH HOH A . 
D 3 HOH 84 284 94 HOH HOH A . 
D 3 HOH 85 285 70 HOH HOH A . 
D 3 HOH 86 286 51 HOH HOH A . 
D 3 HOH 87 287 31 HOH HOH A . 
D 3 HOH 88 288 69 HOH HOH A . 
D 3 HOH 89 289 92 HOH HOH A . 
D 3 HOH 90 290 56 HOH HOH A . 
D 3 HOH 91 291 38 HOH HOH A . 
D 3 HOH 92 292 61 HOH HOH A . 
D 3 HOH 93 293 36 HOH HOH A . 
D 3 HOH 94 294 78 HOH HOH A . 
D 3 HOH 95 295 81 HOH HOH A . 
D 3 HOH 96 296 60 HOH HOH A . 
D 3 HOH 97 297 53 HOH HOH A . 
# 
loop_
_software.citation_id 
_software.classification 
_software.compiler_name 
_software.compiler_version 
_software.contact_author 
_software.contact_author_email 
_software.date 
_software.description 
_software.dependencies 
_software.hardware 
_software.language 
_software.location 
_software.mods 
_software.name 
_software.os 
_software.os_version 
_software.type 
_software.version 
_software.pdbx_ordinal 
? refinement       ? ? ? ? ? ? ? ? ? ? ? REFMAC  ? ? ? 5.8.0232 1 
? 'data reduction' ? ? ? ? ? ? ? ? ? ? ? XDS     ? ? ? .        2 
? 'data scaling'   ? ? ? ? ? ? ? ? ? ? ? XSCALE  ? ? ? .        3 
? phasing          ? ? ? ? ? ? ? ? ? ? ? SHELXDE ? ? ? .        4 
# 
_cell.angle_alpha                  90.000 
_cell.angle_alpha_esd              ? 
_cell.angle_beta                   90.000 
_cell.angle_beta_esd               ? 
_cell.angle_gamma                  90.000 
_cell.angle_gamma_esd              ? 
_cell.entry_id                     6I1M 
_cell.details                      ? 
_cell.formula_units_Z              ? 
_cell.length_a                     64.878 
_cell.length_a_esd                 ? 
_cell.length_b                     67.177 
_cell.length_b_esd                 ? 
_cell.length_c                     44.493 
_cell.length_c_esd                 ? 
_cell.volume                       ? 
_cell.volume_esd                   ? 
_cell.Z_PDB                        8 
_cell.reciprocal_angle_alpha       ? 
_cell.reciprocal_angle_beta        ? 
_cell.reciprocal_angle_gamma       ? 
_cell.reciprocal_angle_alpha_esd   ? 
_cell.reciprocal_angle_beta_esd    ? 
_cell.reciprocal_angle_gamma_esd   ? 
_cell.reciprocal_length_a          ? 
_cell.reciprocal_length_b          ? 
_cell.reciprocal_length_c          ? 
_cell.reciprocal_length_a_esd      ? 
_cell.reciprocal_length_b_esd      ? 
_cell.reciprocal_length_c_esd      ? 
_cell.pdbx_unique_axis             ? 
# 
_symmetry.entry_id                         6I1M 
_symmetry.cell_setting                     ? 
_symmetry.Int_Tables_number                20 
_symmetry.space_group_name_Hall            ? 
_symmetry.space_group_name_H-M             'C 2 2 21' 
_symmetry.pdbx_full_space_group_name_H-M   ? 
# 
_exptl.absorpt_coefficient_mu     ? 
_exptl.absorpt_correction_T_max   ? 
_exptl.absorpt_correction_T_min   ? 
_exptl.absorpt_correction_type    ? 
_exptl.absorpt_process_details    ? 
_exptl.entry_id                   6I1M 
_exptl.crystals_number            1 
_exptl.details                    ? 
_exptl.method                     'X-RAY DIFFRACTION' 
_exptl.method_details             ? 
# 
_exptl_crystal.colour                      ? 
_exptl_crystal.density_diffrn              ? 
_exptl_crystal.density_Matthews            2.10 
_exptl_crystal.density_method              ? 
_exptl_crystal.density_percent_sol         41.43 
_exptl_crystal.description                 'very small needles in phase separation' 
_exptl_crystal.F_000                       ? 
_exptl_crystal.id                          1 
_exptl_crystal.preparation                 ? 
_exptl_crystal.size_max                    ? 
_exptl_crystal.size_mid                    ? 
_exptl_crystal.size_min                    ? 
_exptl_crystal.size_rad                    ? 
_exptl_crystal.colour_lustre               ? 
_exptl_crystal.colour_modifier             ? 
_exptl_crystal.colour_primary              ? 
_exptl_crystal.density_meas                ? 
_exptl_crystal.density_meas_esd            ? 
_exptl_crystal.density_meas_gt             ? 
_exptl_crystal.density_meas_lt             ? 
_exptl_crystal.density_meas_temp           ? 
_exptl_crystal.density_meas_temp_esd       ? 
_exptl_crystal.density_meas_temp_gt        ? 
_exptl_crystal.density_meas_temp_lt        ? 
_exptl_crystal.pdbx_crystal_image_url      ? 
_exptl_crystal.pdbx_crystal_image_format   ? 
_exptl_crystal.pdbx_mosaicity              ? 
_exptl_crystal.pdbx_mosaicity_esd          ? 
# 
_exptl_crystal_grow.apparatus       ? 
_exptl_crystal_grow.atmosphere      ? 
_exptl_crystal_grow.crystal_id      1 
_exptl_crystal_grow.details         ? 
_exptl_crystal_grow.method          'VAPOR DIFFUSION, HANGING DROP' 
_exptl_crystal_grow.method_ref      ? 
_exptl_crystal_grow.pH              7.5 
_exptl_crystal_grow.pressure        ? 
_exptl_crystal_grow.pressure_esd    ? 
_exptl_crystal_grow.seeding         ? 
_exptl_crystal_grow.seeding_ref     ? 
_exptl_crystal_grow.temp            291.15 
_exptl_crystal_grow.temp_details    ? 
_exptl_crystal_grow.temp_esd        ? 
_exptl_crystal_grow.time            ? 
_exptl_crystal_grow.pdbx_details    
;2.0M Ammonium Sulfate
0.1M Sodium Iodide
0.1M Sodium HEPES 7.5
5% v/v PEG 400
;
_exptl_crystal_grow.pdbx_pH_range   ? 
# 
_diffrn.ambient_environment              ? 
_diffrn.ambient_temp                     100 
_diffrn.ambient_temp_details             ? 
_diffrn.ambient_temp_esd                 ? 
_diffrn.crystal_id                       1 
_diffrn.crystal_support                  ? 
_diffrn.crystal_treatment                ? 
_diffrn.details                          ? 
_diffrn.id                               1 
_diffrn.ambient_pressure                 ? 
_diffrn.ambient_pressure_esd             ? 
_diffrn.ambient_pressure_gt              ? 
_diffrn.ambient_pressure_lt              ? 
_diffrn.ambient_temp_gt                  ? 
_diffrn.ambient_temp_lt                  ? 
_diffrn.pdbx_serial_crystal_experiment   N 
# 
_diffrn_detector.details                      ? 
_diffrn_detector.detector                     PIXEL 
_diffrn_detector.diffrn_id                    1 
_diffrn_detector.type                         'DECTRIS PILATUS 2M' 
_diffrn_detector.area_resol_mean              ? 
_diffrn_detector.dtime                        ? 
_diffrn_detector.pdbx_frames_total            ? 
_diffrn_detector.pdbx_collection_time_total   ? 
_diffrn_detector.pdbx_collection_date         2018-03-29 
_diffrn_detector.pdbx_frequency               ? 
# 
_diffrn_radiation.collimation                      ? 
_diffrn_radiation.diffrn_id                        1 
_diffrn_radiation.filter_edge                      ? 
_diffrn_radiation.inhomogeneity                    ? 
_diffrn_radiation.monochromator                    ? 
_diffrn_radiation.polarisn_norm                    ? 
_diffrn_radiation.polarisn_ratio                   ? 
_diffrn_radiation.probe                            ? 
_diffrn_radiation.type                             ? 
_diffrn_radiation.xray_symbol                      ? 
_diffrn_radiation.wavelength_id                    1 
_diffrn_radiation.pdbx_monochromatic_or_laue_m_l   M 
_diffrn_radiation.pdbx_wavelength_list             ? 
_diffrn_radiation.pdbx_wavelength                  ? 
_diffrn_radiation.pdbx_diffrn_protocol             'SINGLE WAVELENGTH' 
_diffrn_radiation.pdbx_analyzer                    ? 
_diffrn_radiation.pdbx_scattering_type             x-ray 
# 
loop_
_diffrn_radiation_wavelength.id 
_diffrn_radiation_wavelength.wavelength 
_diffrn_radiation_wavelength.wt 
1 0.9184 1.0 
2 1.5    1.0 
# 
_diffrn_source.current                     ? 
_diffrn_source.details                     ? 
_diffrn_source.diffrn_id                   1 
_diffrn_source.power                       ? 
_diffrn_source.size                        ? 
_diffrn_source.source                      SYNCHROTRON 
_diffrn_source.target                      ? 
_diffrn_source.type                        'BESSY BEAMLINE 14.2' 
_diffrn_source.voltage                     ? 
_diffrn_source.take-off_angle              ? 
_diffrn_source.pdbx_wavelength_list        '0.9184, 1.5' 
_diffrn_source.pdbx_wavelength             ? 
_diffrn_source.pdbx_synchrotron_beamline   14.2 
_diffrn_source.pdbx_synchrotron_site       BESSY 
# 
_reflns.B_iso_Wilson_estimate            26.772 
_reflns.entry_id                         6I1M 
_reflns.data_reduction_details           ? 
_reflns.data_reduction_method            ? 
_reflns.d_resolution_high                1.600 
_reflns.d_resolution_low                 46.670 
_reflns.details                          ? 
_reflns.limit_h_max                      ? 
_reflns.limit_h_min                      ? 
_reflns.limit_k_max                      ? 
_reflns.limit_k_min                      ? 
_reflns.limit_l_max                      ? 
_reflns.limit_l_min                      ? 
_reflns.number_all                       ? 
_reflns.number_obs                       13043 
_reflns.observed_criterion               ? 
_reflns.observed_criterion_F_max         ? 
_reflns.observed_criterion_F_min         ? 
_reflns.observed_criterion_I_max         ? 
_reflns.observed_criterion_I_min         ? 
_reflns.observed_criterion_sigma_F       ? 
_reflns.observed_criterion_sigma_I       ? 
_reflns.percent_possible_obs             98.400 
_reflns.R_free_details                   ? 
_reflns.Rmerge_F_all                     ? 
_reflns.Rmerge_F_obs                     ? 
_reflns.Friedel_coverage                 ? 
_reflns.number_gt                        ? 
_reflns.threshold_expression             ? 
_reflns.pdbx_redundancy                  6.717 
_reflns.pdbx_Rmerge_I_obs                0.158 
_reflns.pdbx_Rmerge_I_all                ? 
_reflns.pdbx_Rsym_value                  ? 
_reflns.pdbx_netI_over_av_sigmaI         ? 
_reflns.pdbx_netI_over_sigmaI            7.940 
_reflns.pdbx_res_netI_over_av_sigmaI_2   ? 
_reflns.pdbx_res_netI_over_sigmaI_2      ? 
_reflns.pdbx_chi_squared                 1.170 
_reflns.pdbx_scaling_rejects             ? 
_reflns.pdbx_d_res_high_opt              ? 
_reflns.pdbx_d_res_low_opt               ? 
_reflns.pdbx_d_res_opt_method            ? 
_reflns.phase_calculation_details        ? 
_reflns.pdbx_Rrim_I_all                  0.172 
_reflns.pdbx_Rpim_I_all                  ? 
_reflns.pdbx_d_opt                       ? 
_reflns.pdbx_number_measured_all         87605 
_reflns.pdbx_diffrn_id                   1 
_reflns.pdbx_ordinal                     1 
_reflns.pdbx_CC_half                     0.997 
_reflns.pdbx_R_split                     ? 
# 
loop_
_reflns_shell.d_res_high 
_reflns_shell.d_res_low 
_reflns_shell.meanI_over_sigI_all 
_reflns_shell.meanI_over_sigI_obs 
_reflns_shell.number_measured_all 
_reflns_shell.number_measured_obs 
_reflns_shell.number_possible 
_reflns_shell.number_unique_all 
_reflns_shell.number_unique_obs 
_reflns_shell.percent_possible_all 
_reflns_shell.percent_possible_obs 
_reflns_shell.Rmerge_F_all 
_reflns_shell.Rmerge_F_obs 
_reflns_shell.Rmerge_I_all 
_reflns_shell.Rmerge_I_obs 
_reflns_shell.meanI_over_sigI_gt 
_reflns_shell.meanI_over_uI_all 
_reflns_shell.meanI_over_uI_gt 
_reflns_shell.number_measured_gt 
_reflns_shell.number_unique_gt 
_reflns_shell.percent_possible_gt 
_reflns_shell.Rmerge_F_gt 
_reflns_shell.Rmerge_I_gt 
_reflns_shell.pdbx_redundancy 
_reflns_shell.pdbx_Rsym_value 
_reflns_shell.pdbx_chi_squared 
_reflns_shell.pdbx_netI_over_sigmaI_all 
_reflns_shell.pdbx_netI_over_sigmaI_obs 
_reflns_shell.pdbx_Rrim_I_all 
_reflns_shell.pdbx_Rpim_I_all 
_reflns_shell.pdbx_rejects 
_reflns_shell.pdbx_ordinal 
_reflns_shell.pdbx_diffrn_id 
_reflns_shell.pdbx_CC_half 
_reflns_shell.pdbx_R_split 
1.600 1.690  ? 0.880  ? ? ? ? 2058 97.800 ? ? ? ? 1.921 ? ? ? ? ? ? ? ? 6.572 ? ? ? ? 2.086 ? ? 1 1 0.434 ? 
1.690 1.810  ? 1.480  ? ? ? ? 1982 99.900 ? ? ? ? 1.288 ? ? ? ? ? ? ? ? 7.037 ? ? ? ? 1.391 ? ? 2 1 0.685 ? 
1.810 1.960  ? 2.820  ? ? ? ? 1814 97.800 ? ? ? ? 0.695 ? ? ? ? ? ? ? ? 6.781 ? ? ? ? 0.752 ? ? 3 1 0.917 ? 
1.960 2.140  ? 4.760  ? ? ? ? 1706 99.800 ? ? ? ? 0.409 ? ? ? ? ? ? ? ? 6.764 ? ? ? ? 0.444 ? ? 4 1 0.943 ? 
2.140 2.390  ? 7.280  ? ? ? ? 1474 94.400 ? ? ? ? 0.261 ? ? ? ? ? ? ? ? 6.965 ? ? ? ? 0.283 ? ? 5 1 0.978 ? 
2.390 2.760  ? 10.540 ? ? ? ? 1369 99.600 ? ? ? ? 0.164 ? ? ? ? ? ? ? ? 6.686 ? ? ? ? 0.178 ? ? 6 1 0.990 ? 
2.760 3.380  ? 18.470 ? ? ? ? 1178 99.100 ? ? ? ? 0.090 ? ? ? ? ? ? ? ? 6.797 ? ? ? ? 0.097 ? ? 7 1 0.996 ? 
3.380 4.770  ? 25.670 ? ? ? ? 909  98.300 ? ? ? ? 0.059 ? ? ? ? ? ? ? ? 6.149 ? ? ? ? 0.065 ? ? 8 1 0.997 ? 
4.770 46.670 ? 27.570 ? ? ? ? 553  99.500 ? ? ? ? 0.052 ? ? ? ? ? ? ? ? 5.926 ? ? ? ? 0.057 ? ? 9 1 0.998 ? 
# 
_refine.aniso_B[1][1]                            2.8300 
_refine.aniso_B[1][2]                            0.0000 
_refine.aniso_B[1][3]                            -0.0000 
_refine.aniso_B[2][2]                            -1.3200 
_refine.aniso_B[2][3]                            0.0000 
_refine.aniso_B[3][3]                            -1.5100 
_refine.B_iso_max                                74.330 
_refine.B_iso_mean                               26.1320 
_refine.B_iso_min                                16.610 
_refine.correlation_coeff_Fo_to_Fc               0.9600 
_refine.correlation_coeff_Fo_to_Fc_free          0.9360 
_refine.details                                  
'HYDROGENS HAVE BEEN ADDED IN THE RIDING POSITIONS U VALUES      : REFINED INDIVIDUALLY' 
_refine.diff_density_max                         ? 
_refine.diff_density_max_esd                     ? 
_refine.diff_density_min                         ? 
_refine.diff_density_min_esd                     ? 
_refine.diff_density_rms                         ? 
_refine.diff_density_rms_esd                     ? 
_refine.entry_id                                 6I1M 
_refine.pdbx_refine_id                           'X-RAY DIFFRACTION' 
_refine.ls_abs_structure_details                 ? 
_refine.ls_abs_structure_Flack                   ? 
_refine.ls_abs_structure_Flack_esd               ? 
_refine.ls_abs_structure_Rogers                  ? 
_refine.ls_abs_structure_Rogers_esd              ? 
_refine.ls_d_res_high                            1.6000 
_refine.ls_d_res_low                             46.6700 
_refine.ls_extinction_coef                       ? 
_refine.ls_extinction_coef_esd                   ? 
_refine.ls_extinction_expression                 ? 
_refine.ls_extinction_method                     ? 
_refine.ls_goodness_of_fit_all                   ? 
_refine.ls_goodness_of_fit_all_esd               ? 
_refine.ls_goodness_of_fit_obs                   ? 
_refine.ls_goodness_of_fit_obs_esd               ? 
_refine.ls_hydrogen_treatment                    ? 
_refine.ls_matrix_type                           ? 
_refine.ls_number_constraints                    ? 
_refine.ls_number_parameters                     ? 
_refine.ls_number_reflns_all                     ? 
_refine.ls_number_reflns_obs                     12390 
_refine.ls_number_reflns_R_free                  653 
_refine.ls_number_reflns_R_work                  ? 
_refine.ls_number_restraints                     ? 
_refine.ls_percent_reflns_obs                    98.3900 
_refine.ls_percent_reflns_R_free                 5.0000 
_refine.ls_R_factor_all                          ? 
_refine.ls_R_factor_obs                          0.2189 
_refine.ls_R_factor_R_free                       0.2616 
_refine.ls_R_factor_R_free_error                 ? 
_refine.ls_R_factor_R_free_error_details         ? 
_refine.ls_R_factor_R_work                       0.2167 
_refine.ls_R_Fsqd_factor_obs                     ? 
_refine.ls_R_I_factor_obs                        ? 
_refine.ls_redundancy_reflns_all                 ? 
_refine.ls_redundancy_reflns_obs                 ? 
_refine.ls_restrained_S_all                      ? 
_refine.ls_restrained_S_obs                      ? 
_refine.ls_shift_over_esd_max                    ? 
_refine.ls_shift_over_esd_mean                   ? 
_refine.ls_structure_factor_coef                 ? 
_refine.ls_weighting_details                     ? 
_refine.ls_weighting_scheme                      ? 
_refine.ls_wR_factor_all                         ? 
_refine.ls_wR_factor_obs                         ? 
_refine.ls_wR_factor_R_free                      ? 
_refine.ls_wR_factor_R_work                      ? 
_refine.occupancy_max                            ? 
_refine.occupancy_min                            ? 
_refine.solvent_model_details                    MASK 
_refine.solvent_model_param_bsol                 ? 
_refine.solvent_model_param_ksol                 ? 
_refine.ls_R_factor_gt                           ? 
_refine.ls_goodness_of_fit_gt                    ? 
_refine.ls_goodness_of_fit_ref                   ? 
_refine.ls_shift_over_su_max                     ? 
_refine.ls_shift_over_su_max_lt                  ? 
_refine.ls_shift_over_su_mean                    ? 
_refine.ls_shift_over_su_mean_lt                 ? 
_refine.pdbx_ls_sigma_I                          ? 
_refine.pdbx_ls_sigma_F                          0.000 
_refine.pdbx_ls_sigma_Fsqd                       ? 
_refine.pdbx_data_cutoff_high_absF               ? 
_refine.pdbx_data_cutoff_high_rms_absF           ? 
_refine.pdbx_data_cutoff_low_absF                ? 
_refine.pdbx_isotropic_thermal_model             ? 
_refine.pdbx_ls_cross_valid_method               THROUGHOUT 
_refine.pdbx_method_to_determine_struct          SIRAS 
_refine.pdbx_starting_model                      ? 
_refine.pdbx_stereochemistry_target_values       'MAXIMUM LIKELIHOOD' 
_refine.pdbx_R_Free_selection_details            RANDOM 
_refine.pdbx_stereochem_target_val_spec_case     ? 
_refine.pdbx_overall_ESU_R                       0.1050 
_refine.pdbx_overall_ESU_R_Free                  0.1090 
_refine.pdbx_solvent_vdw_probe_radii             1.2000 
_refine.pdbx_solvent_ion_probe_radii             0.8000 
_refine.pdbx_solvent_shrinkage_radii             0.8000 
_refine.pdbx_real_space_R                        ? 
_refine.pdbx_density_correlation                 ? 
_refine.pdbx_pd_number_of_powder_patterns        ? 
_refine.pdbx_pd_number_of_points                 ? 
_refine.pdbx_pd_meas_number_of_points            ? 
_refine.pdbx_pd_proc_ls_prof_R_factor            ? 
_refine.pdbx_pd_proc_ls_prof_wR_factor           ? 
_refine.pdbx_pd_Marquardt_correlation_coeff      ? 
_refine.pdbx_pd_Fsqrd_R_factor                   ? 
_refine.pdbx_pd_ls_matrix_band_width             ? 
_refine.pdbx_overall_phase_error                 ? 
_refine.pdbx_overall_SU_R_free_Cruickshank_DPI   ? 
_refine.pdbx_overall_SU_R_free_Blow_DPI          ? 
_refine.pdbx_overall_SU_R_Blow_DPI               ? 
_refine.pdbx_TLS_residual_ADP_flag               ? 
_refine.pdbx_diffrn_id                           1 
_refine.overall_SU_B                             ? 
_refine.overall_SU_ML                            ? 
_refine.overall_SU_R_Cruickshank_DPI             ? 
_refine.overall_SU_R_free                        ? 
_refine.overall_FOM_free_R_set                   ? 
_refine.overall_FOM_work_R_set                   ? 
_refine.pdbx_average_fsc_overall                 ? 
_refine.pdbx_average_fsc_work                    ? 
_refine.pdbx_average_fsc_free                    ? 
# 
_refine_hist.cycle_id                         final 
_refine_hist.pdbx_refine_id                   'X-RAY DIFFRACTION' 
_refine_hist.d_res_high                       1.6000 
_refine_hist.d_res_low                        46.6700 
_refine_hist.pdbx_number_atoms_ligand         2 
_refine_hist.number_atoms_solvent             98 
_refine_hist.number_atoms_total               784 
_refine_hist.pdbx_number_residues_total       93 
_refine_hist.pdbx_B_iso_mean_ligand           23.39 
_refine_hist.pdbx_B_iso_mean_solvent          36.18 
_refine_hist.pdbx_number_atoms_protein        684 
_refine_hist.pdbx_number_atoms_nucleic_acid   0 
# 
loop_
_refine_ls_restr.pdbx_refine_id 
_refine_ls_restr.criterion 
_refine_ls_restr.dev_ideal 
_refine_ls_restr.dev_ideal_target 
_refine_ls_restr.number 
_refine_ls_restr.rejects 
_refine_ls_restr.type 
_refine_ls_restr.weight 
_refine_ls_restr.pdbx_restraint_function 
'X-RAY DIFFRACTION' ? 0.047  0.013  727  ? r_bond_refined_d       ? ? 
'X-RAY DIFFRACTION' ? 0.036  0.017  681  ? r_bond_other_d         ? ? 
'X-RAY DIFFRACTION' ? 2.232  1.649  1000 ? r_angle_refined_deg    ? ? 
'X-RAY DIFFRACTION' ? 2.362  1.561  1589 ? r_angle_other_deg      ? ? 
'X-RAY DIFFRACTION' ? 7.494  5.000  100  ? r_dihedral_angle_1_deg ? ? 
'X-RAY DIFFRACTION' ? 23.696 20.800 25   ? r_dihedral_angle_2_deg ? ? 
'X-RAY DIFFRACTION' ? 14.281 15.000 118  ? r_dihedral_angle_3_deg ? ? 
'X-RAY DIFFRACTION' ? 11.047 15.000 4    ? r_dihedral_angle_4_deg ? ? 
'X-RAY DIFFRACTION' ? 0.064  0.200  100  ? r_chiral_restr         ? ? 
'X-RAY DIFFRACTION' ? 0.008  0.020  812  ? r_gen_planes_refined   ? ? 
'X-RAY DIFFRACTION' ? 0.009  0.020  144  ? r_gen_planes_other     ? ? 
# 
_refine_ls_shell.pdbx_refine_id                   'X-RAY DIFFRACTION' 
_refine_ls_shell.d_res_high                       1.5970 
_refine_ls_shell.d_res_low                        1.6390 
_refine_ls_shell.number_reflns_all                926 
_refine_ls_shell.number_reflns_obs                ? 
_refine_ls_shell.number_reflns_R_free             47 
_refine_ls_shell.number_reflns_R_work             879 
_refine_ls_shell.percent_reflns_obs               95.9600 
_refine_ls_shell.percent_reflns_R_free            ? 
_refine_ls_shell.R_factor_all                     ? 
_refine_ls_shell.R_factor_obs                     ? 
_refine_ls_shell.R_factor_R_free                  0.3530 
_refine_ls_shell.R_factor_R_free_error            0.0000 
_refine_ls_shell.R_factor_R_work                  0.4520 
_refine_ls_shell.redundancy_reflns_all            ? 
_refine_ls_shell.redundancy_reflns_obs            ? 
_refine_ls_shell.wR_factor_all                    ? 
_refine_ls_shell.wR_factor_obs                    ? 
_refine_ls_shell.wR_factor_R_free                 ? 
_refine_ls_shell.wR_factor_R_work                 ? 
_refine_ls_shell.pdbx_total_number_of_bins_used   20 
_refine_ls_shell.pdbx_phase_error                 ? 
_refine_ls_shell.pdbx_fsc_work                    ? 
_refine_ls_shell.pdbx_fsc_free                    ? 
# 
_struct.entry_id                     6I1M 
_struct.title                        'Secreted type 1 cystatin from Fasciola hepatica' 
_struct.pdbx_model_details           ? 
_struct.pdbx_formula_weight          ? 
_struct.pdbx_formula_weight_method   ? 
_struct.pdbx_model_type_details      ? 
_struct.pdbx_CASP_flag               N 
# 
_struct_keywords.entry_id        6I1M 
_struct_keywords.text            'cystatin, stefin, protease inhibitor, fasciola hepatica, hydrolase inhibitor' 
_struct_keywords.pdbx_keywords   'Hydrolase inhibitor' 
# 
loop_
_struct_asym.id 
_struct_asym.pdbx_blank_PDB_chainid_flag 
_struct_asym.pdbx_modified 
_struct_asym.entity_id 
_struct_asym.details 
A N N 1 ? 
B N N 2 ? 
C N N 2 ? 
D N N 3 ? 
# 
_struct_ref.id                         1 
_struct_ref.db_name                    UNP 
_struct_ref.db_code                    Q17TZ2_FASHE 
_struct_ref.pdbx_db_accession          Q17TZ2 
_struct_ref.pdbx_db_isoform            ? 
_struct_ref.entity_id                  1 
_struct_ref.pdbx_seq_one_letter_code   
;VGGYTEPRSVTPEERSVFQPMILSKLLTAGSVESSCELELLQVSTQVVAGINYKFKVSGGATCPGCWEVVVFVPLYSSKS
ATSVGTPTRVSCT
;
_struct_ref.pdbx_align_begin           24 
# 
_struct_ref_seq.align_id                      1 
_struct_ref_seq.ref_id                        1 
_struct_ref_seq.pdbx_PDB_id_code              6I1M 
_struct_ref_seq.pdbx_strand_id                A 
_struct_ref_seq.seq_align_beg                 1 
_struct_ref_seq.pdbx_seq_align_beg_ins_code   ? 
_struct_ref_seq.seq_align_end                 93 
_struct_ref_seq.pdbx_seq_align_end_ins_code   ? 
_struct_ref_seq.pdbx_db_accession             Q17TZ2 
_struct_ref_seq.db_align_beg                  24 
_struct_ref_seq.pdbx_db_align_beg_ins_code    ? 
_struct_ref_seq.db_align_end                  116 
_struct_ref_seq.pdbx_db_align_end_ins_code    ? 
_struct_ref_seq.pdbx_auth_seq_align_beg       4 
_struct_ref_seq.pdbx_auth_seq_align_end       96 
# 
loop_
_struct_ref_seq_dif.align_id 
_struct_ref_seq_dif.pdbx_pdb_id_code 
_struct_ref_seq_dif.mon_id 
_struct_ref_seq_dif.pdbx_pdb_strand_id 
_struct_ref_seq_dif.seq_num 
_struct_ref_seq_dif.pdbx_pdb_ins_code 
_struct_ref_seq_dif.pdbx_seq_db_name 
_struct_ref_seq_dif.pdbx_seq_db_accession_code 
_struct_ref_seq_dif.db_mon_id 
_struct_ref_seq_dif.pdbx_seq_db_seq_num 
_struct_ref_seq_dif.details 
_struct_ref_seq_dif.pdbx_auth_seq_num 
_struct_ref_seq_dif.pdbx_ordinal 
1 6I1M VAL A 33 ? UNP Q17TZ2 GLU 56 conflict 36 1 
1 6I1M THR A 51 ? UNP Q17TZ2 ILE 74 conflict 54 2 
# 
_pdbx_struct_assembly.id                   1 
_pdbx_struct_assembly.details              author_and_software_defined_assembly 
_pdbx_struct_assembly.method_details       PISA 
_pdbx_struct_assembly.oligomeric_details   monomeric 
_pdbx_struct_assembly.oligomeric_count     1 
# 
loop_
_pdbx_struct_assembly_prop.biol_id 
_pdbx_struct_assembly_prop.type 
_pdbx_struct_assembly_prop.value 
_pdbx_struct_assembly_prop.details 
1 'ABSA (A^2)' 230  ? 
1 MORE         -0   ? 
1 'SSA (A^2)'  5800 ? 
# 
_pdbx_struct_assembly_gen.assembly_id       1 
_pdbx_struct_assembly_gen.oper_expression   1 
_pdbx_struct_assembly_gen.asym_id_list      A,B,C,D 
# 
loop_
_pdbx_struct_assembly_auth_evidence.id 
_pdbx_struct_assembly_auth_evidence.assembly_id 
_pdbx_struct_assembly_auth_evidence.experimental_support 
_pdbx_struct_assembly_auth_evidence.details 
1 1 'mass spectrometry' ? 
2 1 'gel filtration'    ? 
# 
_pdbx_struct_oper_list.id                   1 
_pdbx_struct_oper_list.type                 'identity operation' 
_pdbx_struct_oper_list.name                 1_555 
_pdbx_struct_oper_list.symmetry_operation   x,y,z 
_pdbx_struct_oper_list.matrix[1][1]         1.0000000000 
_pdbx_struct_oper_list.matrix[1][2]         0.0000000000 
_pdbx_struct_oper_list.matrix[1][3]         0.0000000000 
_pdbx_struct_oper_list.vector[1]            0.0000000000 
_pdbx_struct_oper_list.matrix[2][1]         0.0000000000 
_pdbx_struct_oper_list.matrix[2][2]         1.0000000000 
_pdbx_struct_oper_list.matrix[2][3]         0.0000000000 
_pdbx_struct_oper_list.vector[2]            0.0000000000 
_pdbx_struct_oper_list.matrix[3][1]         0.0000000000 
_pdbx_struct_oper_list.matrix[3][2]         0.0000000000 
_pdbx_struct_oper_list.matrix[3][3]         1.0000000000 
_pdbx_struct_oper_list.vector[3]            0.0000000000 
# 
_struct_conf.conf_type_id            HELX_P 
_struct_conf.id                      HELX_P1 
_struct_conf.pdbx_PDB_helix_id       AA1 
_struct_conf.beg_label_comp_id       THR 
_struct_conf.beg_label_asym_id       A 
_struct_conf.beg_label_seq_id        11 
_struct_conf.pdbx_beg_PDB_ins_code   ? 
_struct_conf.end_label_comp_id       ALA 
_struct_conf.end_label_asym_id       A 
_struct_conf.end_label_seq_id        29 
_struct_conf.pdbx_end_PDB_ins_code   ? 
_struct_conf.beg_auth_comp_id        THR 
_struct_conf.beg_auth_asym_id        A 
_struct_conf.beg_auth_seq_id         14 
_struct_conf.end_auth_comp_id        ALA 
_struct_conf.end_auth_asym_id        A 
_struct_conf.end_auth_seq_id         32 
_struct_conf.pdbx_PDB_helix_class    1 
_struct_conf.details                 ? 
_struct_conf.pdbx_PDB_helix_length   19 
# 
_struct_conf_type.id          HELX_P 
_struct_conf_type.criteria    ? 
_struct_conf_type.reference   ? 
# 
loop_
_struct_conn.id 
_struct_conn.conn_type_id 
_struct_conn.pdbx_leaving_atom_flag 
_struct_conn.pdbx_PDB_id 
_struct_conn.ptnr1_label_asym_id 
_struct_conn.ptnr1_label_comp_id 
_struct_conn.ptnr1_label_seq_id 
_struct_conn.ptnr1_label_atom_id 
_struct_conn.pdbx_ptnr1_label_alt_id 
_struct_conn.pdbx_ptnr1_PDB_ins_code 
_struct_conn.pdbx_ptnr1_standard_comp_id 
_struct_conn.ptnr1_symmetry 
_struct_conn.ptnr2_label_asym_id 
_struct_conn.ptnr2_label_comp_id 
_struct_conn.ptnr2_label_seq_id 
_struct_conn.ptnr2_label_atom_id 
_struct_conn.pdbx_ptnr2_label_alt_id 
_struct_conn.pdbx_ptnr2_PDB_ins_code 
_struct_conn.ptnr1_auth_asym_id 
_struct_conn.ptnr1_auth_comp_id 
_struct_conn.ptnr1_auth_seq_id 
_struct_conn.ptnr2_auth_asym_id 
_struct_conn.ptnr2_auth_comp_id 
_struct_conn.ptnr2_auth_seq_id 
_struct_conn.ptnr2_symmetry 
_struct_conn.pdbx_ptnr3_label_atom_id 
_struct_conn.pdbx_ptnr3_label_seq_id 
_struct_conn.pdbx_ptnr3_label_comp_id 
_struct_conn.pdbx_ptnr3_label_asym_id 
_struct_conn.pdbx_ptnr3_label_alt_id 
_struct_conn.pdbx_ptnr3_PDB_ins_code 
_struct_conn.details 
_struct_conn.pdbx_dist_value 
_struct_conn.pdbx_value_order 
_struct_conn.pdbx_role 
disulf1 disulf ? ? A CYS 36 SG A ? ? 1_555 A CYS 63 SG A ? A CYS 39 A CYS 66 1_555 ? ? ? ? ? ? ? 2.072 ? ? 
disulf2 disulf ? ? A CYS 66 SG ? ? ? 1_555 A CYS 92 SG ? ? A CYS 69 A CYS 95 1_555 ? ? ? ? ? ? ? 2.080 ? ? 
# 
_struct_conn_type.id          disulf 
_struct_conn_type.criteria    ? 
_struct_conn_type.reference   ? 
# 
loop_
_pdbx_modification_feature.ordinal 
_pdbx_modification_feature.label_comp_id 
_pdbx_modification_feature.label_asym_id 
_pdbx_modification_feature.label_seq_id 
_pdbx_modification_feature.label_alt_id 
_pdbx_modification_feature.modified_residue_label_comp_id 
_pdbx_modification_feature.modified_residue_label_asym_id 
_pdbx_modification_feature.modified_residue_label_seq_id 
_pdbx_modification_feature.modified_residue_label_alt_id 
_pdbx_modification_feature.auth_comp_id 
_pdbx_modification_feature.auth_asym_id 
_pdbx_modification_feature.auth_seq_id 
_pdbx_modification_feature.PDB_ins_code 
_pdbx_modification_feature.symmetry 
_pdbx_modification_feature.modified_residue_auth_comp_id 
_pdbx_modification_feature.modified_residue_auth_asym_id 
_pdbx_modification_feature.modified_residue_auth_seq_id 
_pdbx_modification_feature.modified_residue_PDB_ins_code 
_pdbx_modification_feature.modified_residue_symmetry 
_pdbx_modification_feature.comp_id_linking_atom 
_pdbx_modification_feature.modified_residue_id_linking_atom 
_pdbx_modification_feature.modified_residue_id 
_pdbx_modification_feature.ref_pcm_id 
_pdbx_modification_feature.ref_comp_id 
_pdbx_modification_feature.type 
_pdbx_modification_feature.category 
1 CYS A 36 A CYS A 63 A CYS A 39 ? 1_555 CYS A 66 ? 1_555 SG SG . . . None 'Disulfide bridge' 
2 CYS A 66 ? CYS A 92 ? CYS A 69 ? 1_555 CYS A 95 ? 1_555 SG SG . . . None 'Disulfide bridge' 
# 
loop_
_struct_sheet.id 
_struct_sheet.type 
_struct_sheet.number_strands 
_struct_sheet.details 
AA1 ? 4 ? 
AA2 ? 4 ? 
# 
loop_
_struct_sheet_order.sheet_id 
_struct_sheet_order.range_id_1 
_struct_sheet_order.range_id_2 
_struct_sheet_order.offset 
_struct_sheet_order.sense 
AA1 1 2 ? anti-parallel 
AA1 2 3 ? anti-parallel 
AA1 3 4 ? anti-parallel 
AA2 1 2 ? anti-parallel 
AA2 2 3 ? anti-parallel 
AA2 3 4 ? anti-parallel 
# 
loop_
_struct_sheet_range.sheet_id 
_struct_sheet_range.id 
_struct_sheet_range.beg_label_comp_id 
_struct_sheet_range.beg_label_asym_id 
_struct_sheet_range.beg_label_seq_id 
_struct_sheet_range.pdbx_beg_PDB_ins_code 
_struct_sheet_range.end_label_comp_id 
_struct_sheet_range.end_label_asym_id 
_struct_sheet_range.end_label_seq_id 
_struct_sheet_range.pdbx_end_PDB_ins_code 
_struct_sheet_range.beg_auth_comp_id 
_struct_sheet_range.beg_auth_asym_id 
_struct_sheet_range.beg_auth_seq_id 
_struct_sheet_range.end_auth_comp_id 
_struct_sheet_range.end_auth_asym_id 
_struct_sheet_range.end_auth_seq_id 
AA1 1 LEU A 38 ? VAL A 47 ? LEU A 41 VAL A 50 
AA1 2 GLY A 50 ? GLY A 59 ? GLY A 53 GLY A 62 
AA1 3 CYS A 66 ? PRO A 74 ? CYS A 69 PRO A 77 
AA1 4 SER A 83 ? VAL A 84 ? SER A 86 VAL A 87 
AA2 1 LEU A 38 ? VAL A 47 ? LEU A 41 VAL A 50 
AA2 2 GLY A 50 ? GLY A 59 ? GLY A 53 GLY A 62 
AA2 3 CYS A 66 ? PRO A 74 ? CYS A 69 PRO A 77 
AA2 4 THR A 88 ? VAL A 90 ? THR A 91 VAL A 93 
# 
loop_
_pdbx_struct_sheet_hbond.sheet_id 
_pdbx_struct_sheet_hbond.range_id_1 
_pdbx_struct_sheet_hbond.range_id_2 
_pdbx_struct_sheet_hbond.range_1_label_atom_id 
_pdbx_struct_sheet_hbond.range_1_label_comp_id 
_pdbx_struct_sheet_hbond.range_1_label_asym_id 
_pdbx_struct_sheet_hbond.range_1_label_seq_id 
_pdbx_struct_sheet_hbond.range_1_PDB_ins_code 
_pdbx_struct_sheet_hbond.range_1_auth_atom_id 
_pdbx_struct_sheet_hbond.range_1_auth_comp_id 
_pdbx_struct_sheet_hbond.range_1_auth_asym_id 
_pdbx_struct_sheet_hbond.range_1_auth_seq_id 
_pdbx_struct_sheet_hbond.range_2_label_atom_id 
_pdbx_struct_sheet_hbond.range_2_label_comp_id 
_pdbx_struct_sheet_hbond.range_2_label_asym_id 
_pdbx_struct_sheet_hbond.range_2_label_seq_id 
_pdbx_struct_sheet_hbond.range_2_PDB_ins_code 
_pdbx_struct_sheet_hbond.range_2_auth_atom_id 
_pdbx_struct_sheet_hbond.range_2_auth_comp_id 
_pdbx_struct_sheet_hbond.range_2_auth_asym_id 
_pdbx_struct_sheet_hbond.range_2_auth_seq_id 
AA1 1 2 N SER A 44 ? N SER A 47 O LYS A 54 ? O LYS A 57 
AA1 2 3 N TYR A 53 ? N TYR A 56 O VAL A 71 ? O VAL A 74 
AA1 3 4 N PHE A 72 ? N PHE A 75 O SER A 83 ? O SER A 86 
AA2 1 2 N SER A 44 ? N SER A 47 O LYS A 54 ? O LYS A 57 
AA2 2 3 N TYR A 53 ? N TYR A 56 O VAL A 71 ? O VAL A 74 
AA2 3 4 N GLU A 68 ? N GLU A 71 O THR A 88 ? O THR A 91 
# 
loop_
_struct_site.id 
_struct_site.pdbx_evidence_code 
_struct_site.pdbx_auth_asym_id 
_struct_site.pdbx_auth_comp_id 
_struct_site.pdbx_auth_seq_id 
_struct_site.pdbx_auth_ins_code 
_struct_site.pdbx_num_residues 
_struct_site.details 
AC1 Software A IOD 101 ? 2 'binding site for residue IOD A 101' 
AC2 Software A IOD 102 ? 4 'binding site for residue IOD A 102' 
# 
loop_
_struct_site_gen.id 
_struct_site_gen.site_id 
_struct_site_gen.pdbx_num_res 
_struct_site_gen.label_comp_id 
_struct_site_gen.label_asym_id 
_struct_site_gen.label_seq_id 
_struct_site_gen.pdbx_auth_ins_code 
_struct_site_gen.auth_comp_id 
_struct_site_gen.auth_asym_id 
_struct_site_gen.auth_seq_id 
_struct_site_gen.label_atom_id 
_struct_site_gen.label_alt_id 
_struct_site_gen.symmetry 
_struct_site_gen.details 
1 AC1 2 ARG A 15 ? ARG A 18  . ? 6_555 ? 
2 AC1 2 LEU A 40 ? LEU A 43  . ? 6_555 ? 
3 AC2 4 ARG A 89 ? ARG A 92  . ? 1_555 ? 
4 AC2 4 ARG A 89 ? ARG A 92  . ? 4_556 ? 
5 AC2 4 HOH D .  ? HOH A 273 . ? 4_556 ? 
6 AC2 4 HOH D .  ? HOH A 273 . ? 1_555 ? 
# 
_pdbx_entry_details.entry_id                   6I1M 
_pdbx_entry_details.compound_details           ? 
_pdbx_entry_details.source_details             ? 
_pdbx_entry_details.nonpolymer_details         ? 
_pdbx_entry_details.sequence_details           ? 
_pdbx_entry_details.has_ligand_of_interest     ? 
_pdbx_entry_details.has_protein_modification   Y 
# 
loop_
_pdbx_validate_torsion.id 
_pdbx_validate_torsion.PDB_model_num 
_pdbx_validate_torsion.auth_comp_id 
_pdbx_validate_torsion.auth_asym_id 
_pdbx_validate_torsion.auth_seq_id 
_pdbx_validate_torsion.PDB_ins_code 
_pdbx_validate_torsion.label_alt_id 
_pdbx_validate_torsion.phi 
_pdbx_validate_torsion.psi 
1 1 VAL A 51 ? ? -118.68 -136.19 
2 1 CYS A 66 ? A -147.14 51.50   
3 1 CYS A 66 ? B -152.80 57.98   
# 
loop_
_pdbx_struct_special_symmetry.id 
_pdbx_struct_special_symmetry.PDB_model_num 
_pdbx_struct_special_symmetry.auth_asym_id 
_pdbx_struct_special_symmetry.auth_comp_id 
_pdbx_struct_special_symmetry.auth_seq_id 
_pdbx_struct_special_symmetry.PDB_ins_code 
_pdbx_struct_special_symmetry.label_asym_id 
_pdbx_struct_special_symmetry.label_comp_id 
_pdbx_struct_special_symmetry.label_seq_id 
1 1 A IOD 102 ? C IOD . 
2 1 A HOH 273 ? D HOH . 
# 
loop_
_chem_comp_atom.comp_id 
_chem_comp_atom.atom_id 
_chem_comp_atom.type_symbol 
_chem_comp_atom.pdbx_aromatic_flag 
_chem_comp_atom.pdbx_stereo_config 
_chem_comp_atom.pdbx_ordinal 
ALA N    N N N 1   
ALA CA   C N S 2   
ALA C    C N N 3   
ALA O    O N N 4   
ALA CB   C N N 5   
ALA OXT  O N N 6   
ALA H    H N N 7   
ALA H2   H N N 8   
ALA HA   H N N 9   
ALA HB1  H N N 10  
ALA HB2  H N N 11  
ALA HB3  H N N 12  
ALA HXT  H N N 13  
ARG N    N N N 14  
ARG CA   C N S 15  
ARG C    C N N 16  
ARG O    O N N 17  
ARG CB   C N N 18  
ARG CG   C N N 19  
ARG CD   C N N 20  
ARG NE   N N N 21  
ARG CZ   C N N 22  
ARG NH1  N N N 23  
ARG NH2  N N N 24  
ARG OXT  O N N 25  
ARG H    H N N 26  
ARG H2   H N N 27  
ARG HA   H N N 28  
ARG HB2  H N N 29  
ARG HB3  H N N 30  
ARG HG2  H N N 31  
ARG HG3  H N N 32  
ARG HD2  H N N 33  
ARG HD3  H N N 34  
ARG HE   H N N 35  
ARG HH11 H N N 36  
ARG HH12 H N N 37  
ARG HH21 H N N 38  
ARG HH22 H N N 39  
ARG HXT  H N N 40  
ASN N    N N N 41  
ASN CA   C N S 42  
ASN C    C N N 43  
ASN O    O N N 44  
ASN CB   C N N 45  
ASN CG   C N N 46  
ASN OD1  O N N 47  
ASN ND2  N N N 48  
ASN OXT  O N N 49  
ASN H    H N N 50  
ASN H2   H N N 51  
ASN HA   H N N 52  
ASN HB2  H N N 53  
ASN HB3  H N N 54  
ASN HD21 H N N 55  
ASN HD22 H N N 56  
ASN HXT  H N N 57  
CYS N    N N N 58  
CYS CA   C N R 59  
CYS C    C N N 60  
CYS O    O N N 61  
CYS CB   C N N 62  
CYS SG   S N N 63  
CYS OXT  O N N 64  
CYS H    H N N 65  
CYS H2   H N N 66  
CYS HA   H N N 67  
CYS HB2  H N N 68  
CYS HB3  H N N 69  
CYS HG   H N N 70  
CYS HXT  H N N 71  
GLN N    N N N 72  
GLN CA   C N S 73  
GLN C    C N N 74  
GLN O    O N N 75  
GLN CB   C N N 76  
GLN CG   C N N 77  
GLN CD   C N N 78  
GLN OE1  O N N 79  
GLN NE2  N N N 80  
GLN OXT  O N N 81  
GLN H    H N N 82  
GLN H2   H N N 83  
GLN HA   H N N 84  
GLN HB2  H N N 85  
GLN HB3  H N N 86  
GLN HG2  H N N 87  
GLN HG3  H N N 88  
GLN HE21 H N N 89  
GLN HE22 H N N 90  
GLN HXT  H N N 91  
GLU N    N N N 92  
GLU CA   C N S 93  
GLU C    C N N 94  
GLU O    O N N 95  
GLU CB   C N N 96  
GLU CG   C N N 97  
GLU CD   C N N 98  
GLU OE1  O N N 99  
GLU OE2  O N N 100 
GLU OXT  O N N 101 
GLU H    H N N 102 
GLU H2   H N N 103 
GLU HA   H N N 104 
GLU HB2  H N N 105 
GLU HB3  H N N 106 
GLU HG2  H N N 107 
GLU HG3  H N N 108 
GLU HE2  H N N 109 
GLU HXT  H N N 110 
GLY N    N N N 111 
GLY CA   C N N 112 
GLY C    C N N 113 
GLY O    O N N 114 
GLY OXT  O N N 115 
GLY H    H N N 116 
GLY H2   H N N 117 
GLY HA2  H N N 118 
GLY HA3  H N N 119 
GLY HXT  H N N 120 
HOH O    O N N 121 
HOH H1   H N N 122 
HOH H2   H N N 123 
ILE N    N N N 124 
ILE CA   C N S 125 
ILE C    C N N 126 
ILE O    O N N 127 
ILE CB   C N S 128 
ILE CG1  C N N 129 
ILE CG2  C N N 130 
ILE CD1  C N N 131 
ILE OXT  O N N 132 
ILE H    H N N 133 
ILE H2   H N N 134 
ILE HA   H N N 135 
ILE HB   H N N 136 
ILE HG12 H N N 137 
ILE HG13 H N N 138 
ILE HG21 H N N 139 
ILE HG22 H N N 140 
ILE HG23 H N N 141 
ILE HD11 H N N 142 
ILE HD12 H N N 143 
ILE HD13 H N N 144 
ILE HXT  H N N 145 
IOD I    I N N 146 
LEU N    N N N 147 
LEU CA   C N S 148 
LEU C    C N N 149 
LEU O    O N N 150 
LEU CB   C N N 151 
LEU CG   C N N 152 
LEU CD1  C N N 153 
LEU CD2  C N N 154 
LEU OXT  O N N 155 
LEU H    H N N 156 
LEU H2   H N N 157 
LEU HA   H N N 158 
LEU HB2  H N N 159 
LEU HB3  H N N 160 
LEU HG   H N N 161 
LEU HD11 H N N 162 
LEU HD12 H N N 163 
LEU HD13 H N N 164 
LEU HD21 H N N 165 
LEU HD22 H N N 166 
LEU HD23 H N N 167 
LEU HXT  H N N 168 
LYS N    N N N 169 
LYS CA   C N S 170 
LYS C    C N N 171 
LYS O    O N N 172 
LYS CB   C N N 173 
LYS CG   C N N 174 
LYS CD   C N N 175 
LYS CE   C N N 176 
LYS NZ   N N N 177 
LYS OXT  O N N 178 
LYS H    H N N 179 
LYS H2   H N N 180 
LYS HA   H N N 181 
LYS HB2  H N N 182 
LYS HB3  H N N 183 
LYS HG2  H N N 184 
LYS HG3  H N N 185 
LYS HD2  H N N 186 
LYS HD3  H N N 187 
LYS HE2  H N N 188 
LYS HE3  H N N 189 
LYS HZ1  H N N 190 
LYS HZ2  H N N 191 
LYS HZ3  H N N 192 
LYS HXT  H N N 193 
MET N    N N N 194 
MET CA   C N S 195 
MET C    C N N 196 
MET O    O N N 197 
MET CB   C N N 198 
MET CG   C N N 199 
MET SD   S N N 200 
MET CE   C N N 201 
MET OXT  O N N 202 
MET H    H N N 203 
MET H2   H N N 204 
MET HA   H N N 205 
MET HB2  H N N 206 
MET HB3  H N N 207 
MET HG2  H N N 208 
MET HG3  H N N 209 
MET HE1  H N N 210 
MET HE2  H N N 211 
MET HE3  H N N 212 
MET HXT  H N N 213 
PHE N    N N N 214 
PHE CA   C N S 215 
PHE C    C N N 216 
PHE O    O N N 217 
PHE CB   C N N 218 
PHE CG   C Y N 219 
PHE CD1  C Y N 220 
PHE CD2  C Y N 221 
PHE CE1  C Y N 222 
PHE CE2  C Y N 223 
PHE CZ   C Y N 224 
PHE OXT  O N N 225 
PHE H    H N N 226 
PHE H2   H N N 227 
PHE HA   H N N 228 
PHE HB2  H N N 229 
PHE HB3  H N N 230 
PHE HD1  H N N 231 
PHE HD2  H N N 232 
PHE HE1  H N N 233 
PHE HE2  H N N 234 
PHE HZ   H N N 235 
PHE HXT  H N N 236 
PRO N    N N N 237 
PRO CA   C N S 238 
PRO C    C N N 239 
PRO O    O N N 240 
PRO CB   C N N 241 
PRO CG   C N N 242 
PRO CD   C N N 243 
PRO OXT  O N N 244 
PRO H    H N N 245 
PRO HA   H N N 246 
PRO HB2  H N N 247 
PRO HB3  H N N 248 
PRO HG2  H N N 249 
PRO HG3  H N N 250 
PRO HD2  H N N 251 
PRO HD3  H N N 252 
PRO HXT  H N N 253 
SER N    N N N 254 
SER CA   C N S 255 
SER C    C N N 256 
SER O    O N N 257 
SER CB   C N N 258 
SER OG   O N N 259 
SER OXT  O N N 260 
SER H    H N N 261 
SER H2   H N N 262 
SER HA   H N N 263 
SER HB2  H N N 264 
SER HB3  H N N 265 
SER HG   H N N 266 
SER HXT  H N N 267 
THR N    N N N 268 
THR CA   C N S 269 
THR C    C N N 270 
THR O    O N N 271 
THR CB   C N R 272 
THR OG1  O N N 273 
THR CG2  C N N 274 
THR OXT  O N N 275 
THR H    H N N 276 
THR H2   H N N 277 
THR HA   H N N 278 
THR HB   H N N 279 
THR HG1  H N N 280 
THR HG21 H N N 281 
THR HG22 H N N 282 
THR HG23 H N N 283 
THR HXT  H N N 284 
TRP N    N N N 285 
TRP CA   C N S 286 
TRP C    C N N 287 
TRP O    O N N 288 
TRP CB   C N N 289 
TRP CG   C Y N 290 
TRP CD1  C Y N 291 
TRP CD2  C Y N 292 
TRP NE1  N Y N 293 
TRP CE2  C Y N 294 
TRP CE3  C Y N 295 
TRP CZ2  C Y N 296 
TRP CZ3  C Y N 297 
TRP CH2  C Y N 298 
TRP OXT  O N N 299 
TRP H    H N N 300 
TRP H2   H N N 301 
TRP HA   H N N 302 
TRP HB2  H N N 303 
TRP HB3  H N N 304 
TRP HD1  H N N 305 
TRP HE1  H N N 306 
TRP HE3  H N N 307 
TRP HZ2  H N N 308 
TRP HZ3  H N N 309 
TRP HH2  H N N 310 
TRP HXT  H N N 311 
TYR N    N N N 312 
TYR CA   C N S 313 
TYR C    C N N 314 
TYR O    O N N 315 
TYR CB   C N N 316 
TYR CG   C Y N 317 
TYR CD1  C Y N 318 
TYR CD2  C Y N 319 
TYR CE1  C Y N 320 
TYR CE2  C Y N 321 
TYR CZ   C Y N 322 
TYR OH   O N N 323 
TYR OXT  O N N 324 
TYR H    H N N 325 
TYR H2   H N N 326 
TYR HA   H N N 327 
TYR HB2  H N N 328 
TYR HB3  H N N 329 
TYR HD1  H N N 330 
TYR HD2  H N N 331 
TYR HE1  H N N 332 
TYR HE2  H N N 333 
TYR HH   H N N 334 
TYR HXT  H N N 335 
VAL N    N N N 336 
VAL CA   C N S 337 
VAL C    C N N 338 
VAL O    O N N 339 
VAL CB   C N N 340 
VAL CG1  C N N 341 
VAL CG2  C N N 342 
VAL OXT  O N N 343 
VAL H    H N N 344 
VAL H2   H N N 345 
VAL HA   H N N 346 
VAL HB   H N N 347 
VAL HG11 H N N 348 
VAL HG12 H N N 349 
VAL HG13 H N N 350 
VAL HG21 H N N 351 
VAL HG22 H N N 352 
VAL HG23 H N N 353 
VAL HXT  H N N 354 
# 
loop_
_chem_comp_bond.comp_id 
_chem_comp_bond.atom_id_1 
_chem_comp_bond.atom_id_2 
_chem_comp_bond.value_order 
_chem_comp_bond.pdbx_aromatic_flag 
_chem_comp_bond.pdbx_stereo_config 
_chem_comp_bond.pdbx_ordinal 
ALA N   CA   sing N N 1   
ALA N   H    sing N N 2   
ALA N   H2   sing N N 3   
ALA CA  C    sing N N 4   
ALA CA  CB   sing N N 5   
ALA CA  HA   sing N N 6   
ALA C   O    doub N N 7   
ALA C   OXT  sing N N 8   
ALA CB  HB1  sing N N 9   
ALA CB  HB2  sing N N 10  
ALA CB  HB3  sing N N 11  
ALA OXT HXT  sing N N 12  
ARG N   CA   sing N N 13  
ARG N   H    sing N N 14  
ARG N   H2   sing N N 15  
ARG CA  C    sing N N 16  
ARG CA  CB   sing N N 17  
ARG CA  HA   sing N N 18  
ARG C   O    doub N N 19  
ARG C   OXT  sing N N 20  
ARG CB  CG   sing N N 21  
ARG CB  HB2  sing N N 22  
ARG CB  HB3  sing N N 23  
ARG CG  CD   sing N N 24  
ARG CG  HG2  sing N N 25  
ARG CG  HG3  sing N N 26  
ARG CD  NE   sing N N 27  
ARG CD  HD2  sing N N 28  
ARG CD  HD3  sing N N 29  
ARG NE  CZ   sing N N 30  
ARG NE  HE   sing N N 31  
ARG CZ  NH1  sing N N 32  
ARG CZ  NH2  doub N N 33  
ARG NH1 HH11 sing N N 34  
ARG NH1 HH12 sing N N 35  
ARG NH2 HH21 sing N N 36  
ARG NH2 HH22 sing N N 37  
ARG OXT HXT  sing N N 38  
ASN N   CA   sing N N 39  
ASN N   H    sing N N 40  
ASN N   H2   sing N N 41  
ASN CA  C    sing N N 42  
ASN CA  CB   sing N N 43  
ASN CA  HA   sing N N 44  
ASN C   O    doub N N 45  
ASN C   OXT  sing N N 46  
ASN CB  CG   sing N N 47  
ASN CB  HB2  sing N N 48  
ASN CB  HB3  sing N N 49  
ASN CG  OD1  doub N N 50  
ASN CG  ND2  sing N N 51  
ASN ND2 HD21 sing N N 52  
ASN ND2 HD22 sing N N 53  
ASN OXT HXT  sing N N 54  
CYS N   CA   sing N N 55  
CYS N   H    sing N N 56  
CYS N   H2   sing N N 57  
CYS CA  C    sing N N 58  
CYS CA  CB   sing N N 59  
CYS CA  HA   sing N N 60  
CYS C   O    doub N N 61  
CYS C   OXT  sing N N 62  
CYS CB  SG   sing N N 63  
CYS CB  HB2  sing N N 64  
CYS CB  HB3  sing N N 65  
CYS SG  HG   sing N N 66  
CYS OXT HXT  sing N N 67  
GLN N   CA   sing N N 68  
GLN N   H    sing N N 69  
GLN N   H2   sing N N 70  
GLN CA  C    sing N N 71  
GLN CA  CB   sing N N 72  
GLN CA  HA   sing N N 73  
GLN C   O    doub N N 74  
GLN C   OXT  sing N N 75  
GLN CB  CG   sing N N 76  
GLN CB  HB2  sing N N 77  
GLN CB  HB3  sing N N 78  
GLN CG  CD   sing N N 79  
GLN CG  HG2  sing N N 80  
GLN CG  HG3  sing N N 81  
GLN CD  OE1  doub N N 82  
GLN CD  NE2  sing N N 83  
GLN NE2 HE21 sing N N 84  
GLN NE2 HE22 sing N N 85  
GLN OXT HXT  sing N N 86  
GLU N   CA   sing N N 87  
GLU N   H    sing N N 88  
GLU N   H2   sing N N 89  
GLU CA  C    sing N N 90  
GLU CA  CB   sing N N 91  
GLU CA  HA   sing N N 92  
GLU C   O    doub N N 93  
GLU C   OXT  sing N N 94  
GLU CB  CG   sing N N 95  
GLU CB  HB2  sing N N 96  
GLU CB  HB3  sing N N 97  
GLU CG  CD   sing N N 98  
GLU CG  HG2  sing N N 99  
GLU CG  HG3  sing N N 100 
GLU CD  OE1  doub N N 101 
GLU CD  OE2  sing N N 102 
GLU OE2 HE2  sing N N 103 
GLU OXT HXT  sing N N 104 
GLY N   CA   sing N N 105 
GLY N   H    sing N N 106 
GLY N   H2   sing N N 107 
GLY CA  C    sing N N 108 
GLY CA  HA2  sing N N 109 
GLY CA  HA3  sing N N 110 
GLY C   O    doub N N 111 
GLY C   OXT  sing N N 112 
GLY OXT HXT  sing N N 113 
HOH O   H1   sing N N 114 
HOH O   H2   sing N N 115 
ILE N   CA   sing N N 116 
ILE N   H    sing N N 117 
ILE N   H2   sing N N 118 
ILE CA  C    sing N N 119 
ILE CA  CB   sing N N 120 
ILE CA  HA   sing N N 121 
ILE C   O    doub N N 122 
ILE C   OXT  sing N N 123 
ILE CB  CG1  sing N N 124 
ILE CB  CG2  sing N N 125 
ILE CB  HB   sing N N 126 
ILE CG1 CD1  sing N N 127 
ILE CG1 HG12 sing N N 128 
ILE CG1 HG13 sing N N 129 
ILE CG2 HG21 sing N N 130 
ILE CG2 HG22 sing N N 131 
ILE CG2 HG23 sing N N 132 
ILE CD1 HD11 sing N N 133 
ILE CD1 HD12 sing N N 134 
ILE CD1 HD13 sing N N 135 
ILE OXT HXT  sing N N 136 
LEU N   CA   sing N N 137 
LEU N   H    sing N N 138 
LEU N   H2   sing N N 139 
LEU CA  C    sing N N 140 
LEU CA  CB   sing N N 141 
LEU CA  HA   sing N N 142 
LEU C   O    doub N N 143 
LEU C   OXT  sing N N 144 
LEU CB  CG   sing N N 145 
LEU CB  HB2  sing N N 146 
LEU CB  HB3  sing N N 147 
LEU CG  CD1  sing N N 148 
LEU CG  CD2  sing N N 149 
LEU CG  HG   sing N N 150 
LEU CD1 HD11 sing N N 151 
LEU CD1 HD12 sing N N 152 
LEU CD1 HD13 sing N N 153 
LEU CD2 HD21 sing N N 154 
LEU CD2 HD22 sing N N 155 
LEU CD2 HD23 sing N N 156 
LEU OXT HXT  sing N N 157 
LYS N   CA   sing N N 158 
LYS N   H    sing N N 159 
LYS N   H2   sing N N 160 
LYS CA  C    sing N N 161 
LYS CA  CB   sing N N 162 
LYS CA  HA   sing N N 163 
LYS C   O    doub N N 164 
LYS C   OXT  sing N N 165 
LYS CB  CG   sing N N 166 
LYS CB  HB2  sing N N 167 
LYS CB  HB3  sing N N 168 
LYS CG  CD   sing N N 169 
LYS CG  HG2  sing N N 170 
LYS CG  HG3  sing N N 171 
LYS CD  CE   sing N N 172 
LYS CD  HD2  sing N N 173 
LYS CD  HD3  sing N N 174 
LYS CE  NZ   sing N N 175 
LYS CE  HE2  sing N N 176 
LYS CE  HE3  sing N N 177 
LYS NZ  HZ1  sing N N 178 
LYS NZ  HZ2  sing N N 179 
LYS NZ  HZ3  sing N N 180 
LYS OXT HXT  sing N N 181 
MET N   CA   sing N N 182 
MET N   H    sing N N 183 
MET N   H2   sing N N 184 
MET CA  C    sing N N 185 
MET CA  CB   sing N N 186 
MET CA  HA   sing N N 187 
MET C   O    doub N N 188 
MET C   OXT  sing N N 189 
MET CB  CG   sing N N 190 
MET CB  HB2  sing N N 191 
MET CB  HB3  sing N N 192 
MET CG  SD   sing N N 193 
MET CG  HG2  sing N N 194 
MET CG  HG3  sing N N 195 
MET SD  CE   sing N N 196 
MET CE  HE1  sing N N 197 
MET CE  HE2  sing N N 198 
MET CE  HE3  sing N N 199 
MET OXT HXT  sing N N 200 
PHE N   CA   sing N N 201 
PHE N   H    sing N N 202 
PHE N   H2   sing N N 203 
PHE CA  C    sing N N 204 
PHE CA  CB   sing N N 205 
PHE CA  HA   sing N N 206 
PHE C   O    doub N N 207 
PHE C   OXT  sing N N 208 
PHE CB  CG   sing N N 209 
PHE CB  HB2  sing N N 210 
PHE CB  HB3  sing N N 211 
PHE CG  CD1  doub Y N 212 
PHE CG  CD2  sing Y N 213 
PHE CD1 CE1  sing Y N 214 
PHE CD1 HD1  sing N N 215 
PHE CD2 CE2  doub Y N 216 
PHE CD2 HD2  sing N N 217 
PHE CE1 CZ   doub Y N 218 
PHE CE1 HE1  sing N N 219 
PHE CE2 CZ   sing Y N 220 
PHE CE2 HE2  sing N N 221 
PHE CZ  HZ   sing N N 222 
PHE OXT HXT  sing N N 223 
PRO N   CA   sing N N 224 
PRO N   CD   sing N N 225 
PRO N   H    sing N N 226 
PRO CA  C    sing N N 227 
PRO CA  CB   sing N N 228 
PRO CA  HA   sing N N 229 
PRO C   O    doub N N 230 
PRO C   OXT  sing N N 231 
PRO CB  CG   sing N N 232 
PRO CB  HB2  sing N N 233 
PRO CB  HB3  sing N N 234 
PRO CG  CD   sing N N 235 
PRO CG  HG2  sing N N 236 
PRO CG  HG3  sing N N 237 
PRO CD  HD2  sing N N 238 
PRO CD  HD3  sing N N 239 
PRO OXT HXT  sing N N 240 
SER N   CA   sing N N 241 
SER N   H    sing N N 242 
SER N   H2   sing N N 243 
SER CA  C    sing N N 244 
SER CA  CB   sing N N 245 
SER CA  HA   sing N N 246 
SER C   O    doub N N 247 
SER C   OXT  sing N N 248 
SER CB  OG   sing N N 249 
SER CB  HB2  sing N N 250 
SER CB  HB3  sing N N 251 
SER OG  HG   sing N N 252 
SER OXT HXT  sing N N 253 
THR N   CA   sing N N 254 
THR N   H    sing N N 255 
THR N   H2   sing N N 256 
THR CA  C    sing N N 257 
THR CA  CB   sing N N 258 
THR CA  HA   sing N N 259 
THR C   O    doub N N 260 
THR C   OXT  sing N N 261 
THR CB  OG1  sing N N 262 
THR CB  CG2  sing N N 263 
THR CB  HB   sing N N 264 
THR OG1 HG1  sing N N 265 
THR CG2 HG21 sing N N 266 
THR CG2 HG22 sing N N 267 
THR CG2 HG23 sing N N 268 
THR OXT HXT  sing N N 269 
TRP N   CA   sing N N 270 
TRP N   H    sing N N 271 
TRP N   H2   sing N N 272 
TRP CA  C    sing N N 273 
TRP CA  CB   sing N N 274 
TRP CA  HA   sing N N 275 
TRP C   O    doub N N 276 
TRP C   OXT  sing N N 277 
TRP CB  CG   sing N N 278 
TRP CB  HB2  sing N N 279 
TRP CB  HB3  sing N N 280 
TRP CG  CD1  doub Y N 281 
TRP CG  CD2  sing Y N 282 
TRP CD1 NE1  sing Y N 283 
TRP CD1 HD1  sing N N 284 
TRP CD2 CE2  doub Y N 285 
TRP CD2 CE3  sing Y N 286 
TRP NE1 CE2  sing Y N 287 
TRP NE1 HE1  sing N N 288 
TRP CE2 CZ2  sing Y N 289 
TRP CE3 CZ3  doub Y N 290 
TRP CE3 HE3  sing N N 291 
TRP CZ2 CH2  doub Y N 292 
TRP CZ2 HZ2  sing N N 293 
TRP CZ3 CH2  sing Y N 294 
TRP CZ3 HZ3  sing N N 295 
TRP CH2 HH2  sing N N 296 
TRP OXT HXT  sing N N 297 
TYR N   CA   sing N N 298 
TYR N   H    sing N N 299 
TYR N   H2   sing N N 300 
TYR CA  C    sing N N 301 
TYR CA  CB   sing N N 302 
TYR CA  HA   sing N N 303 
TYR C   O    doub N N 304 
TYR C   OXT  sing N N 305 
TYR CB  CG   sing N N 306 
TYR CB  HB2  sing N N 307 
TYR CB  HB3  sing N N 308 
TYR CG  CD1  doub Y N 309 
TYR CG  CD2  sing Y N 310 
TYR CD1 CE1  sing Y N 311 
TYR CD1 HD1  sing N N 312 
TYR CD2 CE2  doub Y N 313 
TYR CD2 HD2  sing N N 314 
TYR CE1 CZ   doub Y N 315 
TYR CE1 HE1  sing N N 316 
TYR CE2 CZ   sing Y N 317 
TYR CE2 HE2  sing N N 318 
TYR CZ  OH   sing N N 319 
TYR OH  HH   sing N N 320 
TYR OXT HXT  sing N N 321 
VAL N   CA   sing N N 322 
VAL N   H    sing N N 323 
VAL N   H2   sing N N 324 
VAL CA  C    sing N N 325 
VAL CA  CB   sing N N 326 
VAL CA  HA   sing N N 327 
VAL C   O    doub N N 328 
VAL C   OXT  sing N N 329 
VAL CB  CG1  sing N N 330 
VAL CB  CG2  sing N N 331 
VAL CB  HB   sing N N 332 
VAL CG1 HG11 sing N N 333 
VAL CG1 HG12 sing N N 334 
VAL CG1 HG13 sing N N 335 
VAL CG2 HG21 sing N N 336 
VAL CG2 HG22 sing N N 337 
VAL CG2 HG23 sing N N 338 
VAL OXT HXT  sing N N 339 
# 
loop_
_pdbx_audit_support.funding_organization 
_pdbx_audit_support.country 
_pdbx_audit_support.grant_number 
_pdbx_audit_support.ordinal 
'European Regional Development Fund'                            'Czech Republic' CZ.02.1.01/0.0/0.0/16_019/0000729 1 
'Czech Academy of Sciences'                                     'Czech Republic' 61388963                          2 
'Ministry of Education, Youth and Sports of the Czech Republic' 'Czech Republic' LO1304                            3 
# 
_atom_sites.entry_id                    6I1M 
_atom_sites.fract_transf_matrix[1][1]   0.00348015 
_atom_sites.fract_transf_matrix[1][2]   0.01342705 
_atom_sites.fract_transf_matrix[1][3]   -0.00672267 
_atom_sites.fract_transf_matrix[2][1]   0.00043049 
_atom_sites.fract_transf_matrix[2][2]   -0.00675075 
_atom_sites.fract_transf_matrix[2][3]   -0.01326028 
_atom_sites.fract_transf_matrix[3][1]   -0.02188502 
_atom_sites.fract_transf_matrix[3][2]   0.00423672 
_atom_sites.fract_transf_matrix[3][3]   -0.00286739 
_atom_sites.fract_transf_vector[1]      0.271195 
_atom_sites.fract_transf_vector[2]      0.168418 
_atom_sites.fract_transf_vector[3]      0.305372 
# 
loop_
_atom_type.symbol 
C 
I 
N 
O 
S 
# 
loop_
_atom_site.group_PDB 
_atom_site.id 
_atom_site.type_symbol 
_atom_site.label_atom_id 
_atom_site.label_alt_id 
_atom_site.label_comp_id 
_atom_site.label_asym_id 
_atom_site.label_entity_id 
_atom_site.label_seq_id 
_atom_site.pdbx_PDB_ins_code 
_atom_site.Cartn_x 
_atom_site.Cartn_y 
_atom_site.Cartn_z 
_atom_site.occupancy 
_atom_site.B_iso_or_equiv 
_atom_site.pdbx_formal_charge 
_atom_site.auth_seq_id 
_atom_site.auth_comp_id 
_atom_site.auth_asym_id 
_atom_site.auth_atom_id 
_atom_site.pdbx_PDB_model_num 
ATOM   1   N N   . VAL A 1 1  ? -16.992 -15.453 -1.449  1.00 65.22 ? 4   VAL A N   1 
ATOM   2   C CA  . VAL A 1 1  ? -15.831 -15.631 -2.393  1.00 62.53 ? 4   VAL A CA  1 
ATOM   3   C C   . VAL A 1 1  ? -15.473 -14.270 -3.015  1.00 59.01 ? 4   VAL A C   1 
ATOM   4   O O   . VAL A 1 1  ? -16.316 -13.347 -2.973  1.00 49.11 ? 4   VAL A O   1 
ATOM   5   C CB  . VAL A 1 1  ? -16.118 -16.688 -3.480  1.00 62.20 ? 4   VAL A CB  1 
ATOM   6   C CG1 . VAL A 1 1  ? -16.492 -18.038 -2.884  1.00 63.42 ? 4   VAL A CG1 1 
ATOM   7   C CG2 . VAL A 1 1  ? -17.179 -16.225 -4.470  1.00 63.75 ? 4   VAL A CG2 1 
ATOM   8   N N   . GLY A 1 2  ? -14.257 -14.161 -3.559  1.00 56.15 ? 5   GLY A N   1 
ATOM   9   C CA  . GLY A 1 2  ? -13.705 -12.938 -4.175  1.00 55.02 ? 5   GLY A CA  1 
ATOM   10  C C   . GLY A 1 2  ? -13.137 -11.955 -3.155  1.00 48.41 ? 5   GLY A C   1 
ATOM   11  O O   . GLY A 1 2  ? -12.887 -10.795 -3.543  1.00 46.05 ? 5   GLY A O   1 
ATOM   12  N N   . GLY A 1 3  ? -12.951 -12.378 -1.899  1.00 42.80 ? 6   GLY A N   1 
ATOM   13  C CA  . GLY A 1 3  ? -12.442 -11.512 -0.817  1.00 37.62 ? 6   GLY A CA  1 
ATOM   14  C C   . GLY A 1 3  ? -10.927 -11.463 -0.849  1.00 33.33 ? 6   GLY A C   1 
ATOM   15  O O   . GLY A 1 3  ? -10.328 -11.974 -1.817  1.00 31.55 ? 6   GLY A O   1 
ATOM   16  N N   . TYR A 1 4  ? -10.309 -10.900 0.184   1.00 30.12 ? 7   TYR A N   1 
ATOM   17  C CA  . TYR A 1 4  ? -8.830  -10.890 0.313   1.00 25.59 ? 7   TYR A CA  1 
ATOM   18  C C   . TYR A 1 4  ? -8.368  -12.231 0.866   1.00 26.22 ? 7   TYR A C   1 
ATOM   19  O O   . TYR A 1 4  ? -9.088  -12.851 1.671   1.00 27.97 ? 7   TYR A O   1 
ATOM   20  C CB  . TYR A 1 4  ? -8.361  -9.712  1.165   1.00 24.10 ? 7   TYR A CB  1 
ATOM   21  C CG  . TYR A 1 4  ? -8.375  -8.385  0.458   1.00 23.92 ? 7   TYR A CG  1 
ATOM   22  C CD1 . TYR A 1 4  ? -7.295  -7.947  -0.289  1.00 22.94 ? 7   TYR A CD1 1 
ATOM   23  C CD2 . TYR A 1 4  ? -9.493  -7.568  0.528   1.00 23.81 ? 7   TYR A CD2 1 
ATOM   24  C CE1 . TYR A 1 4  ? -7.318  -6.723  -0.942  1.00 21.27 ? 7   TYR A CE1 1 
ATOM   25  C CE2 . TYR A 1 4  ? -9.527  -6.336  -0.107  1.00 23.88 ? 7   TYR A CE2 1 
ATOM   26  C CZ  . TYR A 1 4  ? -8.439  -5.912  -0.852  1.00 23.21 ? 7   TYR A CZ  1 
ATOM   27  O OH  . TYR A 1 4  ? -8.475  -4.682  -1.466  1.00 24.31 ? 7   TYR A OH  1 
ATOM   28  N N   . THR A 1 5  ? -7.193  -12.663 0.424   1.00 25.59 ? 8   THR A N   1 
ATOM   29  C CA  . THR A 1 5  ? -6.360  -13.654 1.151   1.00 28.37 ? 8   THR A CA  1 
ATOM   30  C C   . THR A 1 5  ? -6.087  -13.125 2.564   1.00 28.11 ? 8   THR A C   1 
ATOM   31  O O   . THR A 1 5  ? -6.269  -11.902 2.819   1.00 26.70 ? 8   THR A O   1 
ATOM   32  C CB  . THR A 1 5  ? -5.010  -13.945 0.479   1.00 27.90 ? 8   THR A CB  1 
ATOM   33  O OG1 . THR A 1 5  ? -4.137  -12.821 0.653   1.00 28.45 ? 8   THR A OG1 1 
ATOM   34  C CG2 . THR A 1 5  ? -5.132  -14.316 -0.979  1.00 27.84 ? 8   THR A CG2 1 
ATOM   35  N N   . GLU A 1 6  ? -5.683  -14.020 3.460   1.00 30.16 ? 9   GLU A N   1 
ATOM   36  C CA  . GLU A 1 6  ? -5.088  -13.657 4.773   1.00 34.66 ? 9   GLU A CA  1 
ATOM   37  C C   . GLU A 1 6  ? -3.800  -12.897 4.517   1.00 30.41 ? 9   GLU A C   1 
ATOM   38  O O   . GLU A 1 6  ? -3.106  -13.155 3.533   1.00 30.24 ? 9   GLU A O   1 
ATOM   39  C CB  . GLU A 1 6  ? -4.865  -14.902 5.635   1.00 39.32 ? 9   GLU A CB  1 
ATOM   40  C CG  . GLU A 1 6  ? -6.146  -15.378 6.308   1.00 45.57 ? 9   GLU A CG  1 
ATOM   41  C CD  . GLU A 1 6  ? -6.834  -14.259 7.082   1.00 52.33 ? 9   GLU A CD  1 
ATOM   42  O OE1 . GLU A 1 6  ? -6.222  -13.763 8.067   1.00 58.51 ? 9   GLU A OE1 1 
ATOM   43  O OE2 . GLU A 1 6  ? -7.940  -13.823 6.655   1.00 57.37 ? 9   GLU A OE2 1 
ATOM   44  N N   . PRO A 1 7  ? -3.450  -11.926 5.385   1.00 30.08 ? 10  PRO A N   1 
ATOM   45  C CA  . PRO A 1 7  ? -2.224  -11.151 5.205   1.00 31.34 ? 10  PRO A CA  1 
ATOM   46  C C   . PRO A 1 7  ? -1.022  -12.089 5.112   1.00 29.59 ? 10  PRO A C   1 
ATOM   47  O O   . PRO A 1 7  ? -1.054  -13.158 5.696   1.00 29.75 ? 10  PRO A O   1 
ATOM   48  C CB  . PRO A 1 7  ? -2.123  -10.283 6.465   1.00 30.39 ? 10  PRO A CB  1 
ATOM   49  C CG  . PRO A 1 7  ? -3.540  -10.211 6.974   1.00 31.30 ? 10  PRO A CG  1 
ATOM   50  C CD  . PRO A 1 7  ? -4.170  -11.533 6.602   1.00 29.15 ? 10  PRO A CD  1 
ATOM   51  N N   . ARG A 1 8  ? 0.014   -11.671 4.394   1.00 25.52 ? 11  ARG A N   1 
ATOM   52  C CA  . ARG A 1 8  ? 1.245   -12.490 4.289   1.00 26.30 ? 11  ARG A CA  1 
ATOM   53  C C   . ARG A 1 8  ? 2.434   -11.541 4.256   1.00 25.58 ? 11  ARG A C   1 
ATOM   54  O O   . ARG A 1 8  ? 2.245   -10.299 4.078   1.00 24.24 ? 11  ARG A O   1 
ATOM   55  C CB  . ARG A 1 8  ? 1.211   -13.380 3.042   1.00 25.58 ? 11  ARG A CB  1 
ATOM   56  C CG  . ARG A 1 8  ? 1.070   -12.600 1.741   1.00 25.76 ? 11  ARG A CG  1 
ATOM   57  C CD  . ARG A 1 8  ? 1.541   -13.372 0.526   1.00 27.25 ? 11  ARG A CD  1 
ATOM   58  N NE  . ARG A 1 8  ? 1.223   -12.720 -0.743  1.00 25.81 ? 11  ARG A NE  1 
ATOM   59  C CZ  . ARG A 1 8  ? 1.929   -11.749 -1.315  1.00 25.97 ? 11  ARG A CZ  1 
ATOM   60  N NH1 . ARG A 1 8  ? 3.025   -11.264 -0.753  1.00 26.85 ? 11  ARG A NH1 1 
ATOM   61  N NH2 . ARG A 1 8  ? 1.536   -11.257 -2.469  1.00 27.69 ? 11  ARG A NH2 1 
ATOM   62  N N   . SER A 1 9  ? 3.635   -12.104 4.320   1.00 27.16 ? 12  SER A N   1 
ATOM   63  C CA  . SER A 1 9  ? 4.877   -11.311 4.181   1.00 27.38 ? 12  SER A CA  1 
ATOM   64  C C   . SER A 1 9  ? 4.973   -10.776 2.741   1.00 25.52 ? 12  SER A C   1 
ATOM   65  O O   . SER A 1 9  ? 4.471   -11.434 1.794   1.00 25.24 ? 12  SER A O   1 
ATOM   66  C CB  . SER A 1 9  ? 6.107   -12.082 4.620   1.00 30.08 ? 12  SER A CB  1 
ATOM   67  O OG  . SER A 1 9  ? 6.366   -13.155 3.739   1.00 35.58 ? 12  SER A OG  1 
ATOM   68  N N   . VAL A 1 10 ? 5.544   -9.572  2.615   1.00 22.73 ? 13  VAL A N   1 
ATOM   69  C CA  . VAL A 1 10 ? 5.757   -8.855  1.334   1.00 22.59 ? 13  VAL A CA  1 
ATOM   70  C C   . VAL A 1 10 ? 7.077   -9.328  0.727   1.00 22.57 ? 13  VAL A C   1 
ATOM   71  O O   . VAL A 1 10 ? 8.084   -9.369  1.451   1.00 26.69 ? 13  VAL A O   1 
ATOM   72  C CB  . VAL A 1 10 ? 5.768   -7.334  1.547   1.00 22.66 ? 13  VAL A CB  1 
ATOM   73  C CG1 . VAL A 1 10 ? 5.903   -6.590  0.229   1.00 22.06 ? 13  VAL A CG1 1 
ATOM   74  C CG2 . VAL A 1 10 ? 4.544   -6.852  2.317   1.00 23.29 ? 13  VAL A CG2 1 
ATOM   75  N N   . THR A 1 11 ? 7.094   -9.586  -0.570  1.00 23.95 ? 14  THR A N   1 
ATOM   76  C CA  . THR A 1 11 ? 8.299   -10.073 -1.279  1.00 23.25 ? 14  THR A CA  1 
ATOM   77  C C   . THR A 1 11 ? 9.222   -8.893  -1.546  1.00 22.33 ? 14  THR A C   1 
ATOM   78  O O   . THR A 1 11 ? 8.788   -7.731  -1.609  1.00 21.64 ? 14  THR A O   1 
ATOM   79  C CB  . THR A 1 11 ? 7.952   -10.793 -2.591  1.00 24.32 ? 14  THR A CB  1 
ATOM   80  O OG1 . THR A 1 11 ? 7.513   -9.790  -3.501  1.00 24.50 ? 14  THR A OG1 1 
ATOM   81  C CG2 . THR A 1 11 ? 6.905   -11.878 -2.420  1.00 26.56 ? 14  THR A CG2 1 
ATOM   82  N N   . PRO A 1 12 ? 10.524  -9.163  -1.778  1.00 21.73 ? 15  PRO A N   1 
ATOM   83  C CA  . PRO A 1 12 ? 11.458  -8.097  -2.108  1.00 21.05 ? 15  PRO A CA  1 
ATOM   84  C C   . PRO A 1 12 ? 10.973  -7.245  -3.283  1.00 21.67 ? 15  PRO A C   1 
ATOM   85  O O   . PRO A 1 12 ? 11.117  -6.049  -3.246  1.00 24.82 ? 15  PRO A O   1 
ATOM   86  C CB  . PRO A 1 12 ? 12.739  -8.865  -2.434  1.00 21.65 ? 15  PRO A CB  1 
ATOM   87  C CG  . PRO A 1 12 ? 12.631  -10.117 -1.574  1.00 23.39 ? 15  PRO A CG  1 
ATOM   88  C CD  . PRO A 1 12 ? 11.166  -10.481 -1.662  1.00 24.67 ? 15  PRO A CD  1 
ATOM   89  N N   . GLU A 1 13 ? 10.472  -7.894  -4.325  1.00 22.91 ? 16  GLU A N   1 
ATOM   90  C CA  . GLU A 1 13 ? 10.068  -7.241  -5.596  1.00 23.82 ? 16  GLU A CA  1 
ATOM   91  C C   . GLU A 1 13 ? 8.822   -6.377  -5.342  1.00 21.85 ? 16  GLU A C   1 
ATOM   92  O O   . GLU A 1 13 ? 8.754   -5.254  -5.913  1.00 26.00 ? 16  GLU A O   1 
ATOM   93  C CB  . GLU A 1 13 ? 9.850   -8.319  -6.665  1.00 24.70 ? 16  GLU A CB  1 
ATOM   94  C CG  . GLU A 1 13 ? 11.095  -9.152  -6.966  1.00 27.46 ? 16  GLU A CG  1 
ATOM   95  C CD  . GLU A 1 13 ? 11.216  -10.501 -6.247  0.80 28.38 ? 16  GLU A CD  1 
ATOM   96  O OE1 . GLU A 1 13 ? 10.596  -10.689 -5.189  0.80 21.92 ? 16  GLU A OE1 1 
ATOM   97  O OE2 . GLU A 1 13 ? 11.935  -11.365 -6.759  0.80 30.42 ? 16  GLU A OE2 1 
ATOM   98  N N   . GLU A 1 14 ? 7.910   -6.858  -4.496  1.00 20.54 ? 17  GLU A N   1 
ATOM   99  C CA  . GLU A 1 14 ? 6.694   -6.115  -4.054  1.00 20.70 ? 17  GLU A CA  1 
ATOM   100 C C   . GLU A 1 14 ? 7.143   -4.872  -3.270  1.00 21.85 ? 17  GLU A C   1 
ATOM   101 O O   . GLU A 1 14 ? 6.652   -3.765  -3.549  1.00 21.61 ? 17  GLU A O   1 
ATOM   102 C CB  . GLU A 1 14 ? 5.766   -7.008  -3.223  1.00 22.09 ? 17  GLU A CB  1 
ATOM   103 C CG  . GLU A 1 14 ? 4.898   -7.953  -4.060  1.00 21.95 ? 17  GLU A CG  1 
ATOM   104 C CD  . GLU A 1 14 ? 4.272   -9.102  -3.268  1.00 25.53 ? 17  GLU A CD  1 
ATOM   105 O OE1 . GLU A 1 14 ? 4.544   -9.209  -2.034  1.00 24.97 ? 17  GLU A OE1 1 
ATOM   106 O OE2 . GLU A 1 14 ? 3.522   -9.902  -3.890  1.00 27.17 ? 17  GLU A OE2 1 
ATOM   107 N N   . ARG A 1 15 ? 8.074   -5.011  -2.322  1.00 19.30 ? 18  ARG A N   1 
ATOM   108 C CA  . ARG A 1 15 ? 8.588   -3.810  -1.610  1.00 19.46 ? 18  ARG A CA  1 
ATOM   109 C C   . ARG A 1 15 ? 9.175   -2.841  -2.646  1.00 19.07 ? 18  ARG A C   1 
ATOM   110 O O   . ARG A 1 15 ? 8.923   -1.614  -2.579  1.00 18.64 ? 18  ARG A O   1 
ATOM   111 C CB  . ARG A 1 15 ? 9.658   -4.174  -0.585  1.00 19.37 ? 18  ARG A CB  1 
ATOM   112 C CG  . ARG A 1 15 ? 9.218   -5.172  0.468   1.00 18.71 ? 18  ARG A CG  1 
ATOM   113 C CD  . ARG A 1 15 ? 10.376  -5.445  1.404   1.00 19.83 ? 18  ARG A CD  1 
ATOM   114 N NE  . ARG A 1 15 ? 10.021  -6.577  2.246   1.00 21.81 ? 18  ARG A NE  1 
ATOM   115 C CZ  . ARG A 1 15 ? 9.299   -6.470  3.342   1.00 23.89 ? 18  ARG A CZ  1 
ATOM   116 N NH1 . ARG A 1 15 ? 8.864   -5.283  3.737   1.00 25.85 ? 18  ARG A NH1 1 
ATOM   117 N NH2 . ARG A 1 15 ? 9.040   -7.535  4.068   1.00 27.44 ? 18  ARG A NH2 1 
ATOM   118 N N   . SER A 1 16 ? 9.983   -3.340  -3.566  1.00 19.54 ? 19  SER A N   1 
ATOM   119 C CA  . SER A 1 16 ? 10.660  -2.472  -4.560  1.00 20.66 ? 19  SER A CA  1 
ATOM   120 C C   . SER A 1 16 ? 9.647   -1.627  -5.346  1.00 20.84 ? 19  SER A C   1 
ATOM   121 O O   . SER A 1 16 ? 9.907   -0.439  -5.579  1.00 19.97 ? 19  SER A O   1 
ATOM   122 C CB  . SER A 1 16 ? 11.527  -3.287  -5.466  1.00 22.38 ? 19  SER A CB  1 
ATOM   123 O OG  . SER A 1 16 ? 12.208  -2.426  -6.342  1.00 25.08 ? 19  SER A OG  1 
ATOM   124 N N   . VAL A 1 17 ? 8.496   -2.191  -5.699  1.00 21.39 ? 20  VAL A N   1 
ATOM   125 C CA  . VAL A 1 17 ? 7.534   -1.529  -6.624  1.00 22.55 ? 20  VAL A CA  1 
ATOM   126 C C   . VAL A 1 17 ? 6.567   -0.662  -5.812  1.00 21.19 ? 20  VAL A C   1 
ATOM   127 O O   . VAL A 1 17 ? 6.384   0.506   -6.153  1.00 20.11 ? 20  VAL A O   1 
ATOM   128 C CB  . VAL A 1 17 ? 6.823   -2.593  -7.492  1.00 26.95 ? 20  VAL A CB  1 
ATOM   129 C CG1 . VAL A 1 17 ? 5.587   -2.070  -8.201  1.00 27.94 ? 20  VAL A CG1 1 
ATOM   130 C CG2 . VAL A 1 17 ? 7.789   -3.183  -8.512  1.00 28.88 ? 20  VAL A CG2 1 
ATOM   131 N N   . PHE A 1 18 ? 5.994   -1.218  -4.750  1.00 20.80 ? 21  PHE A N   1 
ATOM   132 C CA  . PHE A 1 18 ? 4.824   -0.640  -4.038  1.00 20.23 ? 21  PHE A CA  1 
ATOM   133 C C   . PHE A 1 18 ? 5.261   0.330   -2.944  1.00 19.83 ? 21  PHE A C   1 
ATOM   134 O O   . PHE A 1 18 ? 4.530   1.284   -2.728  1.00 22.50 ? 21  PHE A O   1 
ATOM   135 C CB  . PHE A 1 18 ? 3.929   -1.733  -3.450  1.00 19.23 ? 21  PHE A CB  1 
ATOM   136 C CG  . PHE A 1 18 ? 3.277   -2.599  -4.503  1.00 20.97 ? 21  PHE A CG  1 
ATOM   137 C CD1 . PHE A 1 18 ? 2.418   -2.046  -5.437  1.00 22.80 ? 21  PHE A CD1 1 
ATOM   138 C CD2 . PHE A 1 18 ? 3.557   -3.955  -4.578  1.00 19.83 ? 21  PHE A CD2 1 
ATOM   139 C CE1 . PHE A 1 18 ? 1.849   -2.840  -6.430  1.00 24.15 ? 21  PHE A CE1 1 
ATOM   140 C CE2 . PHE A 1 18 ? 2.966   -4.753  -5.545  1.00 21.97 ? 21  PHE A CE2 1 
ATOM   141 C CZ  . PHE A 1 18 ? 2.099   -4.204  -6.459  1.00 23.65 ? 21  PHE A CZ  1 
ATOM   142 N N   . GLN A 1 19 ? 6.408   0.130   -2.288  1.00 19.97 ? 22  GLN A N   1 
ATOM   143 C CA  . GLN A 1 19 ? 6.785   1.008   -1.149  1.00 19.56 ? 22  GLN A CA  1 
ATOM   144 C C   . GLN A 1 19 ? 6.913   2.447   -1.642  1.00 18.41 ? 22  GLN A C   1 
ATOM   145 O O   . GLN A 1 19 ? 6.348   3.328   -1.005  1.00 17.99 ? 22  GLN A O   1 
ATOM   146 C CB  . GLN A 1 19 ? 8.010   0.514   -0.380  1.00 19.70 ? 22  GLN A CB  1 
ATOM   147 C CG  . GLN A 1 19 ? 8.313   1.348   0.862   1.00 19.84 ? 22  GLN A CG  1 
ATOM   148 C CD  . GLN A 1 19 ? 9.125   2.607   0.673   1.00 19.98 ? 22  GLN A CD  1 
ATOM   149 O OE1 . GLN A 1 19 ? 9.386   3.096   -0.430  1.00 21.27 ? 22  GLN A OE1 1 
ATOM   150 N NE2 . GLN A 1 19 ? 9.559   3.150   1.797   1.00 19.58 ? 22  GLN A NE2 1 
ATOM   151 N N   . PRO A 1 20 ? 7.624   2.782   -2.747  1.00 20.11 ? 23  PRO A N   1 
ATOM   152 C CA  . PRO A 1 20 ? 7.689   4.176   -3.209  1.00 20.28 ? 23  PRO A CA  1 
ATOM   153 C C   . PRO A 1 20 ? 6.359   4.749   -3.717  1.00 21.38 ? 23  PRO A C   1 
ATOM   154 O O   . PRO A 1 20 ? 6.153   5.936   -3.565  1.00 23.40 ? 23  PRO A O   1 
ATOM   155 C CB  . PRO A 1 20 ? 8.645   4.144   -4.408  1.00 20.45 ? 23  PRO A CB  1 
ATOM   156 C CG  . PRO A 1 20 ? 9.479   2.906   -4.151  1.00 20.15 ? 23  PRO A CG  1 
ATOM   157 C CD  . PRO A 1 20 ? 8.517   1.915   -3.544  1.00 20.27 ? 23  PRO A CD  1 
ATOM   158 N N   . MET A 1 21 ? 5.491   3.913   -4.295  1.00 21.38 ? 24  MET A N   1 
ATOM   159 C CA  . MET A 1 21 ? 4.140   4.349   -4.739  1.00 23.25 ? 24  MET A CA  1 
ATOM   160 C C   . MET A 1 21 ? 3.337   4.764   -3.505  1.00 20.73 ? 24  MET A C   1 
ATOM   161 O O   . MET A 1 21 ? 2.657   5.789   -3.545  1.00 19.65 ? 24  MET A O   1 
ATOM   162 C CB  . MET A 1 21 ? 3.367   3.234   -5.440  1.00 26.32 ? 24  MET A CB  1 
ATOM   163 C CG  . MET A 1 21 ? 3.885   2.835   -6.789  1.00 33.81 ? 24  MET A CG  1 
ATOM   164 S SD  . MET A 1 21 ? 2.736   1.616   -7.499  1.00 35.08 ? 24  MET A SD  1 
ATOM   165 C CE  . MET A 1 21 ? 3.816   0.786   -8.658  1.00 34.58 ? 24  MET A CE  1 
ATOM   166 N N   . ILE A 1 22 ? 3.391   3.968   -2.448  1.00 19.67 ? 25  ILE A N   1 
ATOM   167 C CA  . ILE A 1 22 ? 2.588   4.216   -1.214  1.00 19.27 ? 25  ILE A CA  1 
ATOM   168 C C   . ILE A 1 22 ? 3.129   5.449   -0.489  1.00 20.92 ? 25  ILE A C   1 
ATOM   169 O O   . ILE A 1 22 ? 2.302   6.259   -0.016  1.00 20.51 ? 25  ILE A O   1 
ATOM   170 C CB  . ILE A 1 22 ? 2.497   2.961   -0.337  1.00 20.29 ? 25  ILE A CB  1 
ATOM   171 C CG1 . ILE A 1 22 ? 1.783   1.848   -1.110  1.00 20.73 ? 25  ILE A CG1 1 
ATOM   172 C CG2 . ILE A 1 22 ? 1.814   3.276   0.978   1.00 18.77 ? 25  ILE A CG2 1 
ATOM   173 C CD1 . ILE A 1 22 ? 1.741   0.518   -0.401  1.00 22.45 ? 25  ILE A CD1 1 
ATOM   174 N N   . LEU A 1 23 ? 4.450   5.610   -0.450  1.00 19.25 ? 26  LEU A N   1 
ATOM   175 C CA  . LEU A 1 23 ? 5.111   6.759   0.203   1.00 20.34 ? 26  LEU A CA  1 
ATOM   176 C C   . LEU A 1 23 ? 4.671   8.022   -0.523  1.00 20.00 ? 26  LEU A C   1 
ATOM   177 O O   . LEU A 1 23 ? 4.207   8.961   0.147   1.00 19.69 ? 26  LEU A O   1 
ATOM   178 C CB  . LEU A 1 23 ? 6.623   6.592   0.094   1.00 20.93 ? 26  LEU A CB  1 
ATOM   179 C CG  . LEU A 1 23 ? 7.486   7.730   0.650   1.00 23.57 ? 26  LEU A CG  1 
ATOM   180 C CD1 . LEU A 1 23 ? 6.996   8.212   2.006   1.00 24.04 ? 26  LEU A CD1 1 
ATOM   181 C CD2 . LEU A 1 23 ? 8.940   7.278   0.757   1.00 24.21 ? 26  LEU A CD2 1 
ATOM   182 N N   . SER A 1 24 ? 4.806   8.008   -1.851  1.00 18.73 ? 27  SER A N   1 
ATOM   183 C CA  . SER A 1 24 ? 4.433   9.148   -2.718  1.00 20.96 ? 27  SER A CA  1 
ATOM   184 C C   . SER A 1 24 ? 2.979   9.548   -2.437  1.00 19.78 ? 27  SER A C   1 
ATOM   185 O O   . SER A 1 24 ? 2.737   10.733  -2.275  1.00 22.69 ? 27  SER A O   1 
ATOM   186 C CB  . SER A 1 24 ? 4.659   8.853   -4.160  1.00 20.70 ? 27  SER A CB  1 
ATOM   187 O OG  . SER A 1 24 ? 4.006   9.835   -4.929  1.00 23.12 ? 27  SER A OG  1 
ATOM   188 N N   . LYS A 1 25 ? 2.061   8.582   -2.339  1.00 20.31 ? 28  LYS A N   1 
ATOM   189 C CA  . LYS A 1 25 ? 0.612   8.821   -2.070  1.00 21.39 ? 28  LYS A CA  1 
ATOM   190 C C   . LYS A 1 25 ? 0.438   9.468   -0.695  1.00 20.90 ? 28  LYS A C   1 
ATOM   191 O O   . LYS A 1 25 ? -0.247  10.497  -0.612  1.00 20.42 ? 28  LYS A O   1 
ATOM   192 C CB  . LYS A 1 25 ? -0.191  7.520   -2.072  1.00 22.21 ? 28  LYS A CB  1 
ATOM   193 C CG  . LYS A 1 25 ? -1.700  7.701   -2.009  1.00 23.80 ? 28  LYS A CG  1 
ATOM   194 C CD  . LYS A 1 25 ? -2.238  8.710   -2.992  1.00 25.26 ? 28  LYS A CD  1 
ATOM   195 C CE  . LYS A 1 25 ? -3.746  8.848   -2.908  1.00 29.76 ? 28  LYS A CE  1 
ATOM   196 N NZ  . LYS A 1 25 ? -4.403  8.126   -4.022  1.00 30.75 ? 28  LYS A NZ  1 
ATOM   197 N N   . LEU A 1 26 ? 1.065   8.908   0.342   1.00 19.33 ? 29  LEU A N   1 
ATOM   198 C CA  . LEU A 1 26 ? 0.973   9.465   1.712   1.00 21.46 ? 29  LEU A CA  1 
ATOM   199 C C   . LEU A 1 26 ? 1.572   10.882  1.734   1.00 21.14 ? 29  LEU A C   1 
ATOM   200 O O   . LEU A 1 26 ? 0.974   11.771  2.400   1.00 23.33 ? 29  LEU A O   1 
ATOM   201 C CB  . LEU A 1 26 ? 1.665   8.533   2.703   1.00 21.21 ? 29  LEU A CB  1 
ATOM   202 C CG  . LEU A 1 26 ? 0.892   7.268   3.070   1.00 22.82 ? 29  LEU A CG  1 
ATOM   203 C CD1 . LEU A 1 26 ? 1.793   6.319   3.835   1.00 23.80 ? 29  LEU A CD1 1 
ATOM   204 C CD2 . LEU A 1 26 ? -0.362  7.600   3.863   1.00 23.93 ? 29  LEU A CD2 1 
ATOM   205 N N   . LEU A 1 27 ? 2.662   11.108  0.997   1.00 22.68 ? 30  LEU A N   1 
ATOM   206 C CA  . LEU A 1 27 ? 3.353   12.426  0.930   1.00 23.58 ? 30  LEU A CA  1 
ATOM   207 C C   . LEU A 1 27 ? 2.457   13.456  0.221   1.00 25.10 ? 30  LEU A C   1 
ATOM   208 O O   . LEU A 1 27 ? 2.242   14.574  0.773   1.00 24.58 ? 30  LEU A O   1 
ATOM   209 C CB  . LEU A 1 27 ? 4.707   12.269  0.234   1.00 26.12 ? 30  LEU A CB  1 
ATOM   210 C CG  . LEU A 1 27 ? 5.549   13.543  0.189   1.00 27.81 ? 30  LEU A CG  1 
ATOM   211 C CD1 . LEU A 1 27 ? 5.884   14.048  1.600   1.00 28.27 ? 30  LEU A CD1 1 
ATOM   212 C CD2 . LEU A 1 27 ? 6.822   13.309  -0.605  1.00 30.18 ? 30  LEU A CD2 1 
ATOM   213 N N   . THR A 1 28 ? 1.890   13.110  -0.931  1.00 21.89 ? 31  THR A N   1 
ATOM   214 C CA  . THR A 1 28 ? 1.022   14.051  -1.694  1.00 24.13 ? 31  THR A CA  1 
ATOM   215 C C   . THR A 1 28 ? -0.293  14.314  -0.944  1.00 25.38 ? 31  THR A C   1 
ATOM   216 O O   . THR A 1 28 ? -0.843  15.395  -1.143  1.00 25.21 ? 31  THR A O   1 
ATOM   217 C CB  . THR A 1 28 ? 0.813   13.580  -3.136  1.00 26.51 ? 31  THR A CB  1 
ATOM   218 O OG1 . THR A 1 28 ? 0.157   12.317  -3.049  1.00 30.94 ? 31  THR A OG1 1 
ATOM   219 C CG2 . THR A 1 28 ? 2.104   13.487  -3.915  1.00 27.95 ? 31  THR A CG2 1 
ATOM   220 N N   . ALA A 1 29 ? -0.773  13.405  -0.093  1.00 24.19 ? 32  ALA A N   1 
ATOM   221 C CA  . ALA A 1 29 ? -2.013  13.612  0.703   1.00 26.38 ? 32  ALA A CA  1 
ATOM   222 C C   . ALA A 1 29 ? -1.738  14.387  2.002   1.00 26.37 ? 32  ALA A C   1 
ATOM   223 O O   . ALA A 1 29 ? -2.715  14.629  2.757   1.00 27.99 ? 32  ALA A O   1 
ATOM   224 C CB  . ALA A 1 29 ? -2.659  12.275  1.006   1.00 25.13 ? 32  ALA A CB  1 
ATOM   225 N N   . GLY A 1 30 ? -0.475  14.744  2.290   1.00 24.54 ? 33  GLY A N   1 
ATOM   226 C CA  . GLY A 1 30 ? -0.117  15.521  3.491   1.00 25.82 ? 33  GLY A CA  1 
ATOM   227 C C   . GLY A 1 30 ? -0.097  14.649  4.733   1.00 23.92 ? 33  GLY A C   1 
ATOM   228 O O   . GLY A 1 30 ? -0.051  15.187  5.837   1.00 29.20 ? 33  GLY A O   1 
ATOM   229 N N   . SER A 1 31 ? -0.100  13.333  4.575   1.00 25.42 ? 34  SER A N   1 
ATOM   230 C CA  . SER A 1 31 ? -0.190  12.381  5.703   1.00 24.23 ? 34  SER A CA  1 
ATOM   231 C C   . SER A 1 31 ? 1.176   12.158  6.357   1.00 24.46 ? 34  SER A C   1 
ATOM   232 O O   . SER A 1 31 ? 1.201   11.807  7.554   1.00 21.93 ? 34  SER A O   1 
ATOM   233 C CB  . SER A 1 31 ? -0.785  11.099  5.266   1.00 24.20 ? 34  SER A CB  1 
ATOM   234 O OG  . SER A 1 31 ? -2.122  11.280  4.877   1.00 27.23 ? 34  SER A OG  1 
ATOM   235 N N   . VAL A 1 32 ? 2.258   12.239  5.587   1.00 22.49 ? 35  VAL A N   1 
ATOM   236 C CA  . VAL A 1 32 ? 3.633   12.015  6.118   1.00 22.83 ? 35  VAL A CA  1 
ATOM   237 C C   . VAL A 1 32 ? 4.540   13.122  5.566   1.00 24.38 ? 35  VAL A C   1 
ATOM   238 O O   . VAL A 1 32 ? 4.196   13.766  4.547   1.00 26.25 ? 35  VAL A O   1 
ATOM   239 C CB  . VAL A 1 32 ? 4.144   10.592  5.797   1.00 21.71 ? 35  VAL A CB  1 
ATOM   240 C CG1 . VAL A 1 32 ? 3.231   9.479   6.331   1.00 20.98 ? 35  VAL A CG1 1 
ATOM   241 C CG2 . VAL A 1 32 ? 4.364   10.399  4.317   1.00 20.09 ? 35  VAL A CG2 1 
ATOM   242 N N   . VAL A 1 33 ? 5.648   13.366  6.245   1.00 25.30 ? 36  VAL A N   1 
ATOM   243 C CA  . VAL A 1 33 ? 6.710   14.301  5.785   1.00 26.22 ? 36  VAL A CA  1 
ATOM   244 C C   . VAL A 1 33 ? 7.664   13.543  4.855   1.00 24.35 ? 36  VAL A C   1 
ATOM   245 O O   . VAL A 1 33 ? 7.664   12.289  4.845   1.00 22.91 ? 36  VAL A O   1 
ATOM   246 C CB  . VAL A 1 33 ? 7.437   14.959  6.976   1.00 28.83 ? 36  VAL A CB  1 
ATOM   247 C CG1 . VAL A 1 33 ? 6.494   15.858  7.765   1.00 28.00 ? 36  VAL A CG1 1 
ATOM   248 C CG2 . VAL A 1 33 ? 8.110   13.930  7.872   1.00 27.21 ? 36  VAL A CG2 1 
ATOM   249 N N   . SER A 1 34 ? 8.445   14.289  4.082   1.00 26.63 ? 37  SER A N   1 
ATOM   250 C CA  . SER A 1 34 ? 9.263   13.763  2.963   1.00 29.97 ? 37  SER A CA  1 
ATOM   251 C C   . SER A 1 34 ? 10.331  12.799  3.496   1.00 31.07 ? 37  SER A C   1 
ATOM   252 O O   . SER A 1 34 ? 10.698  11.865  2.744   1.00 35.00 ? 37  SER A O   1 
ATOM   253 C CB  . SER A 1 34 ? 9.862   14.890  2.160   1.00 31.51 ? 37  SER A CB  1 
ATOM   254 O OG  . SER A 1 34 ? 10.684  15.693  2.983   1.00 30.75 ? 37  SER A OG  1 
ATOM   255 N N   . SER A 1 35 ? 10.739  12.967  4.760   1.00 30.85 ? 38  SER A N   1 
ATOM   256 C CA  . SER A 1 35 ? 11.795  12.165  5.447   1.00 29.71 ? 38  SER A CA  1 
ATOM   257 C C   . SER A 1 35 ? 11.292  10.793  5.957   1.00 28.71 ? 38  SER A C   1 
ATOM   258 O O   . SER A 1 35 ? 12.112  10.014  6.513   1.00 27.87 ? 38  SER A O   1 
ATOM   259 C CB  . SER A 1 35 ? 12.339  12.982  6.588   1.00 29.97 ? 38  SER A CB  1 
ATOM   260 O OG  . SER A 1 35 ? 11.502  12.849  7.742   1.00 33.34 ? 38  SER A OG  1 
ATOM   261 N N   A CYS A 1 36 ? 9.987   10.505  5.814   0.50 24.74 ? 39  CYS A N   1 
ATOM   262 N N   B CYS A 1 36 ? 9.995   10.523  5.815   0.50 27.35 ? 39  CYS A N   1 
ATOM   263 C CA  A CYS A 1 36 ? 9.302   9.301   6.370   0.50 23.00 ? 39  CYS A CA  1 
ATOM   264 C CA  B CYS A 1 36 ? 9.342   9.306   6.369   0.50 27.11 ? 39  CYS A CA  1 
ATOM   265 C C   A CYS A 1 36 ? 9.999   8.006   5.928   0.50 21.75 ? 39  CYS A C   1 
ATOM   266 C C   B CYS A 1 36 ? 9.980   7.984   5.920   0.50 23.77 ? 39  CYS A C   1 
ATOM   267 O O   A CYS A 1 36 ? 10.114  7.786   4.707   0.50 21.84 ? 39  CYS A O   1 
ATOM   268 O O   B CYS A 1 36 ? 10.120  7.774   4.731   0.50 23.20 ? 39  CYS A O   1 
ATOM   269 C CB  A CYS A 1 36 ? 7.844   9.242   5.929   0.50 21.86 ? 39  CYS A CB  1 
ATOM   270 C CB  B CYS A 1 36 ? 7.866   9.298   5.989   0.50 29.91 ? 39  CYS A CB  1 
ATOM   271 S SG  A CYS A 1 36 ? 6.952   7.794   6.567   0.50 21.48 ? 39  CYS A SG  1 
ATOM   272 S SG  B CYS A 1 36 ? 6.937   7.867   6.597   0.50 36.20 ? 39  CYS A SG  1 
ATOM   273 N N   . GLU A 1 37 ? 10.408  7.164   6.884   1.00 21.93 ? 40  GLU A N   1 
ATOM   274 C CA  . GLU A 1 37 ? 10.825  5.759   6.640   1.00 22.60 ? 40  GLU A CA  1 
ATOM   275 C C   . GLU A 1 37 ? 9.561   4.919   6.716   1.00 23.14 ? 40  GLU A C   1 
ATOM   276 O O   . GLU A 1 37 ? 9.034   4.757   7.815   1.00 24.33 ? 40  GLU A O   1 
ATOM   277 C CB  . GLU A 1 37 ? 11.878  5.267   7.637   1.00 25.27 ? 40  GLU A CB  1 
ATOM   278 C CG  . GLU A 1 37 ? 13.190  6.012   7.480   1.00 27.10 ? 40  GLU A CG  1 
ATOM   279 C CD  . GLU A 1 37 ? 14.356  5.516   8.329   1.00 30.42 ? 40  GLU A CD  1 
ATOM   280 O OE1 . GLU A 1 37 ? 14.290  4.358   8.873   1.00 30.23 ? 40  GLU A OE1 1 
ATOM   281 O OE2 . GLU A 1 37 ? 15.336  6.276   8.427   1.00 33.51 ? 40  GLU A OE2 1 
ATOM   282 N N   . LEU A 1 38 ? 9.074   4.467   5.569   1.00 19.63 ? 41  LEU A N   1 
ATOM   283 C CA  . LEU A 1 38 ? 7.815   3.700   5.503   1.00 20.88 ? 41  LEU A CA  1 
ATOM   284 C C   . LEU A 1 38 ? 8.122   2.219   5.288   1.00 21.01 ? 41  LEU A C   1 
ATOM   285 O O   . LEU A 1 38 ? 8.848   1.876   4.325   1.00 22.19 ? 41  LEU A O   1 
ATOM   286 C CB  . LEU A 1 38 ? 6.980   4.242   4.351   1.00 22.91 ? 41  LEU A CB  1 
ATOM   287 C CG  . LEU A 1 38 ? 5.579   3.646   4.277   1.00 24.82 ? 41  LEU A CG  1 
ATOM   288 C CD1 . LEU A 1 38 ? 4.674   4.294   5.321   1.00 27.88 ? 41  LEU A CD1 1 
ATOM   289 C CD2 . LEU A 1 38 ? 5.029   3.807   2.870   1.00 26.03 ? 41  LEU A CD2 1 
ATOM   290 N N   . GLU A 1 39 ? 7.513   1.382   6.120   1.00 21.92 ? 42  GLU A N   1 
ATOM   291 C CA  . GLU A 1 39 ? 7.652   -0.083  6.099   1.00 21.70 ? 42  GLU A CA  1 
ATOM   292 C C   . GLU A 1 39 ? 6.340   -0.730  5.665   1.00 21.11 ? 42  GLU A C   1 
ATOM   293 O O   . GLU A 1 39 ? 5.306   -0.455  6.284   1.00 18.69 ? 42  GLU A O   1 
ATOM   294 C CB  . GLU A 1 39 ? 8.040   -0.588  7.478   1.00 24.22 ? 42  GLU A CB  1 
ATOM   295 C CG  . GLU A 1 39 ? 8.226   -2.080  7.509   1.00 25.13 ? 42  GLU A CG  1 
ATOM   296 C CD  . GLU A 1 39 ? 8.733   -2.568  8.859   1.00 29.55 ? 42  GLU A CD  1 
ATOM   297 O OE1 . GLU A 1 39 ? 8.763   -1.754  9.792   1.00 33.77 ? 42  GLU A OE1 1 
ATOM   298 O OE2 . GLU A 1 39 ? 9.116   -3.731  8.957   1.00 32.60 ? 42  GLU A OE2 1 
ATOM   299 N N   . LEU A 1 40 ? 6.400   -1.597  4.659   1.00 20.15 ? 43  LEU A N   1 
ATOM   300 C CA  . LEU A 1 40 ? 5.270   -2.483  4.308   1.00 21.58 ? 43  LEU A CA  1 
ATOM   301 C C   . LEU A 1 40 ? 5.326   -3.658  5.285   1.00 21.84 ? 43  LEU A C   1 
ATOM   302 O O   . LEU A 1 40 ? 6.298   -4.426  5.210   1.00 25.64 ? 43  LEU A O   1 
ATOM   303 C CB  . LEU A 1 40 ? 5.379   -2.965  2.856   1.00 21.99 ? 43  LEU A CB  1 
ATOM   304 C CG  . LEU A 1 40 ? 5.544   -1.908  1.753   1.00 24.67 ? 43  LEU A CG  1 
ATOM   305 C CD1 . LEU A 1 40 ? 5.272   -2.524  0.404   1.00 23.37 ? 43  LEU A CD1 1 
ATOM   306 C CD2 . LEU A 1 40 ? 4.631   -0.713  1.920   1.00 26.20 ? 43  LEU A CD2 1 
ATOM   307 N N   . LEU A 1 41 ? 4.346   -3.760  6.181   1.00 20.57 ? 44  LEU A N   1 
ATOM   308 C CA  . LEU A 1 41 ? 4.300   -4.791  7.252   1.00 21.18 ? 44  LEU A CA  1 
ATOM   309 C C   . LEU A 1 41 ? 3.790   -6.105  6.672   1.00 21.44 ? 44  LEU A C   1 
ATOM   310 O O   . LEU A 1 41 ? 4.342   -7.155  7.000   1.00 21.95 ? 44  LEU A O   1 
ATOM   311 C CB  . LEU A 1 41 ? 3.371   -4.327  8.373   1.00 23.78 ? 44  LEU A CB  1 
ATOM   312 C CG  . LEU A 1 41 ? 3.832   -3.117  9.169   1.00 23.86 ? 44  LEU A CG  1 
ATOM   313 C CD1 . LEU A 1 41 ? 2.814   -2.782  10.235  1.00 26.37 ? 44  LEU A CD1 1 
ATOM   314 C CD2 . LEU A 1 41 ? 5.205   -3.364  9.778   1.00 25.96 ? 44  LEU A CD2 1 
ATOM   315 N N   . GLN A 1 42 ? 2.727   -6.034  5.873   1.00 22.16 ? 45  GLN A N   1 
ATOM   316 C CA  . GLN A 1 42 ? 2.043   -7.233  5.333   1.00 22.36 ? 45  GLN A CA  1 
ATOM   317 C C   . GLN A 1 42 ? 1.194   -6.804  4.143   1.00 20.50 ? 45  GLN A C   1 
ATOM   318 O O   . GLN A 1 42 ? 0.984   -5.586  3.956   1.00 19.82 ? 45  GLN A O   1 
ATOM   319 C CB  . GLN A 1 42 ? 1.155   -7.883  6.393   1.00 23.27 ? 45  GLN A CB  1 
ATOM   320 C CG  . GLN A 1 42 ? 0.119   -6.918  6.946   1.00 24.64 ? 45  GLN A CG  1 
ATOM   321 C CD  . GLN A 1 42 ? -0.659  -7.506  8.104   1.00 26.72 ? 45  GLN A CD  1 
ATOM   322 O OE1 . GLN A 1 42 ? -0.112  -8.227  8.927   1.00 32.70 ? 45  GLN A OE1 1 
ATOM   323 N NE2 . GLN A 1 42 ? -1.932  -7.167  8.199   1.00 31.21 ? 45  GLN A NE2 1 
ATOM   324 N N   . VAL A 1 43 ? 0.764   -7.779  3.369   1.00 19.41 ? 46  VAL A N   1 
ATOM   325 C CA  . VAL A 1 43 ? -0.096  -7.549  2.191   1.00 20.28 ? 46  VAL A CA  1 
ATOM   326 C C   . VAL A 1 43 ? -1.131  -8.672  2.137   1.00 21.41 ? 46  VAL A C   1 
ATOM   327 O O   . VAL A 1 43 ? -0.806  -9.850  2.493   1.00 17.81 ? 46  VAL A O   1 
ATOM   328 C CB  . VAL A 1 43 ? 0.739   -7.441  0.903   1.00 22.24 ? 46  VAL A CB  1 
ATOM   329 C CG1 . VAL A 1 43 ? 1.356   -8.786  0.541   1.00 23.26 ? 46  VAL A CG1 1 
ATOM   330 C CG2 . VAL A 1 43 ? -0.094  -6.853  -0.233  1.00 20.49 ? 46  VAL A CG2 1 
ATOM   331 N N   . SER A 1 44 ? -2.333  -8.314  1.711   1.00 21.95 ? 47  SER A N   1 
ATOM   332 C CA  . SER A 1 44 ? -3.426  -9.267  1.410   1.00 24.22 ? 47  SER A CA  1 
ATOM   333 C C   . SER A 1 44 ? -3.831  -8.998  -0.031  1.00 21.94 ? 47  SER A C   1 
ATOM   334 O O   . SER A 1 44 ? -3.781  -7.838  -0.418  1.00 22.78 ? 47  SER A O   1 
ATOM   335 C CB  . SER A 1 44 ? -4.599  -9.124  2.338   1.00 25.52 ? 47  SER A CB  1 
ATOM   336 O OG  . SER A 1 44 ? -4.193  -8.943  3.671   1.00 26.13 ? 47  SER A OG  1 
ATOM   337 N N   . THR A 1 45 ? -4.101  -10.036 -0.812  1.00 21.48 ? 48  THR A N   1 
ATOM   338 C CA  . THR A 1 45 ? -4.386  -9.893  -2.258  1.00 22.60 ? 48  THR A CA  1 
ATOM   339 C C   . THR A 1 45 ? -5.806  -10.350 -2.556  1.00 23.73 ? 48  THR A C   1 
ATOM   340 O O   . THR A 1 45 ? -6.309  -11.253 -1.886  1.00 22.74 ? 48  THR A O   1 
ATOM   341 C CB  . THR A 1 45 ? -3.367  -10.640 -3.106  1.00 23.86 ? 48  THR A CB  1 
ATOM   342 O OG1 . THR A 1 45 ? -3.466  -12.008 -2.718  1.00 26.11 ? 48  THR A OG1 1 
ATOM   343 C CG2 . THR A 1 45 ? -1.977  -10.095 -2.892  1.00 23.38 ? 48  THR A CG2 1 
ATOM   344 N N   . GLN A 1 46 ? -6.422  -9.671  -3.498  1.00 22.15 ? 49  GLN A N   1 
ATOM   345 C CA  . GLN A 1 46 ? -7.759  -10.019 -4.003  1.00 22.97 ? 49  GLN A CA  1 
ATOM   346 C C   . GLN A 1 46 ? -7.671  -10.033 -5.529  1.00 22.56 ? 49  GLN A C   1 
ATOM   347 O O   . GLN A 1 46 ? -7.248  -9.009  -6.151  1.00 24.05 ? 49  GLN A O   1 
ATOM   348 C CB  . GLN A 1 46 ? -8.770  -9.016  -3.483  1.00 24.61 ? 49  GLN A CB  1 
ATOM   349 C CG  . GLN A 1 46 ? -10.156 -9.246  -4.058  1.00 26.61 ? 49  GLN A CG  1 
ATOM   350 C CD  . GLN A 1 46 ? -11.027 -8.038  -3.839  1.00 30.69 ? 49  GLN A CD  1 
ATOM   351 O OE1 . GLN A 1 46 ? -10.534 -6.909  -3.791  1.00 33.00 ? 49  GLN A OE1 1 
ATOM   352 N NE2 . GLN A 1 46 ? -12.329 -8.268  -3.746  1.00 27.23 ? 49  GLN A NE2 1 
ATOM   353 N N   . VAL A 1 47 ? -8.031  -11.151 -6.138  1.00 20.94 ? 50  VAL A N   1 
ATOM   354 C CA  . VAL A 1 47 ? -7.970  -11.253 -7.617  1.00 22.08 ? 50  VAL A CA  1 
ATOM   355 C C   . VAL A 1 47 ? -9.325  -10.813 -8.165  1.00 21.49 ? 50  VAL A C   1 
ATOM   356 O O   . VAL A 1 47 ? -10.342 -11.416 -7.805  1.00 22.40 ? 50  VAL A O   1 
ATOM   357 C CB  . VAL A 1 47 ? -7.568  -12.657 -8.103  1.00 21.64 ? 50  VAL A CB  1 
ATOM   358 C CG1 . VAL A 1 47 ? -7.471  -12.669 -9.625  1.00 21.31 ? 50  VAL A CG1 1 
ATOM   359 C CG2 . VAL A 1 47 ? -6.256  -13.115 -7.470  1.00 22.18 ? 50  VAL A CG2 1 
ATOM   360 N N   . VAL A 1 48 ? -9.305  -9.745  -8.954  1.00 21.35 ? 51  VAL A N   1 
ATOM   361 C CA  . VAL A 1 48 ? -10.453 -9.228  -9.743  1.00 24.02 ? 51  VAL A CA  1 
ATOM   362 C C   . VAL A 1 48 ? -10.024 -9.300  -11.226 1.00 23.77 ? 51  VAL A C   1 
ATOM   363 O O   . VAL A 1 48 ? -9.366  -10.313 -11.601 1.00 23.38 ? 51  VAL A O   1 
ATOM   364 C CB  . VAL A 1 48 ? -10.833 -7.821  -9.243  1.00 23.23 ? 51  VAL A CB  1 
ATOM   365 C CG1 . VAL A 1 48 ? -11.609 -7.857  -7.945  1.00 24.23 ? 51  VAL A CG1 1 
ATOM   366 C CG2 . VAL A 1 48 ? -9.622  -6.916  -9.091  1.00 25.09 ? 51  VAL A CG2 1 
ATOM   367 N N   . ALA A 1 49 ? -10.275 -8.280  -12.047 1.00 25.77 ? 52  ALA A N   1 
ATOM   368 C CA  . ALA A 1 49 ? -9.684  -8.181  -13.401 1.00 24.86 ? 52  ALA A CA  1 
ATOM   369 C C   . ALA A 1 49 ? -8.309  -7.536  -13.269 1.00 25.41 ? 52  ALA A C   1 
ATOM   370 O O   . ALA A 1 49 ? -8.110  -6.403  -13.728 1.00 26.09 ? 52  ALA A O   1 
ATOM   371 C CB  . ALA A 1 49 ? -10.574 -7.417  -14.337 1.00 25.11 ? 52  ALA A CB  1 
ATOM   372 N N   . GLY A 1 50 ? -7.395  -8.262  -12.644 1.00 23.46 ? 53  GLY A N   1 
ATOM   373 C CA  . GLY A 1 50 ? -6.168  -7.717  -12.051 1.00 23.17 ? 53  GLY A CA  1 
ATOM   374 C C   . GLY A 1 50 ? -6.092  -8.091  -10.587 1.00 22.05 ? 53  GLY A C   1 
ATOM   375 O O   . GLY A 1 50 ? -6.787  -9.042  -10.150 1.00 22.54 ? 53  GLY A O   1 
ATOM   376 N N   . THR A 1 51 ? -5.242  -7.411  -9.843  1.00 21.14 ? 54  THR A N   1 
ATOM   377 C CA  . THR A 1 51 ? -5.024  -7.744  -8.416  1.00 21.87 ? 54  THR A CA  1 
ATOM   378 C C   . THR A 1 51 ? -5.086  -6.456  -7.589  1.00 23.26 ? 54  THR A C   1 
ATOM   379 O O   . THR A 1 51 ? -4.410  -5.455  -7.956  1.00 21.29 ? 54  THR A O   1 
ATOM   380 C CB  . THR A 1 51 ? -3.719  -8.519  -8.229  1.00 23.84 ? 54  THR A CB  1 
ATOM   381 O OG1 . THR A 1 51 ? -3.847  -9.699  -9.019  1.00 25.42 ? 54  THR A OG1 1 
ATOM   382 C CG2 . THR A 1 51 ? -3.441  -8.863  -6.783  1.00 22.51 ? 54  THR A CG2 1 
ATOM   383 N N   . ASN A 1 52 ? -5.877  -6.520  -6.519  1.00 21.13 ? 55  ASN A N   1 
ATOM   384 C CA  . ASN A 1 52 ? -5.880  -5.565  -5.390  1.00 21.17 ? 55  ASN A CA  1 
ATOM   385 C C   . ASN A 1 52 ? -4.875  -6.061  -4.358  1.00 21.44 ? 55  ASN A C   1 
ATOM   386 O O   . ASN A 1 52 ? -4.969  -7.245  -3.917  1.00 18.47 ? 55  ASN A O   1 
ATOM   387 C CB  . ASN A 1 52 ? -7.273  -5.379  -4.801  1.00 22.89 ? 55  ASN A CB  1 
ATOM   388 C CG  . ASN A 1 52 ? -8.091  -4.365  -5.567  1.00 24.97 ? 55  ASN A CG  1 
ATOM   389 O OD1 . ASN A 1 52 ? -7.540  -3.454  -6.165  1.00 22.71 ? 55  ASN A OD1 1 
ATOM   390 N ND2 . ASN A 1 52 ? -9.407  -4.467  -5.473  1.00 26.11 ? 55  ASN A ND2 1 
ATOM   391 N N   . TYR A 1 53 ? -3.884  -5.218  -4.077  1.00 20.18 ? 56  TYR A N   1 
ATOM   392 C CA  . TYR A 1 53 ? -2.899  -5.429  -2.988  1.00 20.66 ? 56  TYR A CA  1 
ATOM   393 C C   . TYR A 1 53 ? -3.280  -4.503  -1.843  1.00 20.26 ? 56  TYR A C   1 
ATOM   394 O O   . TYR A 1 53 ? -3.122  -3.300  -1.998  1.00 20.77 ? 56  TYR A O   1 
ATOM   395 C CB  . TYR A 1 53 ? -1.477  -5.128  -3.437  1.00 20.30 ? 56  TYR A CB  1 
ATOM   396 C CG  . TYR A 1 53 ? -0.940  -6.054  -4.482  1.00 21.44 ? 56  TYR A CG  1 
ATOM   397 C CD1 . TYR A 1 53 ? -1.200  -5.823  -5.824  1.00 23.55 ? 56  TYR A CD1 1 
ATOM   398 C CD2 . TYR A 1 53 ? -0.141  -7.137  -4.140  1.00 24.22 ? 56  TYR A CD2 1 
ATOM   399 C CE1 . TYR A 1 53 ? -0.710  -6.675  -6.799  1.00 25.75 ? 56  TYR A CE1 1 
ATOM   400 C CE2 . TYR A 1 53 ? 0.359   -7.989  -5.104  1.00 24.52 ? 56  TYR A CE2 1 
ATOM   401 C CZ  . TYR A 1 53 ? 0.077   -7.757  -6.443  1.00 25.88 ? 56  TYR A CZ  1 
ATOM   402 O OH  . TYR A 1 53 ? 0.603   -8.563  -7.423  1.00 29.22 ? 56  TYR A OH  1 
ATOM   403 N N   . LYS A 1 54 ? -3.759  -5.069  -0.745  1.00 19.95 ? 57  LYS A N   1 
ATOM   404 C CA  . LYS A 1 54 ? -4.025  -4.310  0.496   1.00 21.74 ? 57  LYS A CA  1 
ATOM   405 C C   . LYS A 1 54 ? -2.830  -4.451  1.433   1.00 21.71 ? 57  LYS A C   1 
ATOM   406 O O   . LYS A 1 54 ? -2.592  -5.561  2.013   1.00 22.05 ? 57  LYS A O   1 
ATOM   407 C CB  . LYS A 1 54 ? -5.286  -4.800  1.193   1.00 24.33 ? 57  LYS A CB  1 
ATOM   408 C CG  . LYS A 1 54 ? -5.743  -3.898  2.324   1.00 26.77 ? 57  LYS A CG  1 
ATOM   409 C CD  . LYS A 1 54 ? -6.573  -4.654  3.306   1.00 32.59 ? 57  LYS A CD  1 
ATOM   410 C CE  . LYS A 1 54 ? -7.898  -5.089  2.742   1.00 36.01 ? 57  LYS A CE  1 
ATOM   411 N NZ  . LYS A 1 54 ? -8.546  -6.070  3.641   1.00 38.84 ? 57  LYS A NZ  1 
ATOM   412 N N   . PHE A 1 55 ? -2.131  -3.341  1.598   1.00 20.18 ? 58  PHE A N   1 
ATOM   413 C CA  . PHE A 1 55 ? -0.952  -3.199  2.478   1.00 20.76 ? 58  PHE A CA  1 
ATOM   414 C C   . PHE A 1 55 ? -1.365  -2.617  3.824   1.00 22.22 ? 58  PHE A C   1 
ATOM   415 O O   . PHE A 1 55 ? -2.172  -1.703  3.884   1.00 22.83 ? 58  PHE A O   1 
ATOM   416 C CB  . PHE A 1 55 ? 0.052   -2.291  1.792   1.00 21.05 ? 58  PHE A CB  1 
ATOM   417 C CG  . PHE A 1 55 ? 0.682   -2.964  0.613   1.00 22.09 ? 58  PHE A CG  1 
ATOM   418 C CD1 . PHE A 1 55 ? 1.663   -3.931  0.811   1.00 22.27 ? 58  PHE A CD1 1 
ATOM   419 C CD2 . PHE A 1 55 ? 0.307   -2.627  -0.681  1.00 23.23 ? 58  PHE A CD2 1 
ATOM   420 C CE1 . PHE A 1 55 ? 2.270   -4.539  -0.273  1.00 21.17 ? 58  PHE A CE1 1 
ATOM   421 C CE2 . PHE A 1 55 ? 0.924   -3.238  -1.768  1.00 23.21 ? 58  PHE A CE2 1 
ATOM   422 C CZ  . PHE A 1 55 ? 1.897   -4.190  -1.555  1.00 23.16 ? 58  PHE A CZ  1 
ATOM   423 N N   . LYS A 1 56 ? -0.766  -3.133  4.891   1.00 24.02 ? 59  LYS A N   1 
ATOM   424 C CA  . LYS A 1 56 ? -0.645  -2.409  6.173   1.00 23.23 ? 59  LYS A CA  1 
ATOM   425 C C   . LYS A 1 56 ? 0.784   -1.862  6.244   1.00 22.01 ? 59  LYS A C   1 
ATOM   426 O O   . LYS A 1 56 ? 1.725   -2.668  6.142   1.00 21.41 ? 59  LYS A O   1 
ATOM   427 C CB  . LYS A 1 56 ? -0.958  -3.353  7.326   1.00 27.90 ? 59  LYS A CB  1 
ATOM   428 C CG  . LYS A 1 56 ? -1.099  -2.660  8.664   1.00 32.22 ? 59  LYS A CG  1 
ATOM   429 C CD  . LYS A 1 56 ? -1.508  -3.612  9.762   1.00 38.70 ? 59  LYS A CD  1 
ATOM   430 C CE  . LYS A 1 56 ? -1.137  -3.099  11.138  1.00 41.49 ? 59  LYS A CE  1 
ATOM   431 N NZ  . LYS A 1 56 ? -2.333  -3.006  12.009  1.00 46.67 ? 59  LYS A NZ  1 
ATOM   432 N N   . VAL A 1 57 ? 0.921   -0.544  6.365   1.00 20.48 ? 60  VAL A N   1 
ATOM   433 C CA  . VAL A 1 57 ? 2.223   0.177   6.328   1.00 21.23 ? 60  VAL A CA  1 
ATOM   434 C C   . VAL A 1 57 ? 2.415   0.886   7.673   1.00 20.94 ? 60  VAL A C   1 
ATOM   435 O O   . VAL A 1 57 ? 1.419   1.340   8.252   1.00 20.43 ? 60  VAL A O   1 
ATOM   436 C CB  . VAL A 1 57 ? 2.307   1.124   5.116   1.00 21.59 ? 60  VAL A CB  1 
ATOM   437 C CG1 . VAL A 1 57 ? 1.981   0.382   3.823   1.00 22.30 ? 60  VAL A CG1 1 
ATOM   438 C CG2 . VAL A 1 57 ? 1.424   2.363   5.250   1.00 22.59 ? 60  VAL A CG2 1 
ATOM   439 N N   . SER A 1 58 ? 3.665   0.963   8.124   1.00 21.13 ? 61  SER A N   1 
ATOM   440 C CA  . SER A 1 58 ? 4.090   1.588   9.403   1.00 22.68 ? 61  SER A CA  1 
ATOM   441 C C   . SER A 1 58 ? 5.123   2.682   9.121   1.00 22.08 ? 61  SER A C   1 
ATOM   442 O O   . SER A 1 58 ? 6.048   2.451   8.316   1.00 21.65 ? 61  SER A O   1 
ATOM   443 C CB  . SER A 1 58 ? 4.664   0.565   10.336  1.00 26.71 ? 61  SER A CB  1 
ATOM   444 O OG  . SER A 1 58 ? 5.189   1.202   11.476  1.00 28.94 ? 61  SER A OG  1 
ATOM   445 N N   . GLY A 1 59 ? 4.958   3.841   9.748   1.00 23.90 ? 62  GLY A N   1 
ATOM   446 C CA  . GLY A 1 59 ? 5.925   4.943   9.636   1.00 22.41 ? 62  GLY A CA  1 
ATOM   447 C C   . GLY A 1 59 ? 6.996   4.842   10.706  1.00 24.35 ? 62  GLY A C   1 
ATOM   448 O O   . GLY A 1 59 ? 6.745   4.263   11.760  1.00 24.98 ? 62  GLY A O   1 
ATOM   449 N N   . GLY A 1 60 ? 8.155   5.422   10.440  1.00 24.84 ? 63  GLY A N   1 
ATOM   450 C CA  . GLY A 1 60 ? 9.274   5.481   11.389  1.00 26.17 ? 63  GLY A CA  1 
ATOM   451 C C   . GLY A 1 60 ? 9.143   6.686   12.293  1.00 26.74 ? 63  GLY A C   1 
ATOM   452 O O   . GLY A 1 60 ? 8.021   7.174   12.497  1.00 23.11 ? 63  GLY A O   1 
ATOM   453 N N   . ALA A 1 61 ? 10.266  7.146   12.837  1.00 24.71 ? 64  ALA A N   1 
ATOM   454 C CA  . ALA A 1 61 ? 10.278  8.101   13.964  1.00 25.32 ? 64  ALA A CA  1 
ATOM   455 C C   . ALA A 1 61 ? 9.575   9.412   13.565  1.00 25.29 ? 64  ALA A C   1 
ATOM   456 O O   . ALA A 1 61 ? 8.850   9.971   14.430  1.00 25.58 ? 64  ALA A O   1 
ATOM   457 C CB  . ALA A 1 61 ? 11.706  8.297   14.430  1.00 23.97 ? 64  ALA A CB  1 
ATOM   458 N N   . THR A 1 62 ? 9.764   9.893   12.323  1.00 26.72 ? 65  THR A N   1 
ATOM   459 C CA  . THR A 1 62 ? 9.188   11.183  11.841  1.00 25.43 ? 65  THR A CA  1 
ATOM   460 C C   . THR A 1 62 ? 7.771   11.003  11.271  1.00 24.73 ? 65  THR A C   1 
ATOM   461 O O   . THR A 1 62 ? 7.171   12.005  10.929  1.00 25.94 ? 65  THR A O   1 
ATOM   462 C CB  . THR A 1 62 ? 10.107  11.916  10.850  1.00 26.15 ? 65  THR A CB  1 
ATOM   463 O OG1 . THR A 1 62 ? 10.206  11.139  9.662   1.00 29.68 ? 65  THR A OG1 1 
ATOM   464 C CG2 . THR A 1 62 ? 11.479  12.166  11.425  1.00 25.19 ? 65  THR A CG2 1 
ATOM   465 N N   A CYS A 1 63 ? 7.237   9.778   11.222  0.50 23.40 ? 66  CYS A N   1 
ATOM   466 N N   B CYS A 1 63 ? 7.244   9.778   11.281  0.50 26.83 ? 66  CYS A N   1 
ATOM   467 C CA  A CYS A 1 63 ? 5.866   9.505   10.688  0.50 23.20 ? 66  CYS A CA  1 
ATOM   468 C CA  B CYS A 1 63 ? 5.876   9.516   10.754  0.50 28.87 ? 66  CYS A CA  1 
ATOM   469 C C   A CYS A 1 63 ? 5.218   8.337   11.434  0.50 23.39 ? 66  CYS A C   1 
ATOM   470 C C   B CYS A 1 63 ? 5.282   8.302   11.457  0.50 26.33 ? 66  CYS A C   1 
ATOM   471 O O   A CYS A 1 63 ? 4.693   7.421   10.816  0.50 24.25 ? 66  CYS A O   1 
ATOM   472 O O   B CYS A 1 63 ? 4.649   7.496   10.807  0.50 26.54 ? 66  CYS A O   1 
ATOM   473 C CB  A CYS A 1 63 ? 5.892   9.253   9.176   0.50 22.47 ? 66  CYS A CB  1 
ATOM   474 C CB  B CYS A 1 63 ? 5.913   9.226   9.265   0.50 32.83 ? 66  CYS A CB  1 
ATOM   475 S SG  A CYS A 1 63 ? 7.183   8.108   8.602   0.50 18.39 ? 66  CYS A SG  1 
ATOM   476 S SG  B CYS A 1 63 ? 6.662   10.602  8.371   0.50 39.53 ? 66  CYS A SG  1 
ATOM   477 N N   . PRO A 1 64 ? 5.178   8.345   12.786  1.00 24.79 ? 67  PRO A N   1 
ATOM   478 C CA  . PRO A 1 64 ? 4.634   7.216   13.512  1.00 24.02 ? 67  PRO A CA  1 
ATOM   479 C C   . PRO A 1 64 ? 3.145   7.039   13.174  1.00 25.11 ? 67  PRO A C   1 
ATOM   480 O O   . PRO A 1 64 ? 2.416   8.004   12.983  1.00 27.16 ? 67  PRO A O   1 
ATOM   481 C CB  . PRO A 1 64 ? 4.849   7.630   14.968  1.00 26.75 ? 67  PRO A CB  1 
ATOM   482 C CG  . PRO A 1 64 ? 4.883   9.145   14.918  1.00 24.98 ? 67  PRO A CG  1 
ATOM   483 C CD  . PRO A 1 64 ? 5.637   9.437   13.654  1.00 26.58 ? 67  PRO A CD  1 
ATOM   484 N N   . GLY A 1 65 ? 2.733   5.797   13.077  1.00 26.37 ? 68  GLY A N   1 
ATOM   485 C CA  . GLY A 1 65 ? 1.340   5.427   12.822  1.00 27.02 ? 68  GLY A CA  1 
ATOM   486 C C   . GLY A 1 65 ? 1.323   4.405   11.717  1.00 28.27 ? 68  GLY A C   1 
ATOM   487 O O   . GLY A 1 65 ? 2.390   4.198   11.073  1.00 26.31 ? 68  GLY A O   1 
ATOM   488 N N   . CYS A 1 66 ? 0.173   3.781   11.543  1.00 26.23 ? 69  CYS A N   1 
ATOM   489 C CA  . CYS A 1 66 ? -0.058  2.734   10.540  1.00 24.97 ? 69  CYS A CA  1 
ATOM   490 C C   . CYS A 1 66 ? -1.227  3.184   9.676   1.00 24.48 ? 69  CYS A C   1 
ATOM   491 O O   . CYS A 1 66 ? -2.144  3.872   10.180  1.00 23.04 ? 69  CYS A O   1 
ATOM   492 C CB  . CYS A 1 66 ? -0.325  1.385   11.187  1.00 25.92 ? 69  CYS A CB  1 
ATOM   493 S SG  . CYS A 1 66 ? 1.173   0.641   11.894  1.00 29.67 ? 69  CYS A SG  1 
ATOM   494 N N   . TRP A 1 67 ? -1.140  2.824   8.401   1.00 23.78 ? 70  TRP A N   1 
ATOM   495 C CA  . TRP A 1 67 ? -2.169  3.085   7.377   1.00 21.59 ? 70  TRP A CA  1 
ATOM   496 C C   . TRP A 1 67 ? -2.467  1.781   6.642   1.00 21.38 ? 70  TRP A C   1 
ATOM   497 O O   . TRP A 1 67 ? -1.558  0.897   6.531   1.00 22.94 ? 70  TRP A O   1 
ATOM   498 C CB  . TRP A 1 67 ? -1.706  4.176   6.422   1.00 21.85 ? 70  TRP A CB  1 
ATOM   499 C CG  . TRP A 1 67 ? -1.500  5.546   6.999   1.00 24.06 ? 70  TRP A CG  1 
ATOM   500 C CD1 . TRP A 1 67 ? -2.340  6.619   6.859   1.00 26.49 ? 70  TRP A CD1 1 
ATOM   501 C CD2 . TRP A 1 67 ? -0.322  6.055   7.651   1.00 25.32 ? 70  TRP A CD2 1 
ATOM   502 N NE1 . TRP A 1 67 ? -1.769  7.746   7.382   1.00 28.18 ? 70  TRP A NE1 1 
ATOM   503 C CE2 . TRP A 1 67 ? -0.550  7.427   7.912   1.00 26.11 ? 70  TRP A CE2 1 
ATOM   504 C CE3 . TRP A 1 67 ? 0.886   5.486   8.073   1.00 28.78 ? 70  TRP A CE3 1 
ATOM   505 C CZ2 . TRP A 1 67 ? 0.387   8.235   8.557   1.00 27.98 ? 70  TRP A CZ2 1 
ATOM   506 C CZ3 . TRP A 1 67 ? 1.809   6.281   8.719   1.00 29.24 ? 70  TRP A CZ3 1 
ATOM   507 C CH2 . TRP A 1 67 ? 1.559   7.635   8.964   1.00 30.81 ? 70  TRP A CH2 1 
ATOM   508 N N   . GLU A 1 68 ? -3.706  1.629   6.214   1.00 22.26 ? 71  GLU A N   1 
ATOM   509 C CA  . GLU A 1 68 ? -4.090  0.597   5.226   1.00 25.31 ? 71  GLU A CA  1 
ATOM   510 C C   . GLU A 1 68 ? -4.202  1.303   3.877   1.00 24.27 ? 71  GLU A C   1 
ATOM   511 O O   . GLU A 1 68 ? -4.840  2.361   3.822   1.00 24.65 ? 71  GLU A O   1 
ATOM   512 C CB  . GLU A 1 68 ? -5.374  -0.085  5.679   1.00 28.65 ? 71  GLU A CB  1 
ATOM   513 C CG  . GLU A 1 68 ? -6.028  -0.931  4.622   1.00 35.43 ? 71  GLU A CG  1 
ATOM   514 C CD  . GLU A 1 68 ? -7.339  -1.510  5.116   1.00 41.38 ? 71  GLU A CD  1 
ATOM   515 O OE1 . GLU A 1 68 ? -7.298  -2.229  6.156   1.00 47.08 ? 71  GLU A OE1 1 
ATOM   516 O OE2 . GLU A 1 68 ? -8.399  -1.202  4.500   1.00 45.99 ? 71  GLU A OE2 1 
ATOM   517 N N   . VAL A 1 69 ? -3.576  0.750   2.841   1.00 24.44 ? 72  VAL A N   1 
ATOM   518 C CA  . VAL A 1 69 ? -3.563  1.350   1.477   1.00 25.36 ? 72  VAL A CA  1 
ATOM   519 C C   . VAL A 1 69 ? -3.766  0.215   0.482   1.00 24.80 ? 72  VAL A C   1 
ATOM   520 O O   . VAL A 1 69 ? -2.953  -0.713  0.479   1.00 22.73 ? 72  VAL A O   1 
ATOM   521 C CB  . VAL A 1 69 ? -2.246  2.085   1.176   1.00 29.47 ? 72  VAL A CB  1 
ATOM   522 C CG1 . VAL A 1 69 ? -2.343  2.917   -0.106  1.00 28.37 ? 72  VAL A CG1 1 
ATOM   523 C CG2 . VAL A 1 69 ? -1.795  2.957   2.340   1.00 32.81 ? 72  VAL A CG2 1 
ATOM   524 N N   . VAL A 1 70 ? -4.783  0.326   -0.359  1.00 23.46 ? 73  VAL A N   1 
ATOM   525 C CA  . VAL A 1 70 ? -5.046  -0.622  -1.468  1.00 23.40 ? 73  VAL A CA  1 
ATOM   526 C C   . VAL A 1 70 ? -4.423  -0.096  -2.762  1.00 22.61 ? 73  VAL A C   1 
ATOM   527 O O   . VAL A 1 70 ? -4.656  1.057   -3.114  1.00 22.55 ? 73  VAL A O   1 
ATOM   528 C CB  . VAL A 1 70 ? -6.549  -0.885  -1.617  1.00 25.69 ? 73  VAL A CB  1 
ATOM   529 C CG1 . VAL A 1 70 ? -6.803  -1.966  -2.651  1.00 24.70 ? 73  VAL A CG1 1 
ATOM   530 C CG2 . VAL A 1 70 ? -7.179  -1.248  -0.281  1.00 26.06 ? 73  VAL A CG2 1 
ATOM   531 N N   . VAL A 1 71 ? -3.621  -0.928  -3.427  1.00 23.79 ? 74  VAL A N   1 
ATOM   532 C CA  . VAL A 1 71 ? -3.088  -0.656  -4.796  1.00 21.44 ? 74  VAL A CA  1 
ATOM   533 C C   . VAL A 1 71 ? -3.705  -1.672  -5.762  1.00 19.64 ? 74  VAL A C   1 
ATOM   534 O O   . VAL A 1 71 ? -3.540  -2.878  -5.512  1.00 20.74 ? 74  VAL A O   1 
ATOM   535 C CB  . VAL A 1 71 ? -1.556  -0.747  -4.841  1.00 20.89 ? 74  VAL A CB  1 
ATOM   536 C CG1 . VAL A 1 71 ? -1.029  -0.433  -6.232  1.00 20.64 ? 74  VAL A CG1 1 
ATOM   537 C CG2 . VAL A 1 71 ? -0.902  0.141   -3.792  1.00 22.48 ? 74  VAL A CG2 1 
ATOM   538 N N   . PHE A 1 72 ? -4.312  -1.177  -6.840  1.00 19.77 ? 75  PHE A N   1 
ATOM   539 C CA  . PHE A 1 72 ? -4.837  -1.941  -7.987  1.00 19.20 ? 75  PHE A CA  1 
ATOM   540 C C   . PHE A 1 72 ? -3.768  -2.018  -9.085  1.00 18.32 ? 75  PHE A C   1 
ATOM   541 O O   . PHE A 1 72 ? -3.286  -0.982  -9.609  1.00 20.74 ? 75  PHE A O   1 
ATOM   542 C CB  . PHE A 1 72 ? -6.120  -1.310  -8.515  1.00 18.75 ? 75  PHE A CB  1 
ATOM   543 C CG  . PHE A 1 72 ? -6.655  -2.028  -9.726  1.00 18.85 ? 75  PHE A CG  1 
ATOM   544 C CD1 . PHE A 1 72 ? -7.039  -3.362  -9.642  1.00 18.65 ? 75  PHE A CD1 1 
ATOM   545 C CD2 . PHE A 1 72 ? -6.689  -1.406  -10.966 1.00 20.80 ? 75  PHE A CD2 1 
ATOM   546 C CE1 . PHE A 1 72 ? -7.542  -4.015  -10.758 1.00 20.30 ? 75  PHE A CE1 1 
ATOM   547 C CE2 . PHE A 1 72 ? -7.135  -2.093  -12.086 1.00 21.93 ? 75  PHE A CE2 1 
ATOM   548 C CZ  . PHE A 1 72 ? -7.552  -3.396  -11.978 1.00 20.35 ? 75  PHE A CZ  1 
ATOM   549 N N   . VAL A 1 73 ? -3.416  -3.246  -9.446  1.00 19.44 ? 76  VAL A N   1 
ATOM   550 C CA  . VAL A 1 73 ? -2.545  -3.559  -10.614 1.00 20.52 ? 76  VAL A CA  1 
ATOM   551 C C   . VAL A 1 73 ? -3.437  -4.199  -11.673 1.00 20.58 ? 76  VAL A C   1 
ATOM   552 O O   . VAL A 1 73 ? -3.881  -5.330  -11.518 1.00 18.40 ? 76  VAL A O   1 
ATOM   553 C CB  . VAL A 1 73 ? -1.383  -4.485  -10.221 1.00 22.01 ? 76  VAL A CB  1 
ATOM   554 C CG1 . VAL A 1 73 ? -0.523  -4.853  -11.408 1.00 22.21 ? 76  VAL A CG1 1 
ATOM   555 C CG2 . VAL A 1 73 ? -0.545  -3.873  -9.118  1.00 22.58 ? 76  VAL A CG2 1 
ATOM   556 N N   . PRO A 1 74 ? -3.754  -3.494  -12.769 1.00 21.22 ? 77  PRO A N   1 
ATOM   557 C CA  . PRO A 1 74 ? -4.600  -4.067  -13.807 1.00 23.43 ? 77  PRO A CA  1 
ATOM   558 C C   . PRO A 1 74 ? -3.797  -5.089  -14.622 1.00 25.25 ? 77  PRO A C   1 
ATOM   559 O O   . PRO A 1 74 ? -2.571  -5.108  -14.585 1.00 26.54 ? 77  PRO A O   1 
ATOM   560 C CB  . PRO A 1 74 ? -4.973  -2.859  -14.676 1.00 23.47 ? 77  PRO A CB  1 
ATOM   561 C CG  . PRO A 1 74 ? -3.730  -1.978  -14.555 1.00 23.44 ? 77  PRO A CG  1 
ATOM   562 C CD  . PRO A 1 74 ? -3.285  -2.144  -13.113 1.00 23.06 ? 77  PRO A CD  1 
ATOM   563 N N   . LEU A 1 75 ? -4.522  -5.859  -15.417 1.00 30.49 ? 78  LEU A N   1 
ATOM   564 C CA  . LEU A 1 75 ? -3.926  -6.711  -16.468 1.00 32.14 ? 78  LEU A CA  1 
ATOM   565 C C   . LEU A 1 75 ? -3.288  -5.835  -17.542 1.00 31.72 ? 78  LEU A C   1 
ATOM   566 O O   . LEU A 1 75 ? -3.778  -4.714  -17.791 1.00 26.79 ? 78  LEU A O   1 
ATOM   567 C CB  . LEU A 1 75 ? -5.033  -7.610  -17.008 1.00 34.40 ? 78  LEU A CB  1 
ATOM   568 C CG  . LEU A 1 75 ? -5.516  -8.624  -15.981 1.00 36.95 ? 78  LEU A CG  1 
ATOM   569 C CD1 . LEU A 1 75 ? -6.773  -9.323  -16.452 1.00 38.46 ? 78  LEU A CD1 1 
ATOM   570 C CD2 . LEU A 1 75 ? -4.410  -9.620  -15.674 1.00 40.88 ? 78  LEU A CD2 1 
ATOM   571 N N   . TYR A 1 76 ? -2.205  -6.323  -18.145 1.00 33.23 ? 79  TYR A N   1 
ATOM   572 C CA  . TYR A 1 76 ? -1.465  -5.569  -19.182 1.00 35.41 ? 79  TYR A CA  1 
ATOM   573 C C   . TYR A 1 76 ? -2.455  -5.137  -20.275 1.00 34.66 ? 79  TYR A C   1 
ATOM   574 O O   . TYR A 1 76 ? -2.446  -3.972  -20.657 1.00 33.74 ? 79  TYR A O   1 
ATOM   575 C CB  . TYR A 1 76 ? -0.292  -6.399  -19.716 1.00 40.29 ? 79  TYR A CB  1 
ATOM   576 C CG  . TYR A 1 76 ? 0.507   -5.681  -20.775 1.00 44.17 ? 79  TYR A CG  1 
ATOM   577 C CD1 . TYR A 1 76 ? 1.130   -4.474  -20.493 1.00 46.28 ? 79  TYR A CD1 1 
ATOM   578 C CD2 . TYR A 1 76 ? 0.621   -6.182  -22.062 1.00 44.03 ? 79  TYR A CD2 1 
ATOM   579 C CE1 . TYR A 1 76 ? 1.850   -3.787  -21.456 1.00 47.11 ? 79  TYR A CE1 1 
ATOM   580 C CE2 . TYR A 1 76 ? 1.353   -5.514  -23.031 1.00 46.84 ? 79  TYR A CE2 1 
ATOM   581 C CZ  . TYR A 1 76 ? 1.969   -4.311  -22.730 1.00 47.30 ? 79  TYR A CZ  1 
ATOM   582 O OH  . TYR A 1 76 ? 2.683   -3.624  -23.674 1.00 51.10 ? 79  TYR A OH  1 
ATOM   583 N N   . SER A 1 77 ? -3.275  -6.066  -20.761 1.00 34.50 ? 80  SER A N   1 
ATOM   584 C CA  . SER A 1 77 ? -4.343  -5.861  -21.773 1.00 40.60 ? 80  SER A CA  1 
ATOM   585 C C   . SER A 1 77 ? -5.574  -5.340  -21.037 1.00 45.95 ? 80  SER A C   1 
ATOM   586 O O   . SER A 1 77 ? -6.446  -6.157  -20.660 1.00 52.97 ? 80  SER A O   1 
ATOM   587 C CB  . SER A 1 77 ? -4.645  -7.128  -22.546 1.00 42.60 ? 80  SER A CB  1 
ATOM   588 O OG  . SER A 1 77 ? -3.560  -7.462  -23.406 1.00 43.92 ? 80  SER A OG  1 
ATOM   589 N N   . SER A 1 78 ? -5.530  -4.045  -20.741 1.00 44.11 ? 81  SER A N   1 
ATOM   590 C CA  . SER A 1 78 ? -6.576  -3.223  -20.097 1.00 39.82 ? 81  SER A CA  1 
ATOM   591 C C   . SER A 1 78 ? -6.213  -1.768  -20.397 1.00 38.17 ? 81  SER A C   1 
ATOM   592 O O   . SER A 1 78 ? -5.021  -1.492  -20.583 1.00 36.13 ? 81  SER A O   1 
ATOM   593 C CB  . SER A 1 78 ? -6.671  -3.498  -18.613 1.00 41.54 ? 81  SER A CB  1 
ATOM   594 O OG  . SER A 1 78 ? -7.784  -2.809  -18.046 1.00 44.15 ? 81  SER A OG  1 
ATOM   595 N N   . LYS A 1 79 ? -7.196  -0.879  -20.470 1.00 38.07 ? 82  LYS A N   1 
ATOM   596 C CA  . LYS A 1 79 ? -6.947  0.576   -20.648 1.00 43.23 ? 82  LYS A CA  1 
ATOM   597 C C   . LYS A 1 79 ? -6.646  1.205   -19.284 1.00 40.01 ? 82  LYS A C   1 
ATOM   598 O O   . LYS A 1 79 ? -6.196  2.381   -19.266 1.00 40.02 ? 82  LYS A O   1 
ATOM   599 C CB  . LYS A 1 79 ? -8.142  1.279   -21.309 1.00 48.82 ? 82  LYS A CB  1 
ATOM   600 C CG  . LYS A 1 79 ? -8.622  0.676   -22.622 1.00 56.98 ? 82  LYS A CG  1 
ATOM   601 C CD  . LYS A 1 79 ? -7.599  0.699   -23.745 1.00 63.15 ? 82  LYS A CD  1 
ATOM   602 C CE  . LYS A 1 79 ? -8.106  0.008   -24.997 1.00 72.02 ? 82  LYS A CE  1 
ATOM   603 N NZ  . LYS A 1 79 ? -7.376  0.446   -26.211 1.00 74.33 ? 82  LYS A NZ  1 
ATOM   604 N N   . SER A 1 80 ? -6.883  0.471   -18.193 1.00 36.50 ? 83  SER A N   1 
ATOM   605 C CA  A SER A 1 80 ? -6.775  0.992   -16.804 0.50 38.57 ? 83  SER A CA  1 
ATOM   606 C CA  B SER A 1 80 ? -6.773  1.002   -16.809 0.50 36.57 ? 83  SER A CA  1 
ATOM   607 C C   . SER A 1 80 ? -5.309  0.988   -16.359 1.00 38.08 ? 83  SER A C   1 
ATOM   608 O O   . SER A 1 80 ? -4.554  0.113   -16.813 1.00 35.46 ? 83  SER A O   1 
ATOM   609 C CB  A SER A 1 80 ? -7.661  0.224   -15.849 0.50 39.97 ? 83  SER A CB  1 
ATOM   610 C CB  B SER A 1 80 ? -7.673  0.259   -15.854 0.50 35.73 ? 83  SER A CB  1 
ATOM   611 O OG  A SER A 1 80 ? -7.472  -1.177  -15.983 0.50 42.56 ? 83  SER A OG  1 
ATOM   612 O OG  B SER A 1 80 ? -9.017  0.690   -16.005 0.50 32.81 ? 83  SER A OG  1 
ATOM   613 N N   . ALA A 1 81 ? -4.949  1.949   -15.512 1.00 37.51 ? 84  ALA A N   1 
ATOM   614 C CA  . ALA A 1 81 ? -3.598  2.117   -14.940 1.00 36.94 ? 84  ALA A CA  1 
ATOM   615 C C   . ALA A 1 81 ? -3.548  1.519   -13.530 1.00 28.87 ? 84  ALA A C   1 
ATOM   616 O O   . ALA A 1 81 ? -4.620  1.303   -12.896 1.00 30.21 ? 84  ALA A O   1 
ATOM   617 C CB  . ALA A 1 81 ? -3.225  3.591   -14.926 1.00 37.27 ? 84  ALA A CB  1 
ATOM   618 N N   . THR A 1 82 ? -2.329  1.240   -13.075 1.00 29.22 ? 85  THR A N   1 
ATOM   619 C CA  . THR A 1 82 ? -2.020  0.978   -11.650 1.00 28.65 ? 85  THR A CA  1 
ATOM   620 C C   . THR A 1 82 ? -2.476  2.184   -10.832 1.00 28.56 ? 85  THR A C   1 
ATOM   621 O O   . THR A 1 82 ? -2.144  3.318   -11.228 1.00 31.87 ? 85  THR A O   1 
ATOM   622 C CB  . THR A 1 82 ? -0.532  0.705   -11.434 1.00 28.04 ? 85  THR A CB  1 
ATOM   623 O OG1 . THR A 1 82 ? -0.204  -0.493  -12.130 1.00 32.43 ? 85  THR A OG1 1 
ATOM   624 C CG2 . THR A 1 82 ? -0.169  0.554   -9.976  1.00 29.52 ? 85  THR A CG2 1 
ATOM   625 N N   . SER A 1 83 ? -3.243  1.957   -9.767  1.00 27.36 ? 86  SER A N   1 
ATOM   626 C CA  . SER A 1 83 ? -3.864  3.045   -8.975  1.00 27.34 ? 86  SER A CA  1 
ATOM   627 C C   . SER A 1 83 ? -3.606  2.761   -7.497  1.00 23.02 ? 86  SER A C   1 
ATOM   628 O O   . SER A 1 83 ? -3.900  1.636   -7.050  1.00 22.07 ? 86  SER A O   1 
ATOM   629 C CB  . SER A 1 83 ? -5.342  3.152   -9.318  1.00 29.53 ? 86  SER A CB  1 
ATOM   630 O OG  . SER A 1 83 ? -5.947  4.293   -8.717  1.00 35.13 ? 86  SER A OG  1 
ATOM   631 N N   . VAL A 1 84 ? -3.061  3.742   -6.778  1.00 24.86 ? 87  VAL A N   1 
ATOM   632 C CA  . VAL A 1 84 ? -2.984  3.721   -5.293  1.00 24.34 ? 87  VAL A CA  1 
ATOM   633 C C   . VAL A 1 84 ? -4.288  4.308   -4.750  1.00 22.22 ? 87  VAL A C   1 
ATOM   634 O O   . VAL A 1 84 ? -4.661  5.428   -5.154  1.00 24.58 ? 87  VAL A O   1 
ATOM   635 C CB  . VAL A 1 84 ? -1.736  4.455   -4.771  1.00 25.72 ? 87  VAL A CB  1 
ATOM   636 C CG1 . VAL A 1 84 ? -1.602  4.268   -3.278  1.00 25.28 ? 87  VAL A CG1 1 
ATOM   637 C CG2 . VAL A 1 84 ? -0.467  3.972   -5.475  1.00 25.85 ? 87  VAL A CG2 1 
ATOM   638 N N   . GLY A 1 85 ? -4.966  3.563   -3.886  1.00 21.93 ? 88  GLY A N   1 
ATOM   639 C CA  . GLY A 1 85 ? -6.189  4.000   -3.202  1.00 21.58 ? 88  GLY A CA  1 
ATOM   640 C C   . GLY A 1 85 ? -5.921  5.114   -2.198  1.00 22.52 ? 88  GLY A C   1 
ATOM   641 O O   . GLY A 1 85 ? -4.757  5.561   -2.035  1.00 22.87 ? 88  GLY A O   1 
ATOM   642 N N   . THR A 1 86 ? -6.970  5.529   -1.504  1.00 24.39 ? 89  THR A N   1 
ATOM   643 C CA  . THR A 1 86 ? -6.901  6.493   -0.387  1.00 27.46 ? 89  THR A CA  1 
ATOM   644 C C   . THR A 1 86 ? -6.401  5.793   0.869   1.00 25.25 ? 89  THR A C   1 
ATOM   645 O O   . THR A 1 86 ? -7.042  4.861   1.377   1.00 26.82 ? 89  THR A O   1 
ATOM   646 C CB  . THR A 1 86 ? -8.274  7.129   -0.143  1.00 29.74 ? 89  THR A CB  1 
ATOM   647 O OG1 . THR A 1 86 ? -8.634  7.753   -1.374  1.00 31.10 ? 89  THR A OG1 1 
ATOM   648 C CG2 . THR A 1 86 ? -8.238  8.142   0.980   1.00 29.30 ? 89  THR A CG2 1 
ATOM   649 N N   . PRO A 1 87 ? -5.253  6.231   1.447   1.00 24.03 ? 90  PRO A N   1 
ATOM   650 C CA  . PRO A 1 87 ? -4.797  5.668   2.715   1.00 25.94 ? 90  PRO A CA  1 
ATOM   651 C C   . PRO A 1 87 ? -5.799  5.945   3.845   1.00 26.77 ? 90  PRO A C   1 
ATOM   652 O O   . PRO A 1 87 ? -6.423  7.004   3.863   1.00 25.05 ? 90  PRO A O   1 
ATOM   653 C CB  . PRO A 1 87 ? -3.463  6.370   2.960   1.00 24.66 ? 90  PRO A CB  1 
ATOM   654 C CG  . PRO A 1 87 ? -3.044  6.773   1.572   1.00 26.04 ? 90  PRO A CG  1 
ATOM   655 C CD  . PRO A 1 87 ? -4.330  7.249   0.923   1.00 26.08 ? 90  PRO A CD  1 
ATOM   656 N N   . THR A 1 88 ? -6.009  4.951   4.700   1.00 25.58 ? 91  THR A N   1 
ATOM   657 C CA  . THR A 1 88 ? -6.812  5.097   5.939   1.00 26.81 ? 91  THR A CA  1 
ATOM   658 C C   . THR A 1 88 ? -5.915  4.777   7.142   1.00 25.12 ? 91  THR A C   1 
ATOM   659 O O   . THR A 1 88 ? -5.205  3.753   7.129   1.00 20.88 ? 91  THR A O   1 
ATOM   660 C CB  . THR A 1 88 ? -8.059  4.216   5.876   1.00 28.22 ? 91  THR A CB  1 
ATOM   661 O OG1 . THR A 1 88 ? -8.638  4.426   4.591   1.00 35.97 ? 91  THR A OG1 1 
ATOM   662 C CG2 . THR A 1 88 ? -9.083  4.538   6.935   1.00 32.50 ? 91  THR A CG2 1 
ATOM   663 N N   . ARG A 1 89 ? -5.922  5.669   8.126   1.00 26.11 ? 92  ARG A N   1 
ATOM   664 C CA  A ARG A 1 89 ? -5.204  5.454   9.407   0.50 25.55 ? 92  ARG A CA  1 
ATOM   665 C CA  B ARG A 1 89 ? -5.234  5.470   9.420   0.50 26.39 ? 92  ARG A CA  1 
ATOM   666 C C   . ARG A 1 89 ? -5.849  4.240   10.079  1.00 26.86 ? 92  ARG A C   1 
ATOM   667 O O   . ARG A 1 89 ? -7.098  4.167   10.093  1.00 27.91 ? 92  ARG A O   1 
ATOM   668 C CB  A ARG A 1 89 ? -5.246  6.698   10.303  0.50 25.91 ? 92  ARG A CB  1 
ATOM   669 C CB  B ARG A 1 89 ? -5.419  6.716   10.283  0.50 27.85 ? 92  ARG A CB  1 
ATOM   670 C CG  A ARG A 1 89 ? -4.370  7.849   9.828   0.50 26.42 ? 92  ARG A CG  1 
ATOM   671 C CG  B ARG A 1 89 ? -4.239  7.665   10.236  0.50 29.51 ? 92  ARG A CG  1 
ATOM   672 C CD  A ARG A 1 89 ? -4.114  8.943   10.862  0.50 27.55 ? 92  ARG A CD  1 
ATOM   673 C CD  B ARG A 1 89 ? -3.444  7.404   11.493  0.50 30.90 ? 92  ARG A CD  1 
ATOM   674 N NE  A ARG A 1 89 ? -5.340  9.457   11.456  0.50 29.15 ? 92  ARG A NE  1 
ATOM   675 N NE  B ARG A 1 89 ? -2.000  7.467   11.334  0.50 33.14 ? 92  ARG A NE  1 
ATOM   676 C CZ  A ARG A 1 89 ? -6.206  10.246  10.827  0.50 32.28 ? 92  ARG A CZ  1 
ATOM   677 C CZ  B ARG A 1 89 ? -1.263  8.517   11.667  0.50 34.26 ? 92  ARG A CZ  1 
ATOM   678 N NH1 A ARG A 1 89 ? -5.977  10.628  9.581   0.50 33.53 ? 92  ARG A NH1 1 
ATOM   679 N NH1 B ARG A 1 89 ? 0.049   8.492   11.511  0.50 33.33 ? 92  ARG A NH1 1 
ATOM   680 N NH2 A ARG A 1 89 ? -7.296  10.653  11.446  0.50 31.74 ? 92  ARG A NH2 1 
ATOM   681 N NH2 B ARG A 1 89 ? -1.842  9.598   12.152  0.50 36.52 ? 92  ARG A NH2 1 
ATOM   682 N N   . VAL A 1 90 ? -5.023  3.326   10.563  1.00 25.70 ? 93  VAL A N   1 
ATOM   683 C CA  . VAL A 1 90 ? -5.490  2.159   11.362  1.00 30.32 ? 93  VAL A CA  1 
ATOM   684 C C   . VAL A 1 90 ? -4.559  2.014   12.568  1.00 33.62 ? 93  VAL A C   1 
ATOM   685 O O   . VAL A 1 90 ? -3.455  2.599   12.552  1.00 33.44 ? 93  VAL A O   1 
ATOM   686 C CB  . VAL A 1 90 ? -5.546  0.873   10.518  1.00 33.02 ? 93  VAL A CB  1 
ATOM   687 C CG1 . VAL A 1 90 ? -6.614  0.957   9.428   1.00 31.61 ? 93  VAL A CG1 1 
ATOM   688 C CG2 . VAL A 1 90 ? -4.188  0.548   9.924   1.00 33.32 ? 93  VAL A CG2 1 
ATOM   689 N N   . SER A 1 91 ? -5.010  1.287   13.590  1.00 34.58 ? 94  SER A N   1 
ATOM   690 C CA  . SER A 1 91 ? -4.194  0.935   14.775  1.00 38.00 ? 94  SER A CA  1 
ATOM   691 C C   . SER A 1 91 ? -3.088  -0.024  14.326  1.00 36.95 ? 94  SER A C   1 
ATOM   692 O O   . SER A 1 91 ? -3.366  -0.870  13.481  1.00 34.43 ? 94  SER A O   1 
ATOM   693 C CB  . SER A 1 91 ? -5.047  0.339   15.865  1.00 41.33 ? 94  SER A CB  1 
ATOM   694 O OG  . SER A 1 91 ? -4.245  -0.368  16.801  1.00 51.82 ? 94  SER A OG  1 
ATOM   695 N N   . CYS A 1 92 ? -1.862  0.120   14.833  1.00 36.88 ? 95  CYS A N   1 
ATOM   696 C CA  . CYS A 1 92 ? -0.752  -0.796  14.474  1.00 38.68 ? 95  CYS A CA  1 
ATOM   697 C C   . CYS A 1 92 ? -1.044  -2.168  15.099  1.00 42.90 ? 95  CYS A C   1 
ATOM   698 O O   . CYS A 1 92 ? -0.691  -3.157  14.474  1.00 41.74 ? 95  CYS A O   1 
ATOM   699 C CB  . CYS A 1 92 ? 0.612   -0.232  14.849  1.00 38.85 ? 95  CYS A CB  1 
ATOM   700 S SG  . CYS A 1 92 ? 1.096   1.232   13.887  1.00 39.21 ? 95  CYS A SG  1 
ATOM   701 N N   . THR A 1 93 ? -1.730  -2.208  16.245  1.00 51.01 ? 96  THR A N   1 
ATOM   702 C CA  . THR A 1 93 ? -2.346  -3.431  16.841  1.00 56.94 ? 96  THR A CA  1 
ATOM   703 C C   . THR A 1 93 ? -3.767  -3.581  16.296  1.00 56.12 ? 96  THR A C   1 
ATOM   704 O O   . THR A 1 93 ? -4.192  -4.689  15.998  1.00 63.94 ? 96  THR A O   1 
ATOM   705 C CB  . THR A 1 93 ? -2.378  -3.367  18.373  1.00 60.39 ? 96  THR A CB  1 
ATOM   706 O OG1 . THR A 1 93 ? -1.035  -3.237  18.847  1.00 56.35 ? 96  THR A OG1 1 
ATOM   707 C CG2 . THR A 1 93 ? -3.028  -4.584  18.995  1.00 62.70 ? 96  THR A CG2 1 
HETATM 708 I I   . IOD B 2 .  ? -12.079 -5.026  -11.656 1.00 21.41 ? 101 IOD A I   1 
HETATM 709 I I   B IOD C 2 .  ? -8.306  8.510   8.099   0.30 29.98 ? 102 IOD A I   1 
HETATM 710 O O   . HOH D 3 .  ? 15.418  8.371   7.553   1.00 49.66 ? 201 HOH A O   1 
HETATM 711 O O   . HOH D 3 .  ? -7.321  9.464   -2.166  1.00 47.08 ? 202 HOH A O   1 
HETATM 712 O O   . HOH D 3 .  ? 10.010  -12.963 -4.981  1.00 28.09 ? 203 HOH A O   1 
HETATM 713 O O   . HOH D 3 .  ? -0.472  -15.511 5.704   1.00 44.64 ? 204 HOH A O   1 
HETATM 714 O O   . HOH D 3 .  ? 2.418   10.248  11.955  1.00 33.40 ? 205 HOH A O   1 
HETATM 715 O O   . HOH D 3 .  ? -2.042  -15.004 2.237   1.00 32.67 ? 206 HOH A O   1 
HETATM 716 O O   . HOH D 3 .  ? -12.611 -11.038 -6.025  1.00 37.89 ? 207 HOH A O   1 
HETATM 717 O O   . HOH D 3 .  ? 3.006   15.510  3.172   1.00 25.03 ? 208 HOH A O   1 
HETATM 718 O O   . HOH D 3 .  ? -9.408  3.929   11.078  0.50 16.61 ? 209 HOH A O   1 
HETATM 719 O O   . HOH D 3 .  ? 11.488  9.000   2.955   1.00 31.43 ? 210 HOH A O   1 
HETATM 720 O O   . HOH D 3 .  ? 7.372   1.941   -8.021  1.00 33.56 ? 211 HOH A O   1 
HETATM 721 O O   . HOH D 3 .  ? 11.026  4.955   -1.053  1.00 28.81 ? 212 HOH A O   1 
HETATM 722 O O   . HOH D 3 .  ? -6.893  8.354   -4.571  1.00 41.34 ? 213 HOH A O   1 
HETATM 723 O O   . HOH D 3 .  ? -7.586  -4.791  -15.654 1.00 36.17 ? 214 HOH A O   1 
HETATM 724 O O   . HOH D 3 .  ? 4.765   3.387   13.139  1.00 34.80 ? 215 HOH A O   1 
HETATM 725 O O   . HOH D 3 .  ? -9.225  3.175   -15.368 1.00 38.38 ? 216 HOH A O   1 
HETATM 726 O O   . HOH D 3 .  ? 8.052   -5.612  6.685   1.00 35.37 ? 217 HOH A O   1 
HETATM 727 O O   . HOH D 3 .  ? -1.869  4.309   13.675  1.00 30.37 ? 218 HOH A O   1 
HETATM 728 O O   . HOH D 3 .  ? -6.034  13.210  9.393   1.00 46.38 ? 219 HOH A O   1 
HETATM 729 O O   . HOH D 3 .  ? -1.471  -13.040 -1.415  1.00 29.20 ? 220 HOH A O   1 
HETATM 730 O O   . HOH D 3 .  ? -10.848 -12.409 -12.038 1.00 25.99 ? 221 HOH A O   1 
HETATM 731 O O   . HOH D 3 .  ? 17.840  6.206   9.155   1.00 29.48 ? 222 HOH A O   1 
HETATM 732 O O   . HOH D 3 .  ? -4.153  -10.292 -11.560 1.00 26.85 ? 223 HOH A O   1 
HETATM 733 O O   . HOH D 3 .  ? -2.027  0.504   17.927  1.00 41.31 ? 224 HOH A O   1 
HETATM 734 O O   . HOH D 3 .  ? -18.830 -13.148 -3.760  1.00 39.59 ? 225 HOH A O   1 
HETATM 735 O O   . HOH D 3 .  ? -6.096  -3.715  14.438  1.00 49.79 ? 226 HOH A O   1 
HETATM 736 O O   . HOH D 3 .  ? -3.049  -6.746  4.676   1.00 28.30 ? 227 HOH A O   1 
HETATM 737 O O   . HOH D 3 .  ? 7.753   14.603  11.286  1.00 34.08 ? 228 HOH A O   1 
HETATM 738 O O   . HOH D 3 .  ? 10.763  -9.217  1.632   1.00 19.74 ? 229 HOH A O   1 
HETATM 739 O O   . HOH D 3 .  ? -0.884  12.000  9.275   1.00 34.58 ? 230 HOH A O   1 
HETATM 740 O O   . HOH D 3 .  ? -6.738  2.382   0.298   1.00 30.00 ? 231 HOH A O   1 
HETATM 741 O O   . HOH D 3 .  ? 8.198   7.730   -3.452  1.00 27.94 ? 232 HOH A O   1 
HETATM 742 O O   . HOH D 3 .  ? -7.179  2.082   -12.348 1.00 36.33 ? 233 HOH A O   1 
HETATM 743 O O   . HOH D 3 .  ? 9.684   2.540   9.271   1.00 27.85 ? 234 HOH A O   1 
HETATM 744 O O   . HOH D 3 .  ? 7.423   12.282  14.777  1.00 25.58 ? 235 HOH A O   1 
HETATM 745 O O   . HOH D 3 .  ? -2.494  12.554  -3.738  1.00 41.01 ? 236 HOH A O   1 
HETATM 746 O O   . HOH D 3 .  ? 7.803   16.971  4.088   1.00 36.57 ? 237 HOH A O   1 
HETATM 747 O O   . HOH D 3 .  ? 5.163   12.677  9.161   1.00 33.70 ? 238 HOH A O   1 
HETATM 748 O O   . HOH D 3 .  ? -7.467  2.194   2.960   1.00 32.12 ? 239 HOH A O   1 
HETATM 749 O O   A HOH D 3 .  ? 1.937   -7.277  10.548  0.50 23.91 ? 240 HOH A O   1 
HETATM 750 O O   B HOH D 3 .  ? 0.818   -6.073  11.593  0.50 24.04 ? 240 HOH A O   1 
HETATM 751 O O   . HOH D 3 .  ? 1.785   6.864   -5.958  1.00 28.12 ? 241 HOH A O   1 
HETATM 752 O O   . HOH D 3 .  ? -0.460  -3.572  -15.546 1.00 41.46 ? 242 HOH A O   1 
HETATM 753 O O   . HOH D 3 .  ? 3.045   11.225  9.557   1.00 32.43 ? 243 HOH A O   1 
HETATM 754 O O   . HOH D 3 .  ? 1.296   10.441  -5.239  1.00 45.74 ? 244 HOH A O   1 
HETATM 755 O O   . HOH D 3 .  ? 11.275  -2.167  -8.970  1.00 34.04 ? 245 HOH A O   1 
HETATM 756 O O   . HOH D 3 .  ? 10.760  5.198   3.317   1.00 18.93 ? 246 HOH A O   1 
HETATM 757 O O   . HOH D 3 .  ? -9.397  -13.114 -4.261  1.00 38.13 ? 247 HOH A O   1 
HETATM 758 O O   . HOH D 3 .  ? 3.812   -14.866 5.020   1.00 34.93 ? 248 HOH A O   1 
HETATM 759 O O   . HOH D 3 .  ? -5.573  -16.781 2.711   1.00 42.25 ? 249 HOH A O   1 
HETATM 760 O O   . HOH D 3 .  ? 3.307   -9.365  -6.693  1.00 35.40 ? 250 HOH A O   1 
HETATM 761 O O   . HOH D 3 .  ? 6.973   -10.868 -6.099  1.00 30.60 ? 251 HOH A O   1 
HETATM 762 O O   . HOH D 3 .  ? -3.863  13.471  5.596   1.00 44.73 ? 252 HOH A O   1 
HETATM 763 O O   . HOH D 3 .  ? -1.136  -7.608  -14.286 1.00 34.66 ? 253 HOH A O   1 
HETATM 764 O O   . HOH D 3 .  ? 14.909  9.853   5.703   1.00 41.83 ? 254 HOH A O   1 
HETATM 765 O O   . HOH D 3 .  ? -6.883  -9.383  4.765   1.00 36.45 ? 255 HOH A O   1 
HETATM 766 O O   . HOH D 3 .  ? 4.109   -12.779 -3.983  1.00 32.86 ? 256 HOH A O   1 
HETATM 767 O O   . HOH D 3 .  ? -10.347 -2.809  -0.162  1.00 32.52 ? 257 HOH A O   1 
HETATM 768 O O   . HOH D 3 .  ? -0.159  -8.346  -10.268 1.00 32.83 ? 258 HOH A O   1 
HETATM 769 O O   . HOH D 3 .  ? -2.846  -1.841  -18.234 1.00 34.35 ? 259 HOH A O   1 
HETATM 770 O O   . HOH D 3 .  ? -7.761  0.269   13.177  1.00 32.26 ? 260 HOH A O   1 
HETATM 771 O O   . HOH D 3 .  ? -6.953  4.059   -14.943 1.00 39.21 ? 261 HOH A O   1 
HETATM 772 O O   . HOH D 3 .  ? -0.426  -12.648 -4.215  1.00 38.15 ? 262 HOH A O   1 
HETATM 773 O O   . HOH D 3 .  ? -2.612  6.322   -8.212  1.00 38.94 ? 263 HOH A O   1 
HETATM 774 O O   . HOH D 3 .  ? 6.408   -8.605  5.314   1.00 31.05 ? 264 HOH A O   1 
HETATM 775 O O   . HOH D 3 .  ? -1.244  2.456   16.625  1.00 47.14 ? 265 HOH A O   1 
HETATM 776 O O   . HOH D 3 .  ? 4.930   -14.217 0.679   1.00 32.27 ? 266 HOH A O   1 
HETATM 777 O O   . HOH D 3 .  ? -2.692  17.523  0.023   1.00 62.53 ? 267 HOH A O   1 
HETATM 778 O O   . HOH D 3 .  ? -2.815  -12.966 -5.553  1.00 36.29 ? 268 HOH A O   1 
HETATM 779 O O   . HOH D 3 .  ? -2.594  -8.097  -11.879 1.00 37.38 ? 269 HOH A O   1 
HETATM 780 O O   . HOH D 3 .  ? -7.165  -13.652 -3.630  1.00 43.17 ? 270 HOH A O   1 
HETATM 781 O O   . HOH D 3 .  ? 6.433   11.721  -4.506  1.00 44.00 ? 271 HOH A O   1 
HETATM 782 O O   . HOH D 3 .  ? -12.002 -13.466 2.560   1.00 40.60 ? 272 HOH A O   1 
HETATM 783 O O   A HOH D 3 .  ? -8.766  6.736   8.987   0.50 31.45 ? 273 HOH A O   1 
HETATM 784 O O   . HOH D 3 .  ? -2.916  10.699  7.898   1.00 38.70 ? 274 HOH A O   1 
HETATM 785 O O   . HOH D 3 .  ? 6.249   6.227   -6.807  1.00 40.68 ? 275 HOH A O   1 
HETATM 786 O O   . HOH D 3 .  ? 8.931   -13.013 1.606   1.00 37.78 ? 276 HOH A O   1 
HETATM 787 O O   . HOH D 3 .  ? 2.907   -1.495  -11.436 1.00 45.77 ? 277 HOH A O   1 
HETATM 788 O O   . HOH D 3 .  ? -15.772 -13.353 -6.439  1.00 37.17 ? 278 HOH A O   1 
HETATM 789 O O   . HOH D 3 .  ? 10.019  11.367  -0.715  1.00 45.64 ? 279 HOH A O   1 
HETATM 790 O O   . HOH D 3 .  ? 9.969   17.725  5.880   1.00 36.37 ? 280 HOH A O   1 
HETATM 791 O O   . HOH D 3 .  ? 4.482   -14.382 -2.183  1.00 29.03 ? 281 HOH A O   1 
HETATM 792 O O   . HOH D 3 .  ? 7.783   10.250  -2.471  1.00 31.12 ? 282 HOH A O   1 
HETATM 793 O O   . HOH D 3 .  ? 4.081   7.101   -7.650  1.00 34.88 ? 283 HOH A O   1 
HETATM 794 O O   . HOH D 3 .  ? 15.045  13.914  9.001   1.00 39.60 ? 284 HOH A O   1 
HETATM 795 O O   . HOH D 3 .  ? -8.916  6.995   -5.207  1.00 43.78 ? 285 HOH A O   1 
HETATM 796 O O   . HOH D 3 .  ? -11.171 -15.138 -5.843  1.00 36.74 ? 286 HOH A O   1 
HETATM 797 O O   . HOH D 3 .  ? 8.661   14.332  13.823  1.00 31.70 ? 287 HOH A O   1 
HETATM 798 O O   . HOH D 3 .  ? 7.672   10.648  -6.674  1.00 37.93 ? 288 HOH A O   1 
HETATM 799 O O   . HOH D 3 .  ? -5.066  15.265  -1.615  1.00 40.76 ? 289 HOH A O   1 
HETATM 800 O O   . HOH D 3 .  ? -5.514  11.003  -1.092  1.00 34.47 ? 290 HOH A O   1 
HETATM 801 O O   . HOH D 3 .  ? 12.226  7.348   0.898   1.00 39.25 ? 291 HOH A O   1 
HETATM 802 O O   . HOH D 3 .  ? 14.903  6.596   4.057   1.00 52.65 ? 292 HOH A O   1 
HETATM 803 O O   . HOH D 3 .  ? 9.940   15.918  10.499  1.00 37.99 ? 293 HOH A O   1 
HETATM 804 O O   . HOH D 3 .  ? 7.350   4.494   -8.355  1.00 45.74 ? 294 HOH A O   1 
HETATM 805 O O   . HOH D 3 .  ? -6.032  11.407  1.764   1.00 43.15 ? 295 HOH A O   1 
HETATM 806 O O   . HOH D 3 .  ? -9.050  -16.024 -9.259  1.00 30.69 ? 296 HOH A O   1 
HETATM 807 O O   . HOH D 3 .  ? -10.775 8.880   -5.988  1.00 33.05 ? 297 HOH A O   1 
# 
